data_3RHD
#
_entry.id   3RHD
#
_cell.length_a   164.243
_cell.length_b   77.384
_cell.length_c   167.389
_cell.angle_alpha   90.00
_cell.angle_beta   118.29
_cell.angle_gamma   90.00
#
_symmetry.space_group_name_H-M   'C 1 2 1'
#
loop_
_entity.id
_entity.type
_entity.pdbx_description
1 polymer 'Lactaldehyde dehydrogenase'
2 non-polymer 'NADP NICOTINAMIDE-ADENINE-DINUCLEOTIDE PHOSPHATE'
3 water water
#
_entity_poly.entity_id   1
_entity_poly.type   'polypeptide(L)'
_entity_poly.pdbx_seq_one_letter_code
;VMFIDGKWINREDMDVINPYSLEVIKKIPALSREEAKEAIDTAEKYKEVMKNLPITKRYNILMNIAKQIKEKKEELAKIL
AIDAGKPIKQARVEVERSIGTFKLAAFYVKEHRDEVIPSDDRLIFTRREPVGIVGAITPFNFPLNLSAHKIAPAIATGNV
IVHHPSSKAPLVCIELAKIIENALKKYNVPLGVYNLLTGAGEVVGDEIVVNEKVNMISFTGSSKVGELITKKAGFKKIAL
ELGGVNPNIVLKDADLNKAVNALIKGSFIYAGQVCISVGMILVDESIADKFIEMFVNKAKVLNVGNPLDEKTDVGPLISV
EHAEWVEKVVEKAIDEGGKLLLGGKRDKALFYPTILEVDRDNILCKTETFAPVIPIIRTNEEEMIDIANSTEYGLHSAIF
TNDINKSLKFAENLEFGGVVINDSSLFRQDNMPFGGVKKSGLGREGVKYAMEEMSNIKTIIISKAENLYFQSHHHHHHWS
HPQFEK
;
_entity_poly.pdbx_strand_id   A,B,C,D
#
loop_
_chem_comp.id
_chem_comp.type
_chem_comp.name
_chem_comp.formula
NAP non-polymer 'NADP NICOTINAMIDE-ADENINE-DINUCLEOTIDE PHOSPHATE' 'C21 H28 N7 O17 P3'
#
# COMPACT_ATOMS: atom_id res chain seq x y z
N ILE A 9 -13.88 -27.80 31.25
CA ILE A 9 -14.86 -28.38 32.24
C ILE A 9 -14.53 -27.98 33.70
N ASN A 10 -15.04 -28.75 34.67
CA ASN A 10 -14.81 -28.47 36.08
C ASN A 10 -13.88 -29.49 36.75
N ARG A 11 -13.22 -30.32 35.93
CA ARG A 11 -12.35 -31.40 36.40
C ARG A 11 -10.98 -30.89 36.86
N GLU A 12 -10.40 -31.60 37.82
CA GLU A 12 -9.05 -31.28 38.32
C GLU A 12 -8.05 -32.42 38.05
N ASP A 13 -7.53 -32.45 36.81
CA ASP A 13 -6.73 -33.56 36.30
C ASP A 13 -5.23 -33.34 36.39
N MET A 14 -4.78 -32.14 36.07
CA MET A 14 -3.37 -31.89 35.78
C MET A 14 -2.80 -30.84 36.73
N ASP A 15 -1.74 -31.21 37.42
CA ASP A 15 -0.93 -30.27 38.19
C ASP A 15 -0.46 -29.07 37.37
N VAL A 16 -0.53 -27.90 38.00
CA VAL A 16 0.13 -26.68 37.53
C VAL A 16 1.14 -26.24 38.59
N ILE A 17 2.39 -26.07 38.18
CA ILE A 17 3.49 -25.90 39.12
C ILE A 17 3.97 -24.46 39.20
N ASN A 18 4.31 -24.03 40.41
CA ASN A 18 5.04 -22.79 40.66
C ASN A 18 6.51 -23.11 40.45
N PRO A 19 7.17 -22.51 39.43
CA PRO A 19 8.55 -22.94 39.17
C PRO A 19 9.55 -22.52 40.23
N TYR A 20 9.22 -21.47 41.00
CA TYR A 20 10.10 -21.05 42.08
C TYR A 20 9.99 -21.91 43.35
N SER A 21 8.77 -22.28 43.74
CA SER A 21 8.59 -23.06 44.96
C SER A 21 8.45 -24.56 44.68
N LEU A 22 8.18 -24.90 43.43
CA LEU A 22 7.93 -26.29 43.01
C LEU A 22 6.64 -26.91 43.58
N GLU A 23 5.78 -26.06 44.15
CA GLU A 23 4.48 -26.48 44.67
C GLU A 23 3.39 -26.49 43.60
N VAL A 24 2.43 -27.40 43.78
CA VAL A 24 1.22 -27.40 42.99
C VAL A 24 0.36 -26.21 43.42
N ILE A 25 0.12 -25.28 42.49
CA ILE A 25 -0.78 -24.15 42.74
C ILE A 25 -2.23 -24.65 42.75
N LYS A 26 -2.61 -25.30 41.65
CA LYS A 26 -3.91 -25.96 41.50
C LYS A 26 -3.85 -27.03 40.41
N LYS A 27 -4.98 -27.72 40.20
CA LYS A 27 -5.11 -28.71 39.13
C LYS A 27 -6.17 -28.25 38.14
N ILE A 28 -5.88 -28.40 36.85
CA ILE A 28 -6.80 -28.00 35.78
C ILE A 28 -7.23 -29.19 34.89
N PRO A 29 -8.30 -29.01 34.09
CA PRO A 29 -8.76 -30.16 33.31
C PRO A 29 -7.74 -30.59 32.25
N ALA A 30 -7.67 -31.89 32.02
CA ALA A 30 -6.86 -32.43 30.94
C ALA A 30 -7.81 -33.15 29.99
N LEU A 31 -8.10 -32.51 28.88
CA LEU A 31 -9.05 -33.02 27.90
C LEU A 31 -8.47 -34.19 27.13
N SER A 32 -9.31 -35.19 26.88
CA SER A 32 -8.97 -36.34 26.03
C SER A 32 -9.03 -35.95 24.56
N ARG A 33 -8.58 -36.84 23.66
CA ARG A 33 -8.70 -36.58 22.22
C ARG A 33 -10.18 -36.41 21.81
N GLU A 34 -11.04 -37.25 22.37
CA GLU A 34 -12.48 -37.17 22.09
C GLU A 34 -13.07 -35.81 22.50
N GLU A 35 -12.74 -35.34 23.70
CA GLU A 35 -13.19 -34.02 24.16
C GLU A 35 -12.69 -32.88 23.28
N ALA A 36 -11.45 -32.93 22.79
CA ALA A 36 -10.94 -31.92 21.85
C ALA A 36 -11.66 -31.99 20.49
N LYS A 37 -11.96 -33.22 20.04
CA LYS A 37 -12.74 -33.41 18.82
C LYS A 37 -14.09 -32.74 18.98
N GLU A 38 -14.71 -32.91 20.15
CA GLU A 38 -16.02 -32.36 20.43
C GLU A 38 -16.00 -30.84 20.38
N ALA A 39 -15.01 -30.23 21.05
CA ALA A 39 -14.85 -28.78 21.06
C ALA A 39 -14.68 -28.22 19.65
N ILE A 40 -13.89 -28.91 18.84
CA ILE A 40 -13.70 -28.55 17.42
C ILE A 40 -15.03 -28.65 16.63
N ASP A 41 -15.81 -29.72 16.83
CA ASP A 41 -17.15 -29.84 16.21
C ASP A 41 -18.02 -28.64 16.58
N THR A 42 -18.05 -28.32 17.86
CA THR A 42 -18.81 -27.20 18.38
C THR A 42 -18.34 -25.87 17.78
N ALA A 43 -17.03 -25.68 17.74
CA ALA A 43 -16.45 -24.49 17.13
C ALA A 43 -16.90 -24.34 15.67
N GLU A 44 -17.00 -25.48 14.97
CA GLU A 44 -17.41 -25.50 13.56
C GLU A 44 -18.83 -24.93 13.33
N LYS A 45 -19.73 -25.12 14.30
CA LYS A 45 -21.12 -24.63 14.22
C LYS A 45 -21.20 -23.11 14.18
N TYR A 46 -20.13 -22.46 14.61
CA TYR A 46 -20.13 -21.02 14.79
C TYR A 46 -19.35 -20.26 13.75
N LYS A 47 -18.92 -20.96 12.71
CA LYS A 47 -18.15 -20.34 11.64
C LYS A 47 -18.95 -19.23 10.95
N GLU A 48 -20.18 -19.53 10.54
CA GLU A 48 -21.01 -18.54 9.85
C GLU A 48 -21.35 -17.32 10.71
N VAL A 49 -21.52 -17.50 12.02
CA VAL A 49 -21.77 -16.37 12.88
C VAL A 49 -20.51 -15.48 12.98
N MET A 50 -19.34 -16.09 13.13
CA MET A 50 -18.12 -15.30 13.20
C MET A 50 -17.81 -14.65 11.86
N LYS A 51 -18.10 -15.35 10.78
CA LYS A 51 -17.79 -14.87 9.44
C LYS A 51 -18.62 -13.63 9.10
N ASN A 52 -19.80 -13.54 9.72
CA ASN A 52 -20.78 -12.50 9.41
C ASN A 52 -20.87 -11.41 10.47
N LEU A 53 -20.05 -11.55 11.50
CA LEU A 53 -20.05 -10.60 12.60
C LEU A 53 -19.58 -9.23 12.08
N PRO A 54 -20.37 -8.16 12.34
CA PRO A 54 -19.98 -6.85 11.82
C PRO A 54 -18.65 -6.35 12.38
N ILE A 55 -17.99 -5.49 11.59
CA ILE A 55 -16.82 -4.74 12.00
C ILE A 55 -17.00 -4.14 13.41
N THR A 56 -18.10 -3.42 13.60
CA THR A 56 -18.40 -2.73 14.85
C THR A 56 -18.38 -3.69 16.03
N LYS A 57 -18.93 -4.87 15.84
CA LYS A 57 -18.99 -5.84 16.92
C LYS A 57 -17.60 -6.40 17.24
N ARG A 58 -16.83 -6.70 16.20
CA ARG A 58 -15.49 -7.23 16.37
C ARG A 58 -14.59 -6.23 17.06
N TYR A 59 -14.68 -4.98 16.62
CA TYR A 59 -13.96 -3.87 17.25
C TYR A 59 -14.33 -3.75 18.74
N ASN A 60 -15.61 -3.83 19.05
CA ASN A 60 -16.06 -3.68 20.45
C ASN A 60 -15.53 -4.80 21.35
N ILE A 61 -15.68 -6.03 20.87
CA ILE A 61 -15.17 -7.22 21.53
C ILE A 61 -13.67 -7.09 21.79
N LEU A 62 -12.91 -6.67 20.78
CA LEU A 62 -11.47 -6.54 20.90
C LEU A 62 -11.08 -5.45 21.88
N MET A 63 -11.75 -4.29 21.81
CA MET A 63 -11.49 -3.19 22.73
CA MET A 63 -11.50 -3.18 22.74
C MET A 63 -11.91 -3.56 24.16
N ASN A 64 -12.98 -4.36 24.28
CA ASN A 64 -13.43 -4.77 25.61
C ASN A 64 -12.47 -5.76 26.27
N ILE A 65 -11.91 -6.68 25.50
CA ILE A 65 -10.82 -7.53 26.02
C ILE A 65 -9.65 -6.69 26.54
N ALA A 66 -9.15 -5.78 25.71
CA ALA A 66 -8.07 -4.86 26.10
C ALA A 66 -8.41 -4.15 27.42
N LYS A 67 -9.66 -3.71 27.55
CA LYS A 67 -10.10 -2.95 28.71
C LYS A 67 -10.07 -3.81 29.97
N GLN A 68 -10.56 -5.05 29.89
CA GLN A 68 -10.57 -5.94 31.05
C GLN A 68 -9.16 -6.32 31.47
N ILE A 69 -8.28 -6.46 30.49
CA ILE A 69 -6.89 -6.80 30.79
C ILE A 69 -6.24 -5.65 31.57
N LYS A 70 -6.51 -4.43 31.12
CA LYS A 70 -6.00 -3.23 31.76
C LYS A 70 -6.46 -3.14 33.22
N GLU A 71 -7.72 -3.48 33.46
CA GLU A 71 -8.30 -3.44 34.81
C GLU A 71 -7.77 -4.53 35.74
N LYS A 72 -7.33 -5.65 35.18
CA LYS A 72 -6.75 -6.76 35.96
C LYS A 72 -5.23 -6.90 35.77
N LYS A 73 -4.59 -5.82 35.32
CA LYS A 73 -3.16 -5.80 35.01
C LYS A 73 -2.27 -6.45 36.09
N GLU A 74 -2.47 -6.05 37.35
CA GLU A 74 -1.68 -6.54 38.46
C GLU A 74 -1.94 -8.03 38.79
N GLU A 75 -3.20 -8.42 38.87
CA GLU A 75 -3.58 -9.83 39.08
C GLU A 75 -2.94 -10.72 38.01
N LEU A 76 -2.99 -10.24 36.78
CA LEU A 76 -2.44 -10.99 35.65
C LEU A 76 -0.92 -11.10 35.69
N ALA A 77 -0.24 -9.98 35.97
CA ALA A 77 1.20 -9.98 36.16
C ALA A 77 1.63 -10.93 37.30
N LYS A 78 0.90 -10.94 38.41
CA LYS A 78 1.19 -11.84 39.54
C LYS A 78 1.07 -13.33 39.20
N ILE A 79 0.04 -13.68 38.42
CA ILE A 79 -0.11 -15.03 37.86
C ILE A 79 1.10 -15.41 37.00
N LEU A 80 1.55 -14.50 36.15
CA LEU A 80 2.73 -14.74 35.33
C LEU A 80 3.96 -15.01 36.21
N ALA A 81 4.08 -14.27 37.31
CA ALA A 81 5.21 -14.42 38.24
C ALA A 81 5.17 -15.75 38.94
N ILE A 82 4.00 -16.12 39.43
CA ILE A 82 3.79 -17.34 40.20
C ILE A 82 3.81 -18.59 39.31
N ASP A 83 3.23 -18.47 38.12
CA ASP A 83 2.98 -19.60 37.24
C ASP A 83 4.10 -19.79 36.22
N ALA A 84 4.52 -18.70 35.57
CA ALA A 84 5.58 -18.77 34.56
C ALA A 84 6.97 -18.46 35.13
N GLY A 85 6.98 -17.95 36.37
CA GLY A 85 8.22 -17.64 37.06
C GLY A 85 8.84 -16.38 36.53
N LYS A 86 7.98 -15.49 36.02
CA LYS A 86 8.43 -14.27 35.36
C LYS A 86 8.59 -13.15 36.38
N PRO A 87 9.78 -12.52 36.44
CA PRO A 87 9.90 -11.44 37.41
C PRO A 87 8.75 -10.45 37.24
N ILE A 88 8.20 -10.00 38.36
CA ILE A 88 6.99 -9.17 38.41
C ILE A 88 7.03 -7.94 37.47
N LYS A 89 8.16 -7.23 37.47
CA LYS A 89 8.35 -6.06 36.60
C LYS A 89 8.30 -6.42 35.11
N GLN A 90 8.91 -7.54 34.74
CA GLN A 90 8.81 -8.05 33.37
C GLN A 90 7.41 -8.55 33.06
N ALA A 91 6.73 -9.11 34.06
CA ALA A 91 5.36 -9.59 33.90
C ALA A 91 4.41 -8.42 33.63
N ARG A 92 4.63 -7.28 34.28
CA ARG A 92 3.81 -6.09 34.03
C ARG A 92 3.94 -5.65 32.57
N VAL A 93 5.16 -5.73 32.05
CA VAL A 93 5.46 -5.39 30.65
C VAL A 93 4.74 -6.32 29.63
N GLU A 94 4.69 -7.63 29.89
CA GLU A 94 3.96 -8.52 29.00
C GLU A 94 2.48 -8.14 28.95
N VAL A 95 1.90 -7.98 30.14
CA VAL A 95 0.50 -7.58 30.25
C VAL A 95 0.22 -6.32 29.43
N GLU A 96 1.06 -5.31 29.62
CA GLU A 96 0.91 -4.03 28.93
C GLU A 96 0.98 -4.19 27.41
N ARG A 97 1.94 -4.98 26.94
CA ARG A 97 2.02 -5.32 25.53
C ARG A 97 0.76 -6.01 25.01
N SER A 98 0.20 -6.93 25.81
CA SER A 98 -1.01 -7.67 25.37
C SER A 98 -2.20 -6.73 25.18
N ILE A 99 -2.29 -5.70 26.00
CA ILE A 99 -3.32 -4.67 25.84
C ILE A 99 -3.18 -3.97 24.48
N GLY A 100 -1.96 -3.58 24.13
CA GLY A 100 -1.69 -2.90 22.88
C GLY A 100 -2.02 -3.74 21.66
N THR A 101 -1.79 -5.04 21.78
CA THR A 101 -2.07 -6.00 20.75
C THR A 101 -3.56 -6.12 20.43
N PHE A 102 -4.40 -6.26 21.45
CA PHE A 102 -5.84 -6.32 21.26
C PHE A 102 -6.36 -5.01 20.71
N LYS A 103 -5.87 -3.88 21.26
CA LYS A 103 -6.24 -2.55 20.76
C LYS A 103 -5.90 -2.34 19.28
N LEU A 104 -4.72 -2.80 18.87
CA LEU A 104 -4.31 -2.61 17.49
C LEU A 104 -5.12 -3.49 16.52
N ALA A 105 -5.53 -4.69 16.96
CA ALA A 105 -6.40 -5.53 16.18
C ALA A 105 -7.76 -4.83 15.96
N ALA A 106 -8.28 -4.21 17.02
CA ALA A 106 -9.54 -3.45 16.93
C ALA A 106 -9.50 -2.39 15.83
N PHE A 107 -8.42 -1.66 15.76
CA PHE A 107 -8.19 -0.62 14.76
CA PHE A 107 -8.27 -0.68 14.73
C PHE A 107 -8.04 -1.21 13.36
N TYR A 108 -7.30 -2.29 13.27
CA TYR A 108 -7.17 -2.98 11.98
C TYR A 108 -8.48 -3.58 11.42
N VAL A 109 -9.43 -3.92 12.29
CA VAL A 109 -10.78 -4.32 11.83
C VAL A 109 -11.44 -3.17 11.05
N LYS A 110 -11.25 -1.95 11.55
CA LYS A 110 -11.85 -0.78 10.93
C LYS A 110 -11.04 -0.26 9.74
N GLU A 111 -9.75 -0.54 9.71
CA GLU A 111 -8.88 0.13 8.78
C GLU A 111 -8.28 -0.72 7.66
N HIS A 112 -8.26 -2.05 7.83
CA HIS A 112 -7.61 -2.93 6.86
CA HIS A 112 -7.56 -2.90 6.87
C HIS A 112 -8.04 -2.61 5.44
N ARG A 113 -7.10 -2.47 4.53
CA ARG A 113 -7.41 -2.07 3.16
C ARG A 113 -7.39 -3.24 2.17
N ASP A 114 -8.40 -3.30 1.31
CA ASP A 114 -8.42 -4.19 0.15
CA ASP A 114 -8.34 -4.20 0.17
C ASP A 114 -8.04 -3.35 -1.07
N GLU A 115 -7.96 -3.98 -2.23
CA GLU A 115 -7.47 -3.27 -3.39
C GLU A 115 -8.38 -3.35 -4.60
N VAL A 116 -8.21 -2.38 -5.49
CA VAL A 116 -8.91 -2.38 -6.76
C VAL A 116 -7.85 -2.46 -7.84
N ILE A 117 -8.09 -3.33 -8.82
CA ILE A 117 -7.15 -3.50 -9.93
C ILE A 117 -7.72 -2.97 -11.25
N PRO A 118 -6.91 -2.15 -11.99
CA PRO A 118 -7.42 -1.54 -13.22
C PRO A 118 -7.73 -2.61 -14.25
N SER A 119 -8.79 -2.38 -15.02
CA SER A 119 -9.16 -3.28 -16.08
C SER A 119 -9.92 -2.48 -17.12
N ASP A 120 -9.89 -2.92 -18.37
CA ASP A 120 -10.53 -2.18 -19.45
C ASP A 120 -12.03 -2.11 -19.31
N ASP A 121 -12.67 -3.21 -18.95
CA ASP A 121 -14.12 -3.26 -18.93
C ASP A 121 -14.66 -3.96 -17.70
N ARG A 122 -13.86 -3.97 -16.64
CA ARG A 122 -14.23 -4.68 -15.43
C ARG A 122 -13.84 -3.90 -14.19
N LEU A 123 -14.69 -4.03 -13.16
CA LEU A 123 -14.31 -3.66 -11.81
C LEU A 123 -13.73 -4.89 -11.15
N ILE A 124 -12.45 -4.85 -10.81
CA ILE A 124 -11.78 -5.95 -10.11
C ILE A 124 -11.31 -5.54 -8.72
N PHE A 125 -11.91 -6.12 -7.69
CA PHE A 125 -11.47 -5.79 -6.35
C PHE A 125 -11.31 -7.01 -5.47
N THR A 126 -10.59 -6.84 -4.38
CA THR A 126 -10.40 -7.92 -3.46
C THR A 126 -11.24 -7.77 -2.18
N ARG A 127 -11.37 -8.90 -1.49
CA ARG A 127 -12.11 -9.00 -0.26
C ARG A 127 -11.45 -10.11 0.55
N ARG A 128 -11.18 -9.81 1.81
CA ARG A 128 -10.62 -10.80 2.70
C ARG A 128 -11.73 -11.47 3.51
N GLU A 129 -11.65 -12.80 3.62
CA GLU A 129 -12.61 -13.57 4.38
C GLU A 129 -11.86 -14.57 5.31
N PRO A 130 -12.46 -14.94 6.46
CA PRO A 130 -11.74 -15.86 7.35
C PRO A 130 -11.40 -17.17 6.70
N VAL A 131 -10.29 -17.75 7.16
CA VAL A 131 -9.91 -19.11 6.84
C VAL A 131 -10.93 -20.12 7.40
N GLY A 132 -11.53 -19.78 8.55
CA GLY A 132 -12.54 -20.67 9.14
C GLY A 132 -12.25 -20.88 10.61
N ILE A 133 -11.66 -22.04 10.93
CA ILE A 133 -11.22 -22.32 12.29
C ILE A 133 -9.70 -22.12 12.39
N VAL A 134 -9.30 -21.20 13.26
CA VAL A 134 -7.89 -20.97 13.55
C VAL A 134 -7.55 -21.82 14.78
N GLY A 135 -6.55 -22.68 14.63
CA GLY A 135 -6.06 -23.49 15.73
C GLY A 135 -4.79 -22.84 16.26
N ALA A 136 -4.86 -22.28 17.47
CA ALA A 136 -3.75 -21.54 18.04
C ALA A 136 -3.05 -22.37 19.13
N ILE A 137 -1.74 -22.53 19.02
CA ILE A 137 -1.02 -23.30 20.03
C ILE A 137 0.13 -22.45 20.54
N THR A 138 0.13 -22.21 21.84
CA THR A 138 1.01 -21.18 22.40
C THR A 138 1.95 -21.78 23.43
N PRO A 139 3.08 -21.06 23.70
CA PRO A 139 4.17 -21.49 24.57
C PRO A 139 4.10 -20.91 25.98
N PHE A 140 5.00 -21.40 26.83
CA PHE A 140 5.03 -21.03 28.23
C PHE A 140 5.61 -19.64 28.48
N ASN A 141 6.44 -19.13 27.57
CA ASN A 141 7.32 -18.01 27.97
C ASN A 141 6.70 -16.61 27.96
N PHE A 142 5.90 -16.31 26.94
CA PHE A 142 5.06 -15.10 26.91
C PHE A 142 3.62 -15.56 26.60
N PRO A 143 3.02 -16.33 27.53
CA PRO A 143 1.75 -16.99 27.24
C PRO A 143 0.59 -16.00 27.04
N LEU A 144 0.65 -14.85 27.71
CA LEU A 144 -0.41 -13.87 27.55
C LEU A 144 -0.29 -13.11 26.24
N ASN A 145 0.88 -12.52 25.99
CA ASN A 145 1.03 -11.68 24.81
C ASN A 145 1.13 -12.47 23.51
N LEU A 146 1.66 -13.69 23.59
CA LEU A 146 1.73 -14.52 22.40
C LEU A 146 0.36 -15.10 22.05
N SER A 147 -0.46 -15.35 23.07
CA SER A 147 -1.85 -15.73 22.86
C SER A 147 -2.59 -14.57 22.22
N ALA A 148 -2.38 -13.36 22.76
CA ALA A 148 -2.97 -12.15 22.17
C ALA A 148 -2.66 -12.04 20.69
N HIS A 149 -1.39 -12.30 20.32
CA HIS A 149 -0.92 -12.20 18.93
C HIS A 149 -1.55 -13.26 18.01
N LYS A 150 -2.21 -14.24 18.58
CA LYS A 150 -2.97 -15.19 17.77
C LYS A 150 -4.47 -14.92 17.82
N ILE A 151 -4.99 -14.65 19.01
CA ILE A 151 -6.43 -14.50 19.21
C ILE A 151 -6.93 -13.18 18.60
N ALA A 152 -6.24 -12.08 18.90
CA ALA A 152 -6.71 -10.77 18.46
C ALA A 152 -6.89 -10.70 16.93
N PRO A 153 -5.87 -11.10 16.15
CA PRO A 153 -6.09 -11.04 14.71
C PRO A 153 -7.07 -12.12 14.20
N ALA A 154 -7.19 -13.24 14.90
CA ALA A 154 -8.16 -14.26 14.53
C ALA A 154 -9.59 -13.73 14.61
N ILE A 155 -9.90 -13.07 15.73
CA ILE A 155 -11.18 -12.43 15.93
C ILE A 155 -11.43 -11.30 14.91
N ALA A 156 -10.38 -10.54 14.61
CA ALA A 156 -10.45 -9.39 13.71
C ALA A 156 -10.81 -9.82 12.28
N THR A 157 -10.46 -11.05 11.92
CA THR A 157 -10.68 -11.56 10.58
C THR A 157 -11.85 -12.56 10.52
N GLY A 158 -12.66 -12.58 11.57
CA GLY A 158 -13.89 -13.34 11.58
C GLY A 158 -13.73 -14.84 11.66
N ASN A 159 -12.65 -15.30 12.29
CA ASN A 159 -12.43 -16.73 12.56
C ASN A 159 -12.95 -17.14 13.94
N VAL A 160 -13.34 -18.42 14.00
CA VAL A 160 -13.63 -19.14 15.21
C VAL A 160 -12.29 -19.71 15.66
N ILE A 161 -12.11 -19.85 16.98
CA ILE A 161 -10.81 -20.22 17.52
C ILE A 161 -10.84 -21.48 18.41
N VAL A 162 -9.92 -22.40 18.16
CA VAL A 162 -9.53 -23.40 19.17
C VAL A 162 -8.04 -23.18 19.55
N HIS A 163 -7.78 -23.09 20.84
CA HIS A 163 -6.49 -22.60 21.35
C HIS A 163 -6.02 -23.54 22.48
N HIS A 164 -4.89 -24.20 22.27
CA HIS A 164 -4.23 -24.93 23.35
C HIS A 164 -3.08 -24.12 23.93
N PRO A 165 -3.13 -23.85 25.24
CA PRO A 165 -2.04 -23.15 25.89
C PRO A 165 -1.02 -24.12 26.46
N SER A 166 0.22 -23.67 26.65
CA SER A 166 1.24 -24.51 27.30
C SER A 166 0.81 -25.00 28.68
N SER A 167 1.09 -26.27 28.98
CA SER A 167 0.76 -26.84 30.30
C SER A 167 1.72 -26.34 31.37
N LYS A 168 2.79 -25.68 30.94
CA LYS A 168 3.81 -25.24 31.88
C LYS A 168 3.43 -23.92 32.57
N ALA A 169 2.60 -23.11 31.90
CA ALA A 169 2.10 -21.85 32.47
C ALA A 169 0.69 -21.46 31.95
N PRO A 170 -0.33 -22.30 32.25
CA PRO A 170 -1.67 -22.17 31.68
C PRO A 170 -2.59 -21.15 32.31
N LEU A 171 -2.29 -20.71 33.53
CA LEU A 171 -3.25 -19.97 34.34
C LEU A 171 -3.67 -18.61 33.80
N VAL A 172 -2.70 -17.86 33.27
CA VAL A 172 -2.99 -16.53 32.73
C VAL A 172 -3.86 -16.66 31.46
N CYS A 173 -3.71 -17.78 30.76
CA CYS A 173 -4.50 -18.06 29.56
C CYS A 173 -5.92 -18.41 29.98
N ILE A 174 -6.07 -19.12 31.09
CA ILE A 174 -7.40 -19.45 31.62
C ILE A 174 -8.10 -18.16 32.04
N GLU A 175 -7.34 -17.23 32.63
CA GLU A 175 -7.85 -15.88 32.94
C GLU A 175 -8.22 -15.08 31.69
N LEU A 176 -7.43 -15.22 30.64
CA LEU A 176 -7.71 -14.53 29.37
C LEU A 176 -8.96 -15.13 28.72
N ALA A 177 -9.11 -16.45 28.77
CA ALA A 177 -10.35 -17.11 28.31
C ALA A 177 -11.62 -16.56 28.98
N LYS A 178 -11.58 -16.34 30.30
CA LYS A 178 -12.73 -15.80 31.03
C LYS A 178 -13.02 -14.37 30.56
N ILE A 179 -11.95 -13.60 30.36
CA ILE A 179 -12.02 -12.26 29.80
C ILE A 179 -12.69 -12.26 28.42
N ILE A 180 -12.30 -13.19 27.55
CA ILE A 180 -12.88 -13.34 26.22
C ILE A 180 -14.37 -13.72 26.35
N GLU A 181 -14.66 -14.67 27.24
CA GLU A 181 -16.03 -15.06 27.55
C GLU A 181 -16.88 -13.85 27.94
N ASN A 182 -16.35 -12.98 28.80
CA ASN A 182 -17.07 -11.77 29.22
C ASN A 182 -17.37 -10.81 28.07
N ALA A 183 -16.43 -10.67 27.15
CA ALA A 183 -16.59 -9.74 26.04
C ALA A 183 -17.62 -10.28 25.06
N LEU A 184 -17.61 -11.61 24.87
CA LEU A 184 -18.56 -12.26 24.00
C LEU A 184 -19.98 -12.14 24.52
N LYS A 185 -20.16 -12.37 25.82
CA LYS A 185 -21.45 -12.24 26.48
C LYS A 185 -21.98 -10.82 26.36
N LYS A 186 -21.12 -9.84 26.63
CA LYS A 186 -21.49 -8.43 26.56
C LYS A 186 -22.03 -8.00 25.19
N TYR A 187 -21.54 -8.64 24.12
CA TYR A 187 -21.97 -8.28 22.78
C TYR A 187 -22.77 -9.37 22.10
N ASN A 188 -23.29 -10.30 22.88
CA ASN A 188 -24.23 -11.31 22.39
C ASN A 188 -23.72 -12.23 21.32
N VAL A 189 -22.45 -12.59 21.43
CA VAL A 189 -21.84 -13.53 20.52
C VAL A 189 -21.71 -14.87 21.26
N PRO A 190 -22.08 -15.98 20.60
CA PRO A 190 -22.02 -17.28 21.29
C PRO A 190 -20.61 -17.61 21.79
N LEU A 191 -20.55 -18.23 22.97
CA LEU A 191 -19.27 -18.50 23.64
C LEU A 191 -18.36 -19.43 22.85
N GLY A 192 -18.94 -20.27 21.99
CA GLY A 192 -18.19 -21.29 21.29
C GLY A 192 -17.31 -20.84 20.15
N VAL A 193 -17.30 -19.53 19.88
CA VAL A 193 -16.42 -18.95 18.88
C VAL A 193 -14.96 -18.91 19.37
N TYR A 194 -14.76 -19.00 20.69
CA TYR A 194 -13.42 -19.14 21.24
C TYR A 194 -13.40 -20.28 22.25
N ASN A 195 -12.41 -21.16 22.11
CA ASN A 195 -12.38 -22.34 22.97
C ASN A 195 -10.97 -22.59 23.48
N LEU A 196 -10.79 -22.46 24.79
CA LEU A 196 -9.52 -22.83 25.43
C LEU A 196 -9.53 -24.32 25.75
N LEU A 197 -8.58 -25.05 25.18
CA LEU A 197 -8.52 -26.49 25.40
C LEU A 197 -7.21 -26.88 26.12
N THR A 198 -7.33 -27.18 27.42
CA THR A 198 -6.17 -27.52 28.25
C THR A 198 -5.94 -29.02 28.30
N GLY A 199 -4.72 -29.42 28.64
CA GLY A 199 -4.35 -30.84 28.69
C GLY A 199 -3.00 -31.08 28.03
N ALA A 200 -2.68 -32.36 27.78
CA ALA A 200 -1.43 -32.75 27.12
C ALA A 200 -1.42 -32.21 25.71
N GLY A 201 -0.45 -31.37 25.40
CA GLY A 201 -0.29 -30.80 24.05
C GLY A 201 -0.21 -31.85 22.96
N GLU A 202 0.43 -32.99 23.27
CA GLU A 202 0.53 -34.08 22.30
C GLU A 202 -0.81 -34.80 22.10
N VAL A 203 -1.77 -34.57 22.98
CA VAL A 203 -3.12 -35.07 22.73
C VAL A 203 -4.01 -33.96 22.16
N VAL A 204 -4.17 -32.91 22.94
CA VAL A 204 -5.07 -31.82 22.60
C VAL A 204 -4.52 -30.93 21.47
N GLY A 205 -3.28 -30.49 21.61
CA GLY A 205 -2.66 -29.68 20.57
C GLY A 205 -2.57 -30.48 19.28
N ASP A 206 -2.13 -31.74 19.40
CA ASP A 206 -2.07 -32.62 18.25
C ASP A 206 -3.41 -32.75 17.55
N GLU A 207 -4.50 -32.87 18.30
CA GLU A 207 -5.83 -32.90 17.71
C GLU A 207 -6.14 -31.61 16.92
N ILE A 208 -5.79 -30.46 17.47
CA ILE A 208 -5.91 -29.21 16.71
C ILE A 208 -5.17 -29.30 15.37
N VAL A 209 -3.95 -29.84 15.41
CA VAL A 209 -3.10 -29.93 14.24
C VAL A 209 -3.66 -30.93 13.22
N VAL A 210 -4.20 -32.02 13.72
CA VAL A 210 -4.60 -33.14 12.87
C VAL A 210 -6.03 -33.04 12.29
N ASN A 211 -6.96 -32.53 13.10
CA ASN A 211 -8.36 -32.45 12.73
C ASN A 211 -8.60 -31.68 11.44
N GLU A 212 -9.30 -32.32 10.50
CA GLU A 212 -9.51 -31.75 9.17
C GLU A 212 -10.47 -30.55 9.13
N LYS A 213 -11.15 -30.30 10.24
CA LYS A 213 -12.08 -29.16 10.38
C LYS A 213 -11.35 -27.88 10.75
N VAL A 214 -10.09 -28.02 11.20
CA VAL A 214 -9.27 -26.86 11.49
C VAL A 214 -8.69 -26.34 10.17
N ASN A 215 -8.81 -25.04 9.93
CA ASN A 215 -8.40 -24.52 8.63
C ASN A 215 -6.99 -23.96 8.60
N MET A 216 -6.46 -23.68 9.79
CA MET A 216 -5.18 -23.00 9.92
CA MET A 216 -5.15 -23.07 9.91
C MET A 216 -4.54 -23.29 11.27
N ILE A 217 -3.27 -23.71 11.27
CA ILE A 217 -2.48 -23.82 12.51
C ILE A 217 -1.59 -22.58 12.65
N SER A 218 -1.68 -21.94 13.81
CA SER A 218 -0.69 -20.95 14.21
C SER A 218 0.04 -21.47 15.47
N PHE A 219 1.29 -21.92 15.29
CA PHE A 219 2.06 -22.59 16.35
C PHE A 219 3.30 -21.76 16.72
N THR A 220 3.48 -21.54 18.02
CA THR A 220 4.72 -20.96 18.56
C THR A 220 5.15 -21.93 19.62
N GLY A 221 6.41 -22.34 19.54
CA GLY A 221 6.94 -23.37 20.39
C GLY A 221 8.28 -23.89 19.88
N SER A 222 8.57 -25.15 20.18
CA SER A 222 9.87 -25.74 19.89
C SER A 222 9.95 -26.21 18.43
N SER A 223 11.17 -26.24 17.91
CA SER A 223 11.49 -26.81 16.60
C SER A 223 11.03 -28.26 16.43
N LYS A 224 11.24 -29.08 17.45
CA LYS A 224 10.90 -30.51 17.36
C LYS A 224 9.41 -30.74 17.08
N VAL A 225 8.58 -29.92 17.71
CA VAL A 225 7.13 -30.01 17.58
C VAL A 225 6.71 -29.30 16.28
N GLY A 226 7.22 -28.10 16.05
CA GLY A 226 6.96 -27.39 14.78
C GLY A 226 7.22 -28.25 13.55
N GLU A 227 8.40 -28.87 13.49
CA GLU A 227 8.79 -29.73 12.37
C GLU A 227 7.83 -30.90 12.19
N LEU A 228 7.39 -31.49 13.32
CA LEU A 228 6.41 -32.55 13.28
C LEU A 228 5.08 -32.05 12.69
N ILE A 229 4.66 -30.85 13.09
CA ILE A 229 3.41 -30.28 12.61
C ILE A 229 3.36 -30.13 11.07
N THR A 230 4.48 -29.77 10.47
CA THR A 230 4.56 -29.66 9.02
C THR A 230 4.25 -30.99 8.32
N LYS A 231 4.56 -32.10 8.98
CA LYS A 231 4.29 -33.43 8.43
C LYS A 231 2.90 -33.93 8.77
N LYS A 232 2.26 -33.33 9.77
CA LYS A 232 0.99 -33.82 10.31
C LYS A 232 -0.22 -32.95 10.03
N ALA A 233 0.01 -31.66 9.77
CA ALA A 233 -1.09 -30.71 9.53
C ALA A 233 -1.95 -31.06 8.31
N GLY A 234 -1.31 -31.44 7.21
CA GLY A 234 -2.02 -31.76 5.97
C GLY A 234 -2.46 -30.51 5.21
N PHE A 235 -3.73 -30.51 4.77
CA PHE A 235 -4.30 -29.40 4.00
C PHE A 235 -4.81 -28.23 4.88
N LYS A 236 -3.88 -27.47 5.44
CA LYS A 236 -4.19 -26.26 6.23
C LYS A 236 -3.09 -25.26 5.98
N LYS A 237 -3.41 -23.97 6.12
CA LYS A 237 -2.37 -22.95 6.19
C LYS A 237 -1.60 -23.13 7.49
N ILE A 238 -0.28 -22.97 7.41
CA ILE A 238 0.60 -23.19 8.56
C ILE A 238 1.42 -21.94 8.87
N ALA A 239 1.47 -21.58 10.14
CA ALA A 239 2.33 -20.50 10.61
C ALA A 239 3.10 -21.06 11.79
N LEU A 240 4.41 -20.92 11.76
CA LEU A 240 5.26 -21.45 12.83
C LEU A 240 6.22 -20.39 13.27
N GLU A 241 6.37 -20.25 14.58
CA GLU A 241 7.39 -19.35 15.10
C GLU A 241 8.16 -20.22 16.09
N LEU A 242 9.29 -20.72 15.63
CA LEU A 242 10.06 -21.65 16.42
C LEU A 242 11.20 -20.85 17.07
N GLY A 243 12.23 -21.49 17.57
CA GLY A 243 13.25 -20.71 18.28
C GLY A 243 14.46 -20.42 17.42
N GLY A 244 15.60 -20.26 18.07
CA GLY A 244 16.88 -20.13 17.36
C GLY A 244 18.03 -19.85 18.30
N VAL A 245 19.24 -20.08 17.82
CA VAL A 245 20.42 -19.67 18.56
C VAL A 245 20.78 -18.31 17.97
N ASN A 246 20.32 -17.25 18.63
CA ASN A 246 20.39 -15.91 18.04
C ASN A 246 21.74 -15.20 18.26
N PRO A 247 22.48 -14.98 17.16
CA PRO A 247 23.82 -14.43 17.30
C PRO A 247 23.80 -12.91 17.36
N ASN A 248 24.57 -12.38 18.30
CA ASN A 248 24.70 -10.95 18.49
C ASN A 248 26.16 -10.62 18.26
N ILE A 249 26.40 -9.59 17.46
CA ILE A 249 27.72 -9.34 16.92
C ILE A 249 28.20 -7.97 17.35
N VAL A 250 29.42 -7.91 17.91
CA VAL A 250 29.99 -6.66 18.39
C VAL A 250 31.26 -6.36 17.61
N LEU A 251 31.17 -5.41 16.68
CA LEU A 251 32.34 -4.97 15.93
C LEU A 251 33.29 -4.10 16.77
N LYS A 252 34.52 -3.93 16.30
CA LYS A 252 35.52 -3.25 17.11
C LYS A 252 35.16 -1.79 17.39
N ASP A 253 34.27 -1.24 16.56
CA ASP A 253 33.98 0.17 16.63
C ASP A 253 32.72 0.46 17.44
N ALA A 254 32.17 -0.57 18.08
CA ALA A 254 30.90 -0.41 18.81
C ALA A 254 31.02 0.46 20.06
N ASP A 255 29.91 1.08 20.44
CA ASP A 255 29.83 1.66 21.77
C ASP A 255 29.67 0.52 22.75
N LEU A 256 30.73 0.26 23.50
CA LEU A 256 30.81 -0.91 24.37
C LEU A 256 29.84 -0.84 25.53
N ASN A 257 29.69 0.36 26.09
CA ASN A 257 28.74 0.55 27.19
C ASN A 257 27.29 0.30 26.79
N LYS A 258 26.91 0.80 25.61
CA LYS A 258 25.57 0.55 25.09
C LYS A 258 25.39 -0.91 24.72
N ALA A 259 26.43 -1.51 24.14
CA ALA A 259 26.41 -2.91 23.70
C ALA A 259 26.24 -3.87 24.89
N VAL A 260 27.06 -3.68 25.91
CA VAL A 260 26.99 -4.46 27.15
C VAL A 260 25.60 -4.35 27.77
N ASN A 261 25.15 -3.10 27.95
CA ASN A 261 23.84 -2.84 28.56
C ASN A 261 22.75 -3.54 27.79
N ALA A 262 22.81 -3.43 26.45
CA ALA A 262 21.79 -4.03 25.61
C ALA A 262 21.84 -5.55 25.70
N LEU A 263 23.06 -6.08 25.77
CA LEU A 263 23.30 -7.52 25.74
C LEU A 263 22.96 -8.21 27.03
N ILE A 264 23.17 -7.49 28.14
CA ILE A 264 22.74 -7.94 29.45
C ILE A 264 21.23 -8.20 29.43
N LYS A 265 20.47 -7.21 28.93
CA LYS A 265 19.02 -7.34 28.73
C LYS A 265 18.67 -8.54 27.84
N GLY A 266 19.22 -8.58 26.63
CA GLY A 266 18.94 -9.65 25.67
C GLY A 266 19.33 -11.03 26.15
N SER A 267 20.38 -11.10 26.96
CA SER A 267 20.84 -12.33 27.57
C SER A 267 19.98 -12.82 28.75
N PHE A 268 19.58 -11.91 29.62
CA PHE A 268 19.05 -12.32 30.92
C PHE A 268 17.58 -11.97 31.22
N ILE A 269 16.91 -11.26 30.32
CA ILE A 269 15.46 -11.09 30.42
C ILE A 269 14.82 -12.46 30.45
N TYR A 270 13.94 -12.67 31.44
CA TYR A 270 13.26 -13.96 31.65
C TYR A 270 14.21 -15.19 31.68
N ALA A 271 15.40 -15.00 32.25
CA ALA A 271 16.44 -16.03 32.32
C ALA A 271 16.75 -16.68 30.96
N GLY A 272 16.80 -15.87 29.90
CA GLY A 272 17.11 -16.35 28.56
C GLY A 272 16.11 -17.34 27.96
N GLN A 273 14.91 -17.41 28.55
CA GLN A 273 13.86 -18.30 28.08
C GLN A 273 12.96 -17.68 27.00
N VAL A 274 13.56 -16.89 26.12
CA VAL A 274 12.79 -16.25 25.05
C VAL A 274 13.28 -16.74 23.69
N CYS A 275 12.36 -16.82 22.73
CA CYS A 275 12.68 -17.30 21.39
CA CYS A 275 12.67 -17.28 21.37
C CYS A 275 13.75 -16.42 20.73
N ILE A 276 13.79 -15.14 21.10
CA ILE A 276 14.78 -14.19 20.59
C ILE A 276 15.87 -13.77 21.57
N SER A 277 15.97 -14.49 22.70
CA SER A 277 17.10 -14.33 23.67
C SER A 277 18.45 -14.46 22.96
N VAL A 278 19.47 -13.78 23.50
CA VAL A 278 20.84 -13.90 22.99
C VAL A 278 21.30 -15.36 23.05
N GLY A 279 21.70 -15.90 21.90
CA GLY A 279 22.19 -17.29 21.81
C GLY A 279 23.70 -17.43 21.83
N MET A 280 24.39 -16.52 21.15
CA MET A 280 25.83 -16.41 21.23
C MET A 280 26.19 -14.95 21.06
N ILE A 281 27.35 -14.56 21.59
CA ILE A 281 27.87 -13.22 21.36
C ILE A 281 29.16 -13.37 20.59
N LEU A 282 29.22 -12.75 19.42
CA LEU A 282 30.47 -12.71 18.66
C LEU A 282 31.09 -11.34 18.87
N VAL A 283 32.31 -11.31 19.40
CA VAL A 283 33.01 -10.06 19.69
C VAL A 283 34.38 -10.03 19.00
N ASP A 284 34.70 -8.89 18.39
CA ASP A 284 35.98 -8.70 17.73
C ASP A 284 37.13 -8.86 18.72
N GLU A 285 38.20 -9.53 18.27
CA GLU A 285 39.35 -9.87 19.13
C GLU A 285 40.00 -8.64 19.76
N SER A 286 40.05 -7.54 19.00
CA SER A 286 40.72 -6.31 19.46
C SER A 286 40.04 -5.65 20.67
N ILE A 287 38.74 -5.90 20.83
CA ILE A 287 38.00 -5.32 21.97
C ILE A 287 37.46 -6.37 22.95
N ALA A 288 37.81 -7.64 22.74
CA ALA A 288 37.17 -8.76 23.44
C ALA A 288 37.36 -8.76 24.95
N ASP A 289 38.60 -8.54 25.42
CA ASP A 289 38.92 -8.60 26.85
C ASP A 289 38.13 -7.57 27.63
N LYS A 290 38.06 -6.36 27.07
CA LYS A 290 37.31 -5.25 27.65
C LYS A 290 35.80 -5.50 27.64
N PHE A 291 35.29 -6.05 26.54
CA PHE A 291 33.86 -6.40 26.47
C PHE A 291 33.51 -7.49 27.48
N ILE A 292 34.34 -8.52 27.55
CA ILE A 292 34.11 -9.64 28.48
C ILE A 292 34.11 -9.15 29.92
N GLU A 293 35.15 -8.39 30.28
CA GLU A 293 35.27 -7.82 31.62
C GLU A 293 33.96 -7.13 32.00
N MET A 294 33.59 -6.10 31.23
CA MET A 294 32.37 -5.33 31.48
C MET A 294 31.10 -6.18 31.57
N PHE A 295 30.93 -7.07 30.61
CA PHE A 295 29.71 -7.88 30.53
C PHE A 295 29.57 -8.73 31.79
N VAL A 296 30.66 -9.40 32.17
CA VAL A 296 30.68 -10.27 33.34
C VAL A 296 30.38 -9.47 34.61
N ASN A 297 30.93 -8.27 34.71
CA ASN A 297 30.77 -7.45 35.92
C ASN A 297 29.32 -7.02 36.15
N LYS A 298 28.64 -6.65 35.07
CA LYS A 298 27.22 -6.26 35.15
C LYS A 298 26.34 -7.45 35.53
N ALA A 299 26.64 -8.60 34.94
CA ALA A 299 25.91 -9.85 35.19
C ALA A 299 26.06 -10.40 36.61
N LYS A 300 27.19 -10.10 37.26
CA LYS A 300 27.43 -10.50 38.64
C LYS A 300 26.38 -9.94 39.59
N VAL A 301 26.11 -8.64 39.47
CA VAL A 301 25.26 -7.93 40.43
C VAL A 301 23.78 -8.03 40.11
N LEU A 302 23.40 -8.90 39.16
CA LEU A 302 22.00 -9.19 38.91
C LEU A 302 21.43 -9.94 40.11
N ASN A 303 20.22 -9.55 40.51
CA ASN A 303 19.51 -10.17 41.63
C ASN A 303 18.70 -11.38 41.18
N VAL A 304 19.08 -12.53 41.72
CA VAL A 304 18.53 -13.81 41.29
C VAL A 304 17.69 -14.38 42.42
N GLY A 305 16.41 -14.66 42.14
CA GLY A 305 15.55 -15.27 43.14
C GLY A 305 14.07 -15.19 42.80
N ASN A 306 13.26 -14.98 43.84
CA ASN A 306 11.80 -14.99 43.76
C ASN A 306 11.25 -13.94 42.80
N PRO A 307 10.57 -14.37 41.71
CA PRO A 307 10.02 -13.44 40.73
C PRO A 307 8.94 -12.49 41.29
N LEU A 308 8.24 -12.89 42.36
CA LEU A 308 7.29 -12.01 43.09
C LEU A 308 7.94 -10.81 43.78
N ASP A 309 9.23 -10.90 44.03
CA ASP A 309 9.99 -9.82 44.66
C ASP A 309 10.33 -8.77 43.61
N GLU A 310 9.99 -7.52 43.92
CA GLU A 310 10.28 -6.36 43.06
C GLU A 310 11.75 -6.26 42.70
N LYS A 311 12.61 -6.75 43.59
CA LYS A 311 14.06 -6.64 43.45
C LYS A 311 14.65 -7.57 42.40
N THR A 312 14.03 -8.75 42.25
CA THR A 312 14.52 -9.84 41.39
C THR A 312 14.72 -9.45 39.93
N ASP A 313 15.93 -9.67 39.43
CA ASP A 313 16.22 -9.46 38.02
C ASP A 313 16.01 -10.75 37.27
N VAL A 314 16.42 -11.85 37.88
CA VAL A 314 16.40 -13.16 37.23
C VAL A 314 15.72 -14.17 38.14
N GLY A 315 14.65 -14.77 37.63
CA GLY A 315 13.90 -15.81 38.32
C GLY A 315 14.29 -17.19 37.83
N PRO A 316 13.52 -18.22 38.21
CA PRO A 316 13.92 -19.61 37.90
C PRO A 316 13.57 -20.02 36.47
N LEU A 317 14.13 -21.14 36.04
CA LEU A 317 13.73 -21.73 34.78
C LEU A 317 12.37 -22.42 34.94
N ILE A 318 11.80 -22.91 33.86
CA ILE A 318 10.38 -23.30 33.86
C ILE A 318 10.11 -24.63 34.59
N SER A 319 11.16 -25.45 34.71
CA SER A 319 11.08 -26.72 35.41
C SER A 319 12.48 -27.18 35.86
N VAL A 320 12.51 -28.02 36.90
CA VAL A 320 13.74 -28.63 37.37
C VAL A 320 14.36 -29.44 36.22
N GLU A 321 13.54 -30.29 35.61
CA GLU A 321 13.97 -31.19 34.52
C GLU A 321 14.73 -30.44 33.41
N HIS A 322 14.33 -29.20 33.13
CA HIS A 322 15.02 -28.41 32.12
C HIS A 322 16.31 -27.79 32.66
N ALA A 323 16.24 -27.28 33.87
CA ALA A 323 17.42 -26.75 34.55
C ALA A 323 18.51 -27.81 34.59
N GLU A 324 18.10 -29.03 34.95
CA GLU A 324 18.99 -30.20 34.99
C GLU A 324 19.63 -30.48 33.66
N TRP A 325 18.86 -30.35 32.58
CA TRP A 325 19.36 -30.55 31.23
C TRP A 325 20.38 -29.49 30.84
N VAL A 326 20.11 -28.23 31.19
CA VAL A 326 21.02 -27.14 30.87
C VAL A 326 22.39 -27.39 31.55
N GLU A 327 22.36 -27.80 32.82
CA GLU A 327 23.57 -28.09 33.59
C GLU A 327 24.48 -29.10 32.87
N LYS A 328 23.88 -30.13 32.29
CA LYS A 328 24.61 -31.13 31.54
C LYS A 328 25.20 -30.54 30.25
N VAL A 329 24.44 -29.65 29.60
CA VAL A 329 24.90 -28.99 28.37
C VAL A 329 26.11 -28.13 28.69
N VAL A 330 26.04 -27.40 29.79
CA VAL A 330 27.14 -26.56 30.28
C VAL A 330 28.37 -27.42 30.66
N GLU A 331 28.14 -28.56 31.29
CA GLU A 331 29.24 -29.48 31.61
C GLU A 331 29.87 -30.07 30.35
N LYS A 332 29.05 -30.27 29.33
CA LYS A 332 29.52 -30.72 28.01
C LYS A 332 30.31 -29.59 27.31
N ALA A 333 29.87 -28.35 27.50
CA ALA A 333 30.54 -27.18 26.89
C ALA A 333 31.94 -26.96 27.47
N ILE A 334 32.07 -27.19 28.77
CA ILE A 334 33.33 -27.10 29.49
C ILE A 334 34.31 -28.21 29.09
N ASP A 335 33.80 -29.44 28.90
CA ASP A 335 34.61 -30.57 28.42
C ASP A 335 35.19 -30.32 27.02
N GLU A 336 34.44 -29.59 26.20
CA GLU A 336 34.86 -29.27 24.84
C GLU A 336 35.92 -28.15 24.80
N GLY A 337 36.20 -27.56 25.95
CA GLY A 337 37.23 -26.53 26.05
C GLY A 337 36.68 -25.15 26.38
N GLY A 338 35.41 -25.11 26.78
CA GLY A 338 34.76 -23.87 27.18
C GLY A 338 35.31 -23.37 28.50
N LYS A 339 35.47 -22.06 28.61
CA LYS A 339 36.03 -21.42 29.79
C LYS A 339 34.96 -20.68 30.60
N LEU A 340 34.69 -21.16 31.81
CA LEU A 340 33.64 -20.59 32.66
C LEU A 340 34.04 -19.22 33.20
N LEU A 341 33.27 -18.20 32.84
CA LEU A 341 33.55 -16.83 33.30
C LEU A 341 32.67 -16.40 34.45
N LEU A 342 31.51 -17.06 34.59
CA LEU A 342 30.55 -16.73 35.64
C LEU A 342 29.50 -17.83 35.82
N GLY A 343 28.98 -17.93 37.04
CA GLY A 343 27.86 -18.81 37.36
C GLY A 343 28.12 -20.29 37.16
N GLY A 344 27.22 -20.95 36.44
CA GLY A 344 27.24 -22.41 36.28
C GLY A 344 26.60 -23.12 37.46
N LYS A 345 26.05 -22.33 38.39
CA LYS A 345 25.44 -22.84 39.62
C LYS A 345 23.91 -22.93 39.49
N ARG A 346 23.34 -23.90 40.19
CA ARG A 346 21.91 -24.20 40.10
C ARG A 346 21.35 -24.46 41.48
N ASP A 347 20.14 -23.98 41.73
CA ASP A 347 19.40 -24.34 42.93
C ASP A 347 17.98 -24.72 42.53
N LYS A 348 17.72 -26.04 42.47
CA LYS A 348 16.48 -26.57 41.93
C LYS A 348 16.27 -26.04 40.49
N ALA A 349 15.23 -25.23 40.26
CA ALA A 349 14.98 -24.69 38.93
C ALA A 349 15.67 -23.34 38.71
N LEU A 350 16.14 -22.73 39.79
CA LEU A 350 16.78 -21.41 39.75
C LEU A 350 18.20 -21.51 39.20
N PHE A 351 18.36 -21.17 37.92
CA PHE A 351 19.67 -21.27 37.26
C PHE A 351 20.37 -19.90 37.25
N TYR A 352 21.62 -19.86 37.68
CA TYR A 352 22.34 -18.59 37.77
C TYR A 352 22.94 -18.14 36.43
N PRO A 353 23.00 -16.81 36.20
CA PRO A 353 23.63 -16.27 35.00
C PRO A 353 24.99 -16.93 34.74
N THR A 354 25.10 -17.59 33.59
CA THR A 354 26.28 -18.36 33.26
C THR A 354 26.88 -17.83 31.98
N ILE A 355 28.17 -17.52 32.05
CA ILE A 355 28.90 -16.99 30.90
C ILE A 355 30.15 -17.82 30.67
N LEU A 356 30.38 -18.20 29.41
CA LEU A 356 31.57 -18.95 29.02
C LEU A 356 32.21 -18.31 27.80
N GLU A 357 33.53 -18.45 27.67
CA GLU A 357 34.20 -18.19 26.40
C GLU A 357 34.39 -19.53 25.68
N VAL A 358 34.01 -19.55 24.40
CA VAL A 358 34.06 -20.75 23.57
C VAL A 358 34.62 -20.45 22.17
N ASP A 359 34.83 -21.50 21.38
CA ASP A 359 34.99 -21.34 19.94
C ASP A 359 33.74 -21.79 19.19
N ARG A 360 33.73 -21.57 17.87
CA ARG A 360 32.56 -21.85 17.02
CA ARG A 360 32.57 -21.86 17.02
C ARG A 360 32.10 -23.32 17.03
N ASP A 361 33.01 -24.24 17.38
CA ASP A 361 32.70 -25.67 17.41
C ASP A 361 31.94 -26.12 18.65
N ASN A 362 31.92 -25.27 19.66
CA ASN A 362 31.25 -25.57 20.92
C ASN A 362 29.74 -25.78 20.78
N ILE A 363 29.26 -26.86 21.41
CA ILE A 363 27.85 -27.23 21.44
C ILE A 363 26.86 -26.07 21.70
N LEU A 364 27.27 -25.09 22.50
CA LEU A 364 26.42 -23.93 22.79
C LEU A 364 26.16 -23.06 21.56
N CYS A 365 27.06 -23.09 20.58
CA CYS A 365 26.84 -22.37 19.32
C CYS A 365 25.75 -23.01 18.47
N LYS A 366 25.39 -24.25 18.79
CA LYS A 366 24.39 -24.99 18.03
C LYS A 366 23.17 -25.43 18.87
N THR A 367 23.03 -24.91 20.08
CA THR A 367 22.00 -25.38 21.00
C THR A 367 21.26 -24.19 21.61
N GLU A 368 19.95 -24.16 21.42
CA GLU A 368 19.08 -23.20 22.08
C GLU A 368 18.73 -23.74 23.46
N THR A 369 19.35 -23.18 24.48
CA THR A 369 19.20 -23.73 25.83
C THR A 369 17.98 -23.24 26.59
N PHE A 370 17.44 -22.08 26.21
CA PHE A 370 16.32 -21.47 26.95
C PHE A 370 16.71 -21.33 28.43
N ALA A 371 17.82 -20.62 28.64
CA ALA A 371 18.52 -20.55 29.92
C ALA A 371 19.46 -19.34 29.94
N PRO A 372 19.85 -18.88 31.16
CA PRO A 372 20.76 -17.73 31.19
C PRO A 372 22.22 -18.14 30.97
N VAL A 373 22.47 -18.87 29.88
CA VAL A 373 23.80 -19.37 29.54
C VAL A 373 24.24 -18.69 28.26
N ILE A 374 25.28 -17.87 28.34
CA ILE A 374 25.74 -17.05 27.21
C ILE A 374 27.16 -17.42 26.77
N PRO A 375 27.30 -18.04 25.58
CA PRO A 375 28.65 -18.29 25.08
C PRO A 375 29.19 -17.09 24.29
N ILE A 376 30.41 -16.68 24.62
CA ILE A 376 31.07 -15.58 23.93
C ILE A 376 32.19 -16.11 23.01
N ILE A 377 32.21 -15.66 21.75
CA ILE A 377 33.30 -16.01 20.83
C ILE A 377 34.11 -14.78 20.39
N ARG A 378 35.42 -14.81 20.66
CA ARG A 378 36.28 -13.79 20.09
C ARG A 378 36.73 -14.23 18.71
N THR A 379 36.51 -13.37 17.72
CA THR A 379 36.85 -13.67 16.34
C THR A 379 37.14 -12.41 15.53
N ASN A 380 37.49 -12.58 14.26
CA ASN A 380 37.69 -11.46 13.37
C ASN A 380 36.42 -11.19 12.58
N GLU A 381 36.27 -9.94 12.11
CA GLU A 381 35.05 -9.46 11.45
C GLU A 381 34.61 -10.32 10.28
N GLU A 382 35.58 -10.69 9.44
CA GLU A 382 35.25 -11.39 8.20
C GLU A 382 34.81 -12.85 8.40
N GLU A 383 34.88 -13.32 9.64
CA GLU A 383 34.38 -14.64 10.03
C GLU A 383 32.99 -14.56 10.67
N MET A 384 32.56 -13.34 11.02
CA MET A 384 31.36 -13.16 11.83
C MET A 384 30.07 -13.59 11.18
N ILE A 385 29.89 -13.18 9.93
CA ILE A 385 28.69 -13.53 9.19
C ILE A 385 28.60 -15.06 9.01
N ASP A 386 29.73 -15.69 8.68
CA ASP A 386 29.78 -17.14 8.48
CA ASP A 386 29.77 -17.14 8.48
C ASP A 386 29.36 -17.90 9.73
N ILE A 387 29.95 -17.52 10.87
CA ILE A 387 29.61 -18.11 12.16
C ILE A 387 28.11 -17.88 12.46
N ALA A 388 27.66 -16.61 12.33
CA ALA A 388 26.26 -16.24 12.51
C ALA A 388 25.31 -17.07 11.66
N ASN A 389 25.66 -17.28 10.40
CA ASN A 389 24.82 -17.98 9.45
C ASN A 389 24.97 -19.50 9.52
N SER A 390 25.82 -19.99 10.42
CA SER A 390 26.23 -21.41 10.42
C SER A 390 25.22 -22.41 11.01
N THR A 391 24.10 -21.90 11.54
CA THR A 391 23.10 -22.78 12.16
C THR A 391 21.99 -23.16 11.17
N GLU A 392 21.06 -23.99 11.63
CA GLU A 392 19.90 -24.38 10.83
C GLU A 392 18.74 -23.42 11.03
N TYR A 393 18.86 -22.57 12.04
CA TYR A 393 17.79 -21.62 12.38
C TYR A 393 18.09 -20.23 11.78
N GLY A 394 17.16 -19.29 11.96
CA GLY A 394 17.33 -17.95 11.42
C GLY A 394 16.20 -17.06 11.88
N LEU A 395 16.06 -16.90 13.19
CA LEU A 395 15.06 -16.02 13.76
C LEU A 395 15.57 -14.56 13.82
N HIS A 396 16.34 -14.23 14.84
CA HIS A 396 16.92 -12.89 15.02
C HIS A 396 18.44 -12.90 15.13
N SER A 397 19.04 -11.80 14.71
CA SER A 397 20.47 -11.56 14.86
C SER A 397 20.60 -10.08 15.22
N ALA A 398 21.75 -9.69 15.76
CA ALA A 398 22.00 -8.28 16.10
C ALA A 398 23.44 -7.92 15.79
N ILE A 399 23.68 -6.65 15.49
CA ILE A 399 25.02 -6.15 15.28
C ILE A 399 25.20 -4.76 15.86
N PHE A 400 26.32 -4.57 16.56
CA PHE A 400 26.63 -3.31 17.20
C PHE A 400 27.80 -2.70 16.47
N THR A 401 27.54 -1.55 15.84
CA THR A 401 28.56 -0.84 15.06
C THR A 401 28.11 0.60 14.83
N ASN A 402 29.06 1.47 14.51
CA ASN A 402 28.75 2.85 14.11
C ASN A 402 29.17 3.10 12.66
N ASP A 403 29.48 2.01 11.94
CA ASP A 403 29.93 2.03 10.54
C ASP A 403 28.77 1.73 9.56
N ILE A 404 28.42 2.73 8.75
CA ILE A 404 27.33 2.63 7.77
C ILE A 404 27.48 1.44 6.83
N ASN A 405 28.65 1.32 6.21
CA ASN A 405 28.88 0.29 5.23
C ASN A 405 28.87 -1.11 5.84
N LYS A 406 29.48 -1.26 7.01
CA LYS A 406 29.49 -2.56 7.69
C LYS A 406 28.08 -2.99 8.12
N SER A 407 27.31 -2.05 8.68
CA SER A 407 25.93 -2.33 9.11
C SER A 407 25.06 -2.75 7.94
N LEU A 408 25.23 -2.08 6.79
CA LEU A 408 24.50 -2.43 5.56
C LEU A 408 24.90 -3.80 5.00
N LYS A 409 26.20 -4.09 5.00
CA LYS A 409 26.71 -5.40 4.58
C LYS A 409 26.15 -6.51 5.48
N PHE A 410 26.29 -6.34 6.80
CA PHE A 410 25.79 -7.31 7.76
C PHE A 410 24.27 -7.46 7.75
N ALA A 411 23.54 -6.35 7.61
CA ALA A 411 22.08 -6.43 7.52
C ALA A 411 21.65 -7.27 6.32
N GLU A 412 22.33 -7.07 5.19
CA GLU A 412 21.99 -7.80 3.97
C GLU A 412 22.38 -9.28 4.03
N ASN A 413 23.52 -9.57 4.65
CA ASN A 413 24.11 -10.90 4.60
C ASN A 413 23.68 -11.86 5.70
N LEU A 414 23.14 -11.33 6.79
CA LEU A 414 22.63 -12.16 7.88
C LEU A 414 21.33 -12.87 7.48
N GLU A 415 21.37 -14.20 7.50
CA GLU A 415 20.23 -14.97 6.99
C GLU A 415 19.21 -15.16 8.10
N PHE A 416 18.50 -14.07 8.40
CA PHE A 416 17.66 -13.97 9.59
C PHE A 416 16.34 -13.24 9.33
N GLY A 417 15.31 -13.64 10.07
CA GLY A 417 14.00 -12.98 9.99
C GLY A 417 14.07 -11.55 10.48
N GLY A 418 14.98 -11.27 11.40
CA GLY A 418 15.16 -9.92 11.91
C GLY A 418 16.62 -9.61 12.18
N VAL A 419 17.00 -8.38 11.86
CA VAL A 419 18.37 -7.90 12.09
C VAL A 419 18.29 -6.62 12.91
N VAL A 420 18.85 -6.66 14.12
CA VAL A 420 18.82 -5.51 14.99
C VAL A 420 20.17 -4.84 14.99
N ILE A 421 20.17 -3.53 14.74
CA ILE A 421 21.39 -2.78 14.77
C ILE A 421 21.41 -1.95 16.05
N ASN A 422 22.45 -2.20 16.85
CA ASN A 422 22.71 -1.46 18.09
C ASN A 422 21.69 -1.67 19.22
N ASP A 423 21.09 -2.85 19.22
CA ASP A 423 20.34 -3.41 20.37
C ASP A 423 20.43 -4.91 20.14
N SER A 424 20.14 -5.70 21.15
CA SER A 424 20.28 -7.15 21.08
C SER A 424 19.18 -7.86 20.28
N SER A 425 19.39 -9.14 19.98
CA SER A 425 18.41 -9.93 19.24
C SER A 425 17.00 -9.87 19.85
N LEU A 426 16.92 -9.59 21.15
CA LEU A 426 15.67 -9.62 21.90
C LEU A 426 14.62 -8.55 21.49
N PHE A 427 15.03 -7.50 20.81
CA PHE A 427 14.06 -6.48 20.37
C PHE A 427 12.94 -7.08 19.53
N ARG A 428 11.71 -6.81 19.96
CA ARG A 428 10.54 -6.92 19.11
C ARG A 428 9.59 -5.78 19.38
N GLN A 429 9.34 -4.98 18.35
CA GLN A 429 8.27 -3.99 18.43
C GLN A 429 6.99 -4.68 17.95
N ASP A 430 5.96 -4.66 18.79
CA ASP A 430 4.77 -5.48 18.53
C ASP A 430 4.10 -5.24 17.19
N ASN A 431 4.21 -4.01 16.66
CA ASN A 431 3.53 -3.67 15.40
C ASN A 431 4.37 -3.97 14.15
N MET A 432 5.48 -4.67 14.36
CA MET A 432 6.42 -4.97 13.28
C MET A 432 6.19 -6.40 12.74
N PRO A 433 6.49 -6.64 11.45
CA PRO A 433 6.38 -8.04 11.03
C PRO A 433 7.45 -8.85 11.76
N PHE A 434 7.07 -10.01 12.30
CA PHE A 434 7.96 -10.78 13.15
C PHE A 434 7.89 -12.27 12.86
N GLY A 435 9.07 -12.89 12.75
CA GLY A 435 9.13 -14.29 12.37
C GLY A 435 10.50 -14.61 11.85
N GLY A 436 10.72 -15.87 11.52
CA GLY A 436 12.05 -16.35 11.12
C GLY A 436 12.11 -17.05 9.78
N VAL A 437 13.33 -17.36 9.38
CA VAL A 437 13.58 -18.12 8.14
C VAL A 437 14.25 -19.44 8.49
N LYS A 438 14.61 -20.21 7.46
CA LYS A 438 15.23 -21.53 7.66
C LYS A 438 14.34 -22.35 8.61
N LYS A 439 14.91 -23.04 9.59
CA LYS A 439 14.07 -23.84 10.49
C LYS A 439 13.39 -23.05 11.62
N SER A 440 13.49 -21.72 11.58
CA SER A 440 12.93 -20.90 12.64
C SER A 440 11.45 -20.53 12.42
N GLY A 441 10.93 -20.81 11.24
CA GLY A 441 9.50 -20.64 11.05
C GLY A 441 8.96 -20.42 9.67
N LEU A 442 7.66 -20.15 9.64
CA LEU A 442 6.91 -19.90 8.42
C LEU A 442 5.88 -18.81 8.74
N GLY A 443 5.80 -17.80 7.90
CA GLY A 443 4.84 -16.73 8.12
C GLY A 443 5.24 -15.72 9.17
N ARG A 444 4.48 -14.64 9.23
CA ARG A 444 4.81 -13.51 10.08
C ARG A 444 3.70 -13.17 11.05
N GLU A 445 4.07 -12.79 12.27
CA GLU A 445 3.11 -12.25 13.22
C GLU A 445 3.29 -10.74 13.43
N GLY A 446 2.61 -10.20 14.43
CA GLY A 446 2.29 -8.79 14.41
C GLY A 446 0.92 -8.74 13.76
N VAL A 447 0.02 -8.00 14.40
CA VAL A 447 -1.42 -8.13 14.12
C VAL A 447 -1.77 -8.02 12.62
N LYS A 448 -1.30 -6.97 11.96
CA LYS A 448 -1.63 -6.75 10.56
C LYS A 448 -1.20 -7.94 9.68
N TYR A 449 -0.03 -8.49 10.01
CA TYR A 449 0.55 -9.55 9.21
C TYR A 449 -0.17 -10.86 9.49
N ALA A 450 -0.52 -11.08 10.75
CA ALA A 450 -1.24 -12.27 11.15
C ALA A 450 -2.62 -12.27 10.53
N MET A 451 -3.24 -11.11 10.42
CA MET A 451 -4.57 -10.98 9.78
C MET A 451 -4.53 -11.45 8.33
N GLU A 452 -3.43 -11.14 7.64
CA GLU A 452 -3.22 -11.57 6.27
C GLU A 452 -3.14 -13.10 6.19
N GLU A 453 -2.47 -13.73 7.15
CA GLU A 453 -2.38 -15.19 7.23
C GLU A 453 -3.72 -15.85 7.62
N MET A 454 -4.53 -15.18 8.43
CA MET A 454 -5.71 -15.81 9.00
C MET A 454 -6.96 -15.50 8.16
N SER A 455 -6.75 -14.84 7.02
CA SER A 455 -7.80 -14.63 6.04
C SER A 455 -7.37 -15.17 4.67
N ASN A 456 -8.34 -15.39 3.79
CA ASN A 456 -8.08 -15.71 2.39
C ASN A 456 -8.59 -14.57 1.52
N ILE A 457 -7.91 -14.33 0.41
CA ILE A 457 -8.37 -13.36 -0.58
C ILE A 457 -9.52 -13.95 -1.40
N LYS A 458 -10.48 -13.09 -1.76
CA LYS A 458 -11.49 -13.41 -2.75
C LYS A 458 -11.36 -12.29 -3.75
N THR A 459 -11.20 -12.66 -5.02
CA THR A 459 -11.16 -11.68 -6.07
C THR A 459 -12.53 -11.62 -6.72
N ILE A 460 -13.11 -10.42 -6.77
CA ILE A 460 -14.44 -10.23 -7.34
C ILE A 460 -14.35 -9.45 -8.66
N ILE A 461 -14.96 -10.00 -9.70
CA ILE A 461 -14.81 -9.39 -11.01
C ILE A 461 -16.19 -9.00 -11.54
N ILE A 462 -16.41 -7.70 -11.69
CA ILE A 462 -17.67 -7.23 -12.26
C ILE A 462 -17.50 -6.79 -13.69
N SER A 463 -18.14 -7.53 -14.60
CA SER A 463 -18.08 -7.20 -16.03
C SER A 463 -19.09 -6.12 -16.41
N LYS A 464 -18.56 -4.96 -16.77
CA LYS A 464 -19.33 -3.80 -17.15
C LYS A 464 -20.01 -3.97 -18.52
N ILE B 9 20.56 -33.84 -21.12
CA ILE B 9 21.18 -34.87 -22.01
C ILE B 9 20.37 -35.11 -23.30
N ASN B 10 20.96 -35.86 -24.23
CA ASN B 10 20.38 -36.14 -25.54
C ASN B 10 19.48 -37.39 -25.58
N ARG B 11 19.13 -37.89 -24.39
CA ARG B 11 18.43 -39.17 -24.25
C ARG B 11 17.04 -39.13 -24.89
N GLU B 12 16.61 -40.29 -25.35
CA GLU B 12 15.26 -40.48 -25.89
C GLU B 12 14.57 -41.58 -25.07
N ASP B 13 13.93 -41.18 -23.96
CA ASP B 13 13.34 -42.14 -23.03
C ASP B 13 11.82 -42.22 -23.09
N MET B 14 11.17 -41.10 -23.39
CA MET B 14 9.73 -40.95 -23.17
C MET B 14 9.02 -40.42 -24.42
N ASP B 15 8.01 -41.17 -24.89
CA ASP B 15 7.17 -40.72 -26.01
C ASP B 15 6.40 -39.45 -25.66
N VAL B 16 6.42 -38.51 -26.59
CA VAL B 16 5.59 -37.31 -26.52
C VAL B 16 4.59 -37.45 -27.65
N ILE B 17 3.30 -37.35 -27.30
CA ILE B 17 2.20 -37.68 -28.22
C ILE B 17 1.49 -36.41 -28.72
N ASN B 18 1.13 -36.41 -30.01
CA ASN B 18 0.14 -35.48 -30.56
C ASN B 18 -1.27 -36.01 -30.25
N PRO B 19 -2.06 -35.29 -29.44
CA PRO B 19 -3.33 -35.87 -28.99
C PRO B 19 -4.42 -35.92 -30.08
N TYR B 20 -4.23 -35.23 -31.20
CA TYR B 20 -5.18 -35.33 -32.31
C TYR B 20 -4.98 -36.58 -33.16
N SER B 21 -3.75 -36.77 -33.63
CA SER B 21 -3.39 -37.86 -34.54
C SER B 21 -2.85 -39.10 -33.81
N LEU B 22 -2.61 -38.97 -32.51
CA LEU B 22 -1.99 -40.01 -31.67
C LEU B 22 -0.58 -40.45 -32.09
N GLU B 23 0.06 -39.67 -32.96
CA GLU B 23 1.45 -39.91 -33.39
C GLU B 23 2.44 -39.53 -32.29
N VAL B 24 3.53 -40.29 -32.19
CA VAL B 24 4.71 -39.85 -31.42
C VAL B 24 5.32 -38.66 -32.17
N ILE B 25 5.52 -37.53 -31.48
CA ILE B 25 6.17 -36.39 -32.11
C ILE B 25 7.67 -36.47 -31.87
N LYS B 26 8.05 -36.92 -30.69
CA LYS B 26 9.45 -37.23 -30.38
C LYS B 26 9.62 -37.94 -29.04
N LYS B 27 10.85 -38.37 -28.78
CA LYS B 27 11.20 -38.88 -27.47
C LYS B 27 12.12 -37.89 -26.78
N ILE B 28 11.88 -37.69 -25.48
CA ILE B 28 12.64 -36.75 -24.70
C ILE B 28 13.23 -37.46 -23.49
N PRO B 29 14.16 -36.81 -22.78
CA PRO B 29 14.73 -37.44 -21.59
C PRO B 29 13.71 -37.67 -20.47
N ALA B 30 13.84 -38.80 -19.80
CA ALA B 30 13.16 -39.04 -18.54
C ALA B 30 14.24 -39.24 -17.49
N LEU B 31 14.34 -38.29 -16.57
CA LEU B 31 15.34 -38.37 -15.51
C LEU B 31 14.94 -39.41 -14.47
N SER B 32 15.95 -40.07 -13.89
CA SER B 32 15.72 -40.93 -12.75
C SER B 32 15.71 -40.11 -11.45
N ARG B 33 15.25 -40.71 -10.36
CA ARG B 33 15.25 -40.03 -9.06
C ARG B 33 16.64 -39.48 -8.75
N GLU B 34 17.66 -40.30 -9.04
CA GLU B 34 19.05 -39.96 -8.77
C GLU B 34 19.53 -38.72 -9.54
N GLU B 35 19.20 -38.66 -10.83
CA GLU B 35 19.52 -37.50 -11.65
C GLU B 35 18.77 -36.25 -11.18
N ALA B 36 17.52 -36.41 -10.75
CA ALA B 36 16.76 -35.32 -10.10
C ALA B 36 17.46 -34.81 -8.83
N LYS B 37 17.93 -35.74 -8.00
CA LYS B 37 18.75 -35.40 -6.83
C LYS B 37 19.99 -34.55 -7.17
N GLU B 38 20.70 -34.96 -8.21
CA GLU B 38 21.94 -34.28 -8.65
C GLU B 38 21.65 -32.88 -9.20
N ALA B 39 20.58 -32.77 -9.99
CA ALA B 39 20.13 -31.48 -10.49
C ALA B 39 19.70 -30.53 -9.37
N ILE B 40 19.13 -31.07 -8.30
CA ILE B 40 18.76 -30.23 -7.14
C ILE B 40 20.05 -29.82 -6.41
N ASP B 41 21.01 -30.75 -6.31
CA ASP B 41 22.30 -30.49 -5.66
C ASP B 41 23.12 -29.41 -6.35
N THR B 42 23.12 -29.46 -7.68
CA THR B 42 23.76 -28.47 -8.52
C THR B 42 23.05 -27.12 -8.39
N ALA B 43 21.72 -27.12 -8.54
CA ALA B 43 20.92 -25.94 -8.26
C ALA B 43 21.33 -25.24 -6.97
N GLU B 44 21.51 -26.01 -5.90
CA GLU B 44 21.84 -25.42 -4.61
C GLU B 44 23.15 -24.60 -4.64
N LYS B 45 24.09 -25.03 -5.50
CA LYS B 45 25.39 -24.36 -5.63
C LYS B 45 25.22 -22.95 -6.16
N TYR B 46 24.05 -22.67 -6.71
CA TYR B 46 23.81 -21.39 -7.33
C TYR B 46 22.94 -20.41 -6.54
N LYS B 47 22.53 -20.81 -5.33
CA LYS B 47 21.69 -19.95 -4.46
C LYS B 47 22.25 -18.53 -4.21
N GLU B 48 23.53 -18.43 -3.86
CA GLU B 48 24.20 -17.14 -3.65
C GLU B 48 24.22 -16.25 -4.87
N VAL B 49 24.59 -16.82 -6.01
CA VAL B 49 24.63 -16.11 -7.28
C VAL B 49 23.29 -15.45 -7.59
N MET B 50 22.20 -16.23 -7.66
CA MET B 50 20.86 -15.66 -7.88
C MET B 50 20.48 -14.57 -6.87
N LYS B 51 20.72 -14.85 -5.58
CA LYS B 51 20.32 -13.97 -4.46
C LYS B 51 21.01 -12.61 -4.54
N ASN B 52 22.16 -12.55 -5.19
CA ASN B 52 22.98 -11.33 -5.27
C ASN B 52 22.95 -10.68 -6.67
N LEU B 53 22.23 -11.31 -7.58
CA LEU B 53 22.02 -10.74 -8.90
C LEU B 53 21.33 -9.38 -8.76
N PRO B 54 21.92 -8.31 -9.35
CA PRO B 54 21.32 -6.99 -9.19
C PRO B 54 19.96 -6.87 -9.88
N ILE B 55 19.15 -5.96 -9.39
CA ILE B 55 17.86 -5.60 -9.97
C ILE B 55 17.93 -5.51 -11.51
N THR B 56 18.86 -4.70 -11.99
CA THR B 56 19.05 -4.45 -13.43
C THR B 56 19.26 -5.71 -14.26
N LYS B 57 20.02 -6.66 -13.74
CA LYS B 57 20.21 -7.92 -14.43
C LYS B 57 18.93 -8.77 -14.43
N ARG B 58 18.26 -8.88 -13.28
CA ARG B 58 16.98 -9.60 -13.24
C ARG B 58 15.99 -9.02 -14.25
N TYR B 59 15.85 -7.68 -14.25
CA TYR B 59 15.03 -6.95 -15.23
C TYR B 59 15.40 -7.28 -16.70
N ASN B 60 16.70 -7.21 -17.01
CA ASN B 60 17.21 -7.54 -18.34
C ASN B 60 16.93 -9.00 -18.76
N ILE B 61 17.16 -9.94 -17.84
CA ILE B 61 16.89 -11.34 -18.12
C ILE B 61 15.41 -11.54 -18.45
N LEU B 62 14.53 -11.06 -17.57
CA LEU B 62 13.09 -11.16 -17.73
C LEU B 62 12.57 -10.59 -19.04
N MET B 63 13.03 -9.40 -19.40
CA MET B 63 12.60 -8.75 -20.64
CA MET B 63 12.64 -8.71 -20.63
C MET B 63 13.13 -9.47 -21.88
N ASN B 64 14.37 -9.96 -21.81
CA ASN B 64 14.94 -10.71 -22.92
C ASN B 64 14.16 -12.01 -23.17
N ILE B 65 13.71 -12.65 -22.09
CA ILE B 65 12.81 -13.81 -22.20
C ILE B 65 11.55 -13.42 -22.97
N ALA B 66 10.85 -12.39 -22.48
CA ALA B 66 9.66 -11.87 -23.17
C ALA B 66 9.91 -11.65 -24.66
N LYS B 67 10.99 -10.93 -24.98
CA LYS B 67 11.39 -10.65 -26.35
C LYS B 67 11.55 -11.90 -27.22
N GLN B 68 12.30 -12.90 -26.74
CA GLN B 68 12.46 -14.17 -27.50
C GLN B 68 11.13 -14.91 -27.72
N ILE B 69 10.27 -14.92 -26.71
CA ILE B 69 8.95 -15.53 -26.83
C ILE B 69 8.16 -14.84 -27.93
N LYS B 70 8.31 -13.52 -28.05
CA LYS B 70 7.58 -12.76 -29.06
C LYS B 70 8.09 -13.05 -30.48
N GLU B 71 9.41 -13.13 -30.63
CA GLU B 71 10.07 -13.48 -31.89
C GLU B 71 9.76 -14.91 -32.37
N LYS B 72 9.49 -15.81 -31.42
CA LYS B 72 9.16 -17.20 -31.73
C LYS B 72 7.67 -17.48 -31.52
N LYS B 73 6.85 -16.43 -31.56
CA LYS B 73 5.44 -16.52 -31.18
C LYS B 73 4.67 -17.63 -31.89
N GLU B 74 4.71 -17.60 -33.22
CA GLU B 74 3.94 -18.52 -34.03
C GLU B 74 4.41 -19.97 -33.82
N GLU B 75 5.72 -20.18 -33.79
CA GLU B 75 6.33 -21.48 -33.48
C GLU B 75 5.79 -22.09 -32.19
N LEU B 76 5.74 -21.28 -31.15
CA LEU B 76 5.36 -21.75 -29.83
C LEU B 76 3.88 -22.12 -29.85
N ALA B 77 3.11 -21.36 -30.62
CA ALA B 77 1.69 -21.60 -30.78
C ALA B 77 1.42 -22.94 -31.47
N LYS B 78 2.10 -23.19 -32.60
CA LYS B 78 1.95 -24.49 -33.28
C LYS B 78 2.34 -25.65 -32.37
N ILE B 79 3.42 -25.48 -31.62
CA ILE B 79 3.81 -26.48 -30.64
C ILE B 79 2.67 -26.78 -29.68
N LEU B 80 2.06 -25.73 -29.16
CA LEU B 80 0.90 -25.89 -28.25
C LEU B 80 -0.26 -26.65 -28.89
N ALA B 81 -0.44 -26.48 -30.20
CA ALA B 81 -1.50 -27.17 -30.91
C ALA B 81 -1.15 -28.64 -31.10
N ILE B 82 0.09 -28.88 -31.52
CA ILE B 82 0.54 -30.21 -31.84
C ILE B 82 0.73 -31.08 -30.60
N ASP B 83 1.30 -30.48 -29.56
CA ASP B 83 1.65 -31.18 -28.35
C ASP B 83 0.50 -31.17 -27.33
N ALA B 84 -0.11 -30.00 -27.14
CA ALA B 84 -1.18 -29.86 -26.14
C ALA B 84 -2.59 -30.00 -26.72
N GLY B 85 -2.72 -30.02 -28.04
CA GLY B 85 -4.05 -30.15 -28.67
C GLY B 85 -4.84 -28.85 -28.66
N LYS B 86 -4.14 -27.75 -28.39
CA LYS B 86 -4.79 -26.46 -28.18
C LYS B 86 -5.06 -25.79 -29.51
N PRO B 87 -6.33 -25.47 -29.80
CA PRO B 87 -6.61 -24.81 -31.06
C PRO B 87 -5.70 -23.62 -31.26
N ILE B 88 -5.25 -23.44 -32.51
CA ILE B 88 -4.18 -22.50 -32.83
C ILE B 88 -4.44 -21.05 -32.36
N LYS B 89 -5.69 -20.59 -32.47
CA LYS B 89 -6.05 -19.22 -32.08
C LYS B 89 -5.94 -19.05 -30.56
N GLN B 90 -6.38 -20.07 -29.81
CA GLN B 90 -6.25 -20.09 -28.35
C GLN B 90 -4.78 -20.28 -27.94
N ALA B 91 -4.02 -21.01 -28.77
CA ALA B 91 -2.59 -21.15 -28.51
C ALA B 91 -1.90 -19.79 -28.62
N ARG B 92 -2.25 -18.99 -29.63
CA ARG B 92 -1.66 -17.66 -29.78
C ARG B 92 -1.90 -16.82 -28.54
N VAL B 93 -3.15 -16.84 -28.08
CA VAL B 93 -3.50 -16.08 -26.89
C VAL B 93 -2.67 -16.51 -25.67
N GLU B 94 -2.40 -17.81 -25.52
CA GLU B 94 -1.57 -18.26 -24.39
C GLU B 94 -0.14 -17.70 -24.48
N VAL B 95 0.42 -17.67 -25.68
CA VAL B 95 1.77 -17.14 -25.89
C VAL B 95 1.82 -15.67 -25.52
N GLU B 96 0.87 -14.91 -26.07
CA GLU B 96 0.75 -13.46 -25.82
C GLU B 96 0.65 -13.15 -24.31
N ARG B 97 -0.11 -13.95 -23.57
CA ARG B 97 -0.16 -13.80 -22.11
C ARG B 97 1.20 -14.09 -21.43
N SER B 98 1.91 -15.13 -21.88
CA SER B 98 3.21 -15.46 -21.29
C SER B 98 4.21 -14.30 -21.47
N ILE B 99 4.13 -13.63 -22.60
CA ILE B 99 4.95 -12.46 -22.89
C ILE B 99 4.67 -11.42 -21.83
N GLY B 100 3.39 -11.07 -21.64
CA GLY B 100 2.99 -10.11 -20.62
C GLY B 100 3.48 -10.48 -19.22
N THR B 101 3.38 -11.76 -18.88
CA THR B 101 3.80 -12.25 -17.57
C THR B 101 5.28 -11.96 -17.28
N PHE B 102 6.16 -12.27 -18.24
CA PHE B 102 7.57 -11.98 -18.05
C PHE B 102 7.87 -10.49 -18.00
N LYS B 103 7.16 -9.71 -18.82
CA LYS B 103 7.29 -8.23 -18.79
C LYS B 103 6.85 -7.63 -17.46
N LEU B 104 5.75 -8.14 -16.90
CA LEU B 104 5.21 -7.60 -15.66
C LEU B 104 6.14 -7.92 -14.48
N ALA B 105 6.76 -9.09 -14.51
CA ALA B 105 7.72 -9.47 -13.48
C ALA B 105 8.94 -8.54 -13.50
N ALA B 106 9.37 -8.18 -14.71
CA ALA B 106 10.49 -7.26 -14.93
C ALA B 106 10.18 -5.91 -14.27
N PHE B 107 8.99 -5.38 -14.55
CA PHE B 107 8.45 -4.18 -13.94
CA PHE B 107 8.63 -4.20 -13.91
C PHE B 107 8.52 -4.27 -12.42
N TYR B 108 8.07 -5.37 -11.86
CA TYR B 108 8.01 -5.51 -10.40
C TYR B 108 9.35 -5.64 -9.70
N VAL B 109 10.39 -6.15 -10.38
CA VAL B 109 11.73 -6.15 -9.77
C VAL B 109 12.20 -4.73 -9.51
N LYS B 110 11.80 -3.79 -10.37
CA LYS B 110 12.18 -2.38 -10.20
C LYS B 110 11.29 -1.58 -9.25
N GLU B 111 10.02 -2.00 -9.14
CA GLU B 111 8.98 -1.19 -8.57
C GLU B 111 8.39 -1.73 -7.26
N HIS B 112 8.72 -2.99 -6.90
CA HIS B 112 8.18 -3.59 -5.69
CA HIS B 112 8.22 -3.62 -5.68
C HIS B 112 8.61 -2.81 -4.46
N ARG B 113 7.66 -2.50 -3.60
CA ARG B 113 7.92 -1.68 -2.43
C ARG B 113 7.98 -2.48 -1.15
N ASP B 114 8.90 -2.07 -0.28
CA ASP B 114 8.92 -2.51 1.10
CA ASP B 114 8.88 -2.52 1.09
C ASP B 114 8.40 -1.36 1.96
N GLU B 115 8.30 -1.58 3.26
CA GLU B 115 7.69 -0.57 4.11
C GLU B 115 8.63 -0.06 5.18
N VAL B 116 8.33 1.14 5.69
CA VAL B 116 8.96 1.64 6.91
C VAL B 116 7.90 1.79 7.99
N ILE B 117 8.25 1.37 9.21
CA ILE B 117 7.34 1.39 10.35
C ILE B 117 7.83 2.40 11.37
N PRO B 118 6.92 3.26 11.85
CA PRO B 118 7.28 4.34 12.76
C PRO B 118 7.72 3.80 14.11
N SER B 119 8.64 4.51 14.74
CA SER B 119 9.15 4.13 16.05
C SER B 119 9.82 5.34 16.66
N ASP B 120 9.58 5.55 17.95
CA ASP B 120 10.21 6.64 18.67
C ASP B 120 11.71 6.68 18.47
N ASP B 121 12.37 5.55 18.72
CA ASP B 121 13.83 5.50 18.85
C ASP B 121 14.53 4.55 17.84
N ARG B 122 13.76 4.09 16.85
CA ARG B 122 14.22 3.09 15.89
C ARG B 122 13.82 3.46 14.47
N LEU B 123 14.65 3.10 13.51
CA LEU B 123 14.24 3.08 12.12
C LEU B 123 13.96 1.63 11.77
N ILE B 124 12.72 1.33 11.38
CA ILE B 124 12.33 -0.04 11.13
C ILE B 124 11.81 -0.19 9.72
N PHE B 125 12.45 -1.08 8.96
CA PHE B 125 12.06 -1.29 7.58
C PHE B 125 12.19 -2.74 7.20
N THR B 126 11.55 -3.08 6.09
CA THR B 126 11.50 -4.47 5.64
C THR B 126 12.32 -4.64 4.38
N ARG B 127 12.62 -5.89 4.06
CA ARG B 127 13.36 -6.27 2.86
C ARG B 127 12.89 -7.67 2.50
N ARG B 128 12.63 -7.92 1.23
CA ARG B 128 12.25 -9.25 0.79
C ARG B 128 13.53 -9.93 0.30
N GLU B 129 13.68 -11.19 0.63
CA GLU B 129 14.82 -11.94 0.14
C GLU B 129 14.33 -13.28 -0.41
N PRO B 130 15.09 -13.89 -1.34
CA PRO B 130 14.58 -15.13 -1.96
C PRO B 130 14.33 -16.24 -0.95
N VAL B 131 13.31 -17.07 -1.17
CA VAL B 131 13.16 -18.29 -0.37
C VAL B 131 14.27 -19.29 -0.56
N GLY B 132 14.89 -19.31 -1.74
CA GLY B 132 16.02 -20.18 -1.98
C GLY B 132 15.91 -20.88 -3.31
N ILE B 133 15.58 -22.16 -3.23
CA ILE B 133 15.26 -22.94 -4.40
C ILE B 133 13.75 -23.05 -4.47
N VAL B 134 13.18 -22.60 -5.59
CA VAL B 134 11.77 -22.76 -5.86
C VAL B 134 11.59 -24.01 -6.73
N GLY B 135 10.80 -24.97 -6.24
CA GLY B 135 10.38 -26.11 -7.05
C GLY B 135 9.06 -25.80 -7.77
N ALA B 136 9.13 -25.62 -9.09
CA ALA B 136 7.92 -25.34 -9.87
C ALA B 136 7.44 -26.64 -10.49
N ILE B 137 6.14 -26.92 -10.33
CA ILE B 137 5.54 -28.06 -11.01
C ILE B 137 4.27 -27.61 -11.76
N THR B 138 4.29 -27.79 -13.08
CA THR B 138 3.26 -27.22 -13.94
C THR B 138 2.47 -28.29 -14.67
N PRO B 139 1.24 -27.95 -15.13
CA PRO B 139 0.38 -28.91 -15.79
C PRO B 139 0.39 -28.78 -17.32
N PHE B 140 -0.39 -29.64 -17.96
CA PHE B 140 -0.44 -29.73 -19.42
C PHE B 140 -1.27 -28.63 -20.12
N ASN B 141 -2.23 -28.04 -19.41
CA ASN B 141 -3.25 -27.27 -20.12
C ASN B 141 -2.85 -25.88 -20.61
N PHE B 142 -2.15 -25.14 -19.76
CA PHE B 142 -1.48 -23.90 -20.15
C PHE B 142 -0.01 -24.04 -19.75
N PRO B 143 0.72 -24.97 -20.42
CA PRO B 143 2.07 -25.23 -19.95
C PRO B 143 3.01 -24.04 -20.12
N LEU B 144 2.72 -23.13 -21.04
CA LEU B 144 3.59 -21.98 -21.24
C LEU B 144 3.31 -20.86 -20.28
N ASN B 145 2.04 -20.42 -20.20
CA ASN B 145 1.69 -19.32 -19.30
C ASN B 145 1.77 -19.68 -17.81
N LEU B 146 1.40 -20.90 -17.47
CA LEU B 146 1.47 -21.32 -16.07
C LEU B 146 2.93 -21.46 -15.63
N SER B 147 3.81 -21.90 -16.52
CA SER B 147 5.22 -21.92 -16.23
C SER B 147 5.74 -20.50 -16.02
N ALA B 148 5.31 -19.59 -16.90
CA ALA B 148 5.70 -18.19 -16.79
C ALA B 148 5.34 -17.62 -15.41
N HIS B 149 4.13 -17.94 -14.94
CA HIS B 149 3.61 -17.48 -13.67
C HIS B 149 4.37 -18.00 -12.45
N LYS B 150 5.27 -18.95 -12.68
CA LYS B 150 6.09 -19.49 -11.58
C LYS B 150 7.53 -19.08 -11.74
N ILE B 151 8.04 -19.17 -12.97
CA ILE B 151 9.43 -18.84 -13.27
C ILE B 151 9.70 -17.34 -13.20
N ALA B 152 8.79 -16.54 -13.79
CA ALA B 152 9.04 -15.10 -13.89
C ALA B 152 9.15 -14.49 -12.50
N PRO B 153 8.14 -14.69 -11.63
CA PRO B 153 8.35 -14.16 -10.27
C PRO B 153 9.52 -14.81 -9.52
N ALA B 154 9.89 -16.04 -9.87
CA ALA B 154 11.00 -16.72 -9.17
C ALA B 154 12.36 -16.06 -9.47
N ILE B 155 12.56 -15.69 -10.73
CA ILE B 155 13.70 -14.90 -11.14
C ILE B 155 13.66 -13.51 -10.54
N ALA B 156 12.49 -12.87 -10.59
CA ALA B 156 12.27 -11.54 -10.00
C ALA B 156 12.77 -11.45 -8.55
N THR B 157 12.52 -12.50 -7.78
CA THR B 157 12.82 -12.51 -6.36
C THR B 157 14.15 -13.19 -5.99
N GLY B 158 14.99 -13.51 -6.98
CA GLY B 158 16.34 -14.01 -6.68
C GLY B 158 16.43 -15.49 -6.31
N ASN B 159 15.45 -16.28 -6.72
CA ASN B 159 15.47 -17.72 -6.43
C ASN B 159 16.13 -18.54 -7.56
N VAL B 160 16.64 -19.70 -7.17
CA VAL B 160 17.04 -20.75 -8.12
C VAL B 160 15.78 -21.57 -8.37
N ILE B 161 15.68 -22.14 -9.57
CA ILE B 161 14.49 -22.89 -9.95
C ILE B 161 14.83 -24.30 -10.39
N VAL B 162 14.11 -25.27 -9.85
CA VAL B 162 13.99 -26.55 -10.50
C VAL B 162 12.53 -26.76 -10.90
N HIS B 163 12.32 -27.12 -12.17
CA HIS B 163 10.99 -27.09 -12.79
C HIS B 163 10.64 -28.40 -13.50
N HIS B 164 9.64 -29.13 -12.97
CA HIS B 164 9.10 -30.27 -13.71
C HIS B 164 7.86 -29.86 -14.50
N PRO B 165 7.89 -30.02 -15.83
CA PRO B 165 6.70 -29.74 -16.63
C PRO B 165 5.89 -31.01 -16.90
N SER B 166 4.58 -30.87 -17.13
CA SER B 166 3.75 -32.02 -17.48
C SER B 166 4.31 -32.82 -18.65
N SER B 167 4.34 -34.15 -18.48
CA SER B 167 4.80 -35.06 -19.52
C SER B 167 3.84 -35.09 -20.70
N LYS B 168 2.59 -34.70 -20.45
CA LYS B 168 1.56 -34.73 -21.48
C LYS B 168 1.74 -33.66 -22.58
N ALA B 169 2.42 -32.55 -22.27
CA ALA B 169 2.71 -31.48 -23.23
C ALA B 169 4.01 -30.73 -22.93
N PRO B 170 5.15 -31.45 -22.95
CA PRO B 170 6.41 -30.87 -22.48
C PRO B 170 7.13 -29.96 -23.47
N LEU B 171 6.78 -30.06 -24.75
CA LEU B 171 7.60 -29.49 -25.82
C LEU B 171 7.78 -27.99 -25.71
N VAL B 172 6.72 -27.28 -25.36
CA VAL B 172 6.83 -25.84 -25.22
C VAL B 172 7.68 -25.40 -24.01
N CYS B 173 7.72 -26.24 -22.98
CA CYS B 173 8.54 -25.93 -21.80
C CYS B 173 10.00 -26.15 -22.11
N ILE B 174 10.26 -27.08 -23.01
CA ILE B 174 11.61 -27.30 -23.51
C ILE B 174 12.06 -26.07 -24.31
N GLU B 175 11.20 -25.55 -25.16
CA GLU B 175 11.53 -24.33 -25.90
C GLU B 175 11.74 -23.15 -24.98
N LEU B 176 10.93 -23.05 -23.92
CA LEU B 176 11.08 -21.95 -22.97
C LEU B 176 12.39 -22.09 -22.19
N ALA B 177 12.72 -23.30 -21.75
CA ALA B 177 14.02 -23.57 -21.10
C ALA B 177 15.21 -23.10 -21.94
N LYS B 178 15.15 -23.29 -23.25
CA LYS B 178 16.19 -22.82 -24.15
C LYS B 178 16.25 -21.30 -24.25
N ILE B 179 15.08 -20.67 -24.30
CA ILE B 179 14.95 -19.22 -24.28
C ILE B 179 15.58 -18.64 -23.00
N ILE B 180 15.33 -19.30 -21.87
CA ILE B 180 15.86 -18.91 -20.56
C ILE B 180 17.39 -19.07 -20.55
N GLU B 181 17.85 -20.24 -20.99
CA GLU B 181 19.27 -20.51 -21.16
C GLU B 181 19.94 -19.45 -22.06
N ASN B 182 19.28 -19.09 -23.16
CA ASN B 182 19.76 -17.95 -23.96
C ASN B 182 19.86 -16.68 -23.13
N ALA B 183 18.76 -16.25 -22.52
CA ALA B 183 18.75 -15.05 -21.69
C ALA B 183 19.88 -15.07 -20.68
N LEU B 184 20.04 -16.20 -19.99
CA LEU B 184 21.10 -16.35 -19.00
C LEU B 184 22.50 -16.25 -19.60
N LYS B 185 22.71 -16.89 -20.75
CA LYS B 185 23.98 -16.78 -21.43
C LYS B 185 24.32 -15.31 -21.72
N LYS B 186 23.36 -14.59 -22.28
CA LYS B 186 23.54 -13.19 -22.70
C LYS B 186 24.04 -12.27 -21.59
N TYR B 187 23.53 -12.45 -20.37
CA TYR B 187 23.90 -11.59 -19.24
C TYR B 187 24.84 -12.26 -18.23
N ASN B 188 25.60 -13.26 -18.69
CA ASN B 188 26.63 -13.94 -17.89
C ASN B 188 26.20 -14.47 -16.53
N VAL B 189 25.04 -15.09 -16.51
CA VAL B 189 24.53 -15.81 -15.35
C VAL B 189 24.67 -17.30 -15.66
N PRO B 190 25.23 -18.07 -14.72
CA PRO B 190 25.30 -19.53 -14.88
C PRO B 190 23.97 -20.19 -15.21
N LEU B 191 24.01 -21.19 -16.09
CA LEU B 191 22.83 -21.91 -16.55
C LEU B 191 22.14 -22.70 -15.45
N GLY B 192 22.91 -23.07 -14.43
CA GLY B 192 22.40 -23.82 -13.27
C GLY B 192 21.34 -23.15 -12.42
N VAL B 193 21.09 -21.85 -12.63
CA VAL B 193 20.05 -21.15 -11.85
C VAL B 193 18.64 -21.56 -12.26
N TYR B 194 18.48 -22.07 -13.48
CA TYR B 194 17.19 -22.58 -13.90
C TYR B 194 17.34 -23.96 -14.50
N ASN B 195 16.57 -24.91 -14.00
CA ASN B 195 16.74 -26.31 -14.39
C ASN B 195 15.41 -26.96 -14.74
N LEU B 196 15.23 -27.32 -16.02
CA LEU B 196 14.04 -28.05 -16.43
C LEU B 196 14.29 -29.54 -16.33
N LEU B 197 13.50 -30.22 -15.51
CA LEU B 197 13.70 -31.65 -15.23
C LEU B 197 12.53 -32.48 -15.76
N THR B 198 12.75 -33.15 -16.89
CA THR B 198 11.69 -33.91 -17.51
C THR B 198 11.68 -35.33 -16.99
N GLY B 199 10.56 -36.03 -17.15
CA GLY B 199 10.43 -37.43 -16.75
C GLY B 199 9.10 -37.72 -16.11
N ALA B 200 9.00 -38.85 -15.41
CA ALA B 200 7.75 -39.22 -14.72
C ALA B 200 7.51 -38.28 -13.55
N GLY B 201 6.27 -37.79 -13.42
CA GLY B 201 5.90 -36.88 -12.33
C GLY B 201 6.08 -37.51 -10.97
N GLU B 202 5.72 -38.79 -10.89
CA GLU B 202 5.78 -39.57 -9.66
CA GLU B 202 5.78 -39.57 -9.66
C GLU B 202 7.22 -39.91 -9.26
N VAL B 203 8.16 -39.57 -10.14
CA VAL B 203 9.59 -39.72 -9.85
C VAL B 203 10.27 -38.34 -9.72
N VAL B 204 10.27 -37.55 -10.80
CA VAL B 204 10.97 -36.27 -10.82
C VAL B 204 10.22 -35.19 -10.03
N GLY B 205 8.91 -35.04 -10.29
CA GLY B 205 8.09 -34.11 -9.56
C GLY B 205 8.15 -34.47 -8.09
N ASP B 206 7.98 -35.76 -7.79
CA ASP B 206 8.00 -36.20 -6.41
C ASP B 206 9.32 -35.88 -5.66
N GLU B 207 10.46 -36.04 -6.33
CA GLU B 207 11.75 -35.71 -5.70
C GLU B 207 11.88 -34.20 -5.40
N ILE B 208 11.34 -33.36 -6.28
CA ILE B 208 11.27 -31.93 -6.04
C ILE B 208 10.43 -31.60 -4.77
N VAL B 209 9.32 -32.31 -4.59
CA VAL B 209 8.45 -32.16 -3.41
C VAL B 209 9.14 -32.62 -2.12
N VAL B 210 9.84 -33.74 -2.20
CA VAL B 210 10.37 -34.39 -1.00
C VAL B 210 11.72 -33.83 -0.59
N ASN B 211 12.51 -33.39 -1.57
CA ASN B 211 13.90 -33.04 -1.32
C ASN B 211 14.09 -31.88 -0.32
N GLU B 212 14.93 -32.12 0.68
CA GLU B 212 15.09 -31.16 1.77
C GLU B 212 15.83 -29.88 1.38
N LYS B 213 16.41 -29.88 0.18
CA LYS B 213 17.12 -28.71 -0.32
C LYS B 213 16.18 -27.73 -1.06
N VAL B 214 15.01 -28.21 -1.45
CA VAL B 214 13.99 -27.35 -2.07
C VAL B 214 13.31 -26.57 -0.93
N ASN B 215 13.21 -25.26 -1.10
CA ASN B 215 12.65 -24.37 -0.07
C ASN B 215 11.18 -24.04 -0.24
N MET B 216 10.70 -24.17 -1.46
CA MET B 216 9.31 -23.86 -1.78
CA MET B 216 9.29 -23.90 -1.76
C MET B 216 8.82 -24.68 -2.95
N ILE B 217 7.57 -25.16 -2.87
CA ILE B 217 6.90 -25.88 -3.94
C ILE B 217 5.77 -25.03 -4.44
N SER B 218 5.80 -24.70 -5.73
CA SER B 218 4.70 -24.05 -6.37
C SER B 218 4.10 -25.05 -7.34
N PHE B 219 2.92 -25.59 -7.00
CA PHE B 219 2.31 -26.68 -7.77
C PHE B 219 0.97 -26.31 -8.37
N THR B 220 0.84 -26.53 -9.66
CA THR B 220 -0.44 -26.40 -10.36
C THR B 220 -0.72 -27.70 -11.08
N GLY B 221 -1.91 -28.24 -10.87
CA GLY B 221 -2.31 -29.57 -11.33
C GLY B 221 -3.53 -30.13 -10.62
N SER B 222 -3.65 -31.45 -10.62
CA SER B 222 -4.83 -32.11 -10.05
C SER B 222 -4.89 -32.03 -8.52
N SER B 223 -6.12 -32.01 -7.99
CA SER B 223 -6.37 -32.02 -6.55
C SER B 223 -5.77 -33.25 -5.86
N LYS B 224 -5.77 -34.39 -6.55
CA LYS B 224 -5.29 -35.62 -5.95
C LYS B 224 -3.79 -35.57 -5.71
N VAL B 225 -3.03 -35.07 -6.69
CA VAL B 225 -1.59 -34.90 -6.51
C VAL B 225 -1.31 -33.79 -5.50
N GLY B 226 -2.04 -32.69 -5.61
CA GLY B 226 -1.93 -31.58 -4.65
C GLY B 226 -2.08 -32.01 -3.20
N GLU B 227 -3.11 -32.80 -2.92
CA GLU B 227 -3.35 -33.33 -1.59
C GLU B 227 -2.14 -34.14 -1.09
N LEU B 228 -1.57 -34.96 -1.98
CA LEU B 228 -0.38 -35.77 -1.71
C LEU B 228 0.76 -34.87 -1.22
N ILE B 229 1.04 -33.83 -2.01
CA ILE B 229 2.11 -32.89 -1.74
C ILE B 229 2.06 -32.36 -0.32
N THR B 230 0.86 -31.97 0.13
CA THR B 230 0.68 -31.41 1.49
C THR B 230 1.11 -32.39 2.58
N LYS B 231 1.16 -33.68 2.25
CA LYS B 231 1.56 -34.72 3.21
C LYS B 231 3.06 -35.04 3.10
N LYS B 232 3.69 -34.60 2.01
CA LYS B 232 5.05 -35.01 1.67
C LYS B 232 6.05 -33.86 1.54
N ALA B 233 5.58 -32.61 1.51
CA ALA B 233 6.49 -31.51 1.28
C ALA B 233 7.44 -31.27 2.45
N GLY B 234 6.97 -31.57 3.67
CA GLY B 234 7.73 -31.25 4.87
C GLY B 234 7.85 -29.75 5.12
N PHE B 235 9.04 -29.30 5.51
CA PHE B 235 9.25 -27.94 5.99
C PHE B 235 9.61 -27.02 4.82
N LYS B 236 8.64 -26.70 3.98
CA LYS B 236 8.82 -25.78 2.86
C LYS B 236 7.59 -24.92 2.79
N LYS B 237 7.70 -23.77 2.14
CA LYS B 237 6.53 -23.00 1.77
C LYS B 237 5.81 -23.77 0.68
N ILE B 238 4.49 -23.81 0.77
CA ILE B 238 3.67 -24.54 -0.20
C ILE B 238 2.62 -23.63 -0.83
N ALA B 239 2.57 -23.64 -2.15
CA ALA B 239 1.56 -22.93 -2.91
C ALA B 239 0.94 -23.91 -3.88
N LEU B 240 -0.38 -24.03 -3.85
CA LEU B 240 -1.09 -24.99 -4.68
C LEU B 240 -2.23 -24.32 -5.40
N GLU B 241 -2.38 -24.65 -6.68
CA GLU B 241 -3.46 -24.17 -7.53
C GLU B 241 -4.03 -25.42 -8.17
N LEU B 242 -5.11 -25.93 -7.60
CA LEU B 242 -5.71 -27.19 -8.04
C LEU B 242 -6.95 -26.86 -8.89
N GLY B 243 -7.93 -27.74 -8.96
CA GLY B 243 -9.08 -27.38 -9.78
C GLY B 243 -10.31 -27.17 -8.95
N GLY B 244 -11.45 -27.46 -9.58
CA GLY B 244 -12.72 -27.53 -8.90
C GLY B 244 -13.82 -27.70 -9.92
N VAL B 245 -15.04 -27.81 -9.44
CA VAL B 245 -16.18 -27.89 -10.33
C VAL B 245 -16.83 -26.54 -10.21
N ASN B 246 -16.55 -25.67 -11.19
CA ASN B 246 -16.82 -24.24 -11.06
C ASN B 246 -18.27 -23.86 -11.41
N PRO B 247 -19.05 -23.47 -10.38
CA PRO B 247 -20.46 -23.22 -10.61
C PRO B 247 -20.69 -21.83 -11.18
N ASN B 248 -21.55 -21.80 -12.20
CA ASN B 248 -21.91 -20.60 -12.93
C ASN B 248 -23.43 -20.49 -12.80
N ILE B 249 -23.88 -19.36 -12.28
CA ILE B 249 -25.26 -19.19 -11.89
C ILE B 249 -25.97 -18.17 -12.79
N VAL B 250 -27.11 -18.57 -13.35
CA VAL B 250 -27.88 -17.68 -14.23
C VAL B 250 -29.24 -17.33 -13.60
N LEU B 251 -29.35 -16.08 -13.14
CA LEU B 251 -30.57 -15.63 -12.49
C LEU B 251 -31.61 -15.20 -13.51
N LYS B 252 -32.85 -15.09 -13.09
CA LYS B 252 -33.96 -14.85 -14.01
C LYS B 252 -33.91 -13.48 -14.69
N ASP B 253 -33.19 -12.53 -14.09
CA ASP B 253 -33.08 -11.20 -14.67
C ASP B 253 -31.84 -11.03 -15.55
N ALA B 254 -31.07 -12.10 -15.72
CA ALA B 254 -29.83 -12.05 -16.52
C ALA B 254 -30.09 -11.72 -17.98
N ASP B 255 -29.13 -11.03 -18.60
CA ASP B 255 -29.09 -10.90 -20.05
C ASP B 255 -28.73 -12.26 -20.59
N LEU B 256 -29.69 -12.92 -21.24
CA LEU B 256 -29.53 -14.33 -21.62
C LEU B 256 -28.58 -14.47 -22.79
N ASN B 257 -28.67 -13.58 -23.77
CA ASN B 257 -27.74 -13.58 -24.88
C ASN B 257 -26.29 -13.48 -24.43
N LYS B 258 -25.99 -12.51 -23.58
CA LYS B 258 -24.65 -12.37 -23.01
C LYS B 258 -24.27 -13.57 -22.15
N ALA B 259 -25.21 -14.09 -21.38
CA ALA B 259 -24.91 -15.24 -20.52
C ALA B 259 -24.54 -16.46 -21.38
N VAL B 260 -25.35 -16.72 -22.41
CA VAL B 260 -25.11 -17.82 -23.33
C VAL B 260 -23.72 -17.73 -23.96
N ASN B 261 -23.41 -16.60 -24.60
CA ASN B 261 -22.09 -16.36 -25.19
C ASN B 261 -20.93 -16.54 -24.19
N ALA B 262 -21.08 -15.95 -23.01
CA ALA B 262 -20.03 -16.06 -22.01
C ALA B 262 -19.88 -17.52 -21.59
N LEU B 263 -21.00 -18.22 -21.45
CA LEU B 263 -20.97 -19.59 -20.96
C LEU B 263 -20.50 -20.61 -21.98
N ILE B 264 -20.73 -20.34 -23.26
CA ILE B 264 -20.16 -21.18 -24.35
C ILE B 264 -18.62 -21.16 -24.28
N LYS B 265 -18.05 -19.96 -24.22
CA LYS B 265 -16.60 -19.79 -24.03
C LYS B 265 -16.13 -20.50 -22.77
N GLY B 266 -16.74 -20.18 -21.63
CA GLY B 266 -16.30 -20.74 -20.36
C GLY B 266 -16.41 -22.24 -20.30
N SER B 267 -17.40 -22.79 -21.00
CA SER B 267 -17.60 -24.25 -21.11
C SER B 267 -16.64 -24.95 -22.09
N PHE B 268 -16.34 -24.32 -23.22
CA PHE B 268 -15.72 -25.08 -24.32
C PHE B 268 -14.32 -24.67 -24.77
N ILE B 269 -13.85 -23.52 -24.30
CA ILE B 269 -12.46 -23.13 -24.48
C ILE B 269 -11.54 -24.27 -24.03
N TYR B 270 -10.57 -24.60 -24.89
CA TYR B 270 -9.63 -25.70 -24.64
C TYR B 270 -10.33 -27.01 -24.23
N ALA B 271 -11.46 -27.29 -24.89
CA ALA B 271 -12.28 -28.50 -24.60
C ALA B 271 -12.59 -28.70 -23.12
N GLY B 272 -12.86 -27.61 -22.38
CA GLY B 272 -13.20 -27.74 -20.95
C GLY B 272 -12.05 -28.13 -20.03
N GLN B 273 -10.81 -28.11 -20.56
CA GLN B 273 -9.64 -28.53 -19.80
C GLN B 273 -8.90 -27.35 -19.15
N VAL B 274 -9.65 -26.45 -18.53
CA VAL B 274 -9.04 -25.34 -17.83
C VAL B 274 -9.48 -25.51 -16.38
N CYS B 275 -8.59 -25.24 -15.43
CA CYS B 275 -8.92 -25.38 -14.01
CA CYS B 275 -8.88 -25.32 -14.00
C CYS B 275 -10.15 -24.54 -13.63
N ILE B 276 -10.40 -23.46 -14.39
CA ILE B 276 -11.56 -22.58 -14.14
C ILE B 276 -12.70 -22.66 -15.17
N SER B 277 -12.69 -23.71 -15.99
CA SER B 277 -13.78 -24.08 -16.89
C SER B 277 -15.08 -24.19 -16.12
N VAL B 278 -16.19 -23.94 -16.81
CA VAL B 278 -17.52 -24.14 -16.25
C VAL B 278 -17.66 -25.61 -15.85
N GLY B 279 -17.99 -25.87 -14.59
CA GLY B 279 -18.20 -27.24 -14.12
C GLY B 279 -19.67 -27.56 -13.96
N MET B 280 -20.46 -26.53 -13.69
CA MET B 280 -21.91 -26.68 -13.62
C MET B 280 -22.55 -25.35 -13.91
N ILE B 281 -23.75 -25.39 -14.48
CA ILE B 281 -24.54 -24.20 -14.68
C ILE B 281 -25.82 -24.35 -13.88
N LEU B 282 -26.10 -23.38 -13.02
CA LEU B 282 -27.37 -23.34 -12.29
C LEU B 282 -28.23 -22.23 -12.88
N VAL B 283 -29.42 -22.60 -13.33
CA VAL B 283 -30.27 -21.66 -14.02
C VAL B 283 -31.64 -21.63 -13.37
N ASP B 284 -32.16 -20.42 -13.20
CA ASP B 284 -33.49 -20.28 -12.63
C ASP B 284 -34.50 -21.00 -13.52
N GLU B 285 -35.42 -21.73 -12.89
CA GLU B 285 -36.38 -22.57 -13.63
C GLU B 285 -37.33 -21.80 -14.53
N SER B 286 -37.59 -20.55 -14.18
CA SER B 286 -38.54 -19.75 -14.96
C SER B 286 -37.91 -19.33 -16.28
N ILE B 287 -36.58 -19.50 -16.38
CA ILE B 287 -35.86 -19.22 -17.64
C ILE B 287 -35.06 -20.40 -18.17
N ALA B 288 -35.16 -21.56 -17.51
CA ALA B 288 -34.34 -22.72 -17.90
C ALA B 288 -34.50 -23.12 -19.38
N ASP B 289 -35.74 -23.32 -19.85
CA ASP B 289 -35.95 -23.81 -21.21
C ASP B 289 -35.40 -22.84 -22.27
N LYS B 290 -35.61 -21.54 -22.08
CA LYS B 290 -35.07 -20.52 -22.99
C LYS B 290 -33.55 -20.60 -22.99
N PHE B 291 -32.93 -20.58 -21.80
CA PHE B 291 -31.49 -20.61 -21.74
C PHE B 291 -30.91 -21.89 -22.35
N ILE B 292 -31.47 -23.05 -21.99
CA ILE B 292 -30.98 -24.34 -22.44
C ILE B 292 -31.03 -24.44 -23.97
N GLU B 293 -32.15 -24.03 -24.55
CA GLU B 293 -32.33 -24.01 -26.00
C GLU B 293 -31.24 -23.22 -26.71
N MET B 294 -31.06 -21.96 -26.30
CA MET B 294 -30.05 -21.08 -26.88
C MET B 294 -28.63 -21.62 -26.65
N PHE B 295 -28.40 -22.19 -25.48
CA PHE B 295 -27.06 -22.70 -25.14
C PHE B 295 -26.69 -23.94 -25.98
N VAL B 296 -27.62 -24.87 -26.06
CA VAL B 296 -27.46 -26.06 -26.87
C VAL B 296 -27.30 -25.69 -28.35
N ASN B 297 -28.08 -24.72 -28.82
CA ASN B 297 -28.02 -24.30 -30.22
C ASN B 297 -26.67 -23.71 -30.61
N LYS B 298 -26.09 -22.94 -29.70
CA LYS B 298 -24.79 -22.32 -29.95
C LYS B 298 -23.68 -23.37 -29.89
N ALA B 299 -23.83 -24.32 -28.99
CA ALA B 299 -22.85 -25.40 -28.82
C ALA B 299 -22.81 -26.32 -30.04
N LYS B 300 -23.96 -26.45 -30.70
CA LYS B 300 -24.17 -27.36 -31.85
C LYS B 300 -23.27 -27.04 -33.03
N VAL B 301 -22.97 -25.76 -33.18
CA VAL B 301 -22.30 -25.27 -34.38
C VAL B 301 -20.80 -25.02 -34.21
N LEU B 302 -20.26 -25.38 -33.06
CA LEU B 302 -18.81 -25.27 -32.82
C LEU B 302 -18.06 -26.25 -33.72
N ASN B 303 -16.89 -25.86 -34.21
CA ASN B 303 -16.08 -26.78 -35.03
C ASN B 303 -15.13 -27.62 -34.20
N VAL B 304 -15.40 -28.91 -34.18
CA VAL B 304 -14.63 -29.88 -33.44
C VAL B 304 -13.67 -30.60 -34.40
N GLY B 305 -12.38 -30.58 -34.10
CA GLY B 305 -11.40 -31.22 -34.96
C GLY B 305 -9.97 -30.83 -34.71
N ASN B 306 -9.22 -30.71 -35.80
CA ASN B 306 -7.77 -30.49 -35.78
C ASN B 306 -7.42 -29.09 -35.26
N PRO B 307 -6.68 -29.01 -34.13
CA PRO B 307 -6.25 -27.77 -33.50
C PRO B 307 -5.42 -26.86 -34.39
N LEU B 308 -4.78 -27.44 -35.41
CA LEU B 308 -3.96 -26.67 -36.37
C LEU B 308 -4.82 -25.87 -37.36
N ASP B 309 -6.02 -26.34 -37.64
CA ASP B 309 -6.95 -25.65 -38.54
C ASP B 309 -7.46 -24.37 -37.88
N GLU B 310 -7.33 -23.24 -38.57
CA GLU B 310 -7.81 -21.95 -38.07
C GLU B 310 -9.31 -21.97 -37.69
N LYS B 311 -10.10 -22.75 -38.42
CA LYS B 311 -11.54 -22.78 -38.16
C LYS B 311 -11.92 -23.46 -36.82
N THR B 312 -11.00 -24.27 -36.29
CA THR B 312 -11.26 -25.13 -35.13
C THR B 312 -11.51 -24.41 -33.81
N ASP B 313 -12.67 -24.70 -33.22
CA ASP B 313 -13.05 -24.18 -31.91
C ASP B 313 -12.64 -25.13 -30.82
N VAL B 314 -12.89 -26.42 -31.05
CA VAL B 314 -12.68 -27.47 -30.06
C VAL B 314 -11.78 -28.55 -30.65
N GLY B 315 -10.63 -28.76 -30.01
CA GLY B 315 -9.73 -29.84 -30.36
C GLY B 315 -9.91 -31.02 -29.41
N PRO B 316 -8.99 -32.00 -29.45
CA PRO B 316 -9.15 -33.23 -28.69
C PRO B 316 -8.78 -33.05 -27.22
N LEU B 317 -9.12 -34.03 -26.40
CA LEU B 317 -8.67 -34.03 -25.02
C LEU B 317 -7.21 -34.51 -24.99
N ILE B 318 -6.55 -34.34 -23.85
CA ILE B 318 -5.10 -34.57 -23.77
C ILE B 318 -4.71 -36.05 -24.01
N SER B 319 -5.59 -37.01 -23.72
CA SER B 319 -5.29 -38.43 -23.97
C SER B 319 -6.55 -39.25 -24.18
N VAL B 320 -6.44 -40.36 -24.91
CA VAL B 320 -7.53 -41.31 -25.11
C VAL B 320 -8.00 -41.82 -23.77
N GLU B 321 -7.04 -42.07 -22.89
CA GLU B 321 -7.29 -42.68 -21.58
C GLU B 321 -8.20 -41.79 -20.72
N HIS B 322 -7.96 -40.48 -20.76
CA HIS B 322 -8.84 -39.52 -20.10
C HIS B 322 -10.21 -39.41 -20.76
N ALA B 323 -10.22 -39.39 -22.10
CA ALA B 323 -11.43 -39.41 -22.88
C ALA B 323 -12.32 -40.62 -22.58
N GLU B 324 -11.69 -41.79 -22.39
CA GLU B 324 -12.42 -43.02 -22.06
C GLU B 324 -13.06 -42.93 -20.68
N TRP B 325 -12.36 -42.25 -19.76
CA TRP B 325 -12.85 -42.11 -18.39
C TRP B 325 -14.06 -41.17 -18.39
N VAL B 326 -13.92 -40.03 -19.08
CA VAL B 326 -15.02 -39.08 -19.26
C VAL B 326 -16.25 -39.75 -19.85
N GLU B 327 -16.04 -40.59 -20.86
CA GLU B 327 -17.13 -41.36 -21.44
C GLU B 327 -17.89 -42.14 -20.36
N LYS B 328 -17.14 -42.82 -19.50
CA LYS B 328 -17.72 -43.57 -18.39
C LYS B 328 -18.38 -42.67 -17.36
N VAL B 329 -17.86 -41.44 -17.19
CA VAL B 329 -18.46 -40.49 -16.27
C VAL B 329 -19.83 -40.05 -16.81
N VAL B 330 -19.89 -39.81 -18.12
CA VAL B 330 -21.13 -39.38 -18.75
C VAL B 330 -22.22 -40.47 -18.64
N GLU B 331 -21.84 -41.72 -18.91
CA GLU B 331 -22.77 -42.86 -18.78
C GLU B 331 -23.33 -43.00 -17.36
N LYS B 332 -22.48 -42.82 -16.35
CA LYS B 332 -22.92 -42.85 -14.96
C LYS B 332 -23.92 -41.71 -14.69
N ALA B 333 -23.63 -40.52 -15.21
CA ALA B 333 -24.51 -39.36 -15.03
C ALA B 333 -25.88 -39.59 -15.66
N ILE B 334 -25.91 -40.20 -16.85
CA ILE B 334 -27.17 -40.59 -17.49
C ILE B 334 -27.93 -41.68 -16.70
N ASP B 335 -27.19 -42.65 -16.17
CA ASP B 335 -27.77 -43.72 -15.35
C ASP B 335 -28.47 -43.18 -14.11
N GLU B 336 -27.94 -42.09 -13.55
CA GLU B 336 -28.52 -41.46 -12.36
C GLU B 336 -29.73 -40.61 -12.71
N GLY B 337 -30.07 -40.55 -13.99
CA GLY B 337 -31.25 -39.85 -14.44
C GLY B 337 -31.01 -38.59 -15.26
N GLY B 338 -29.75 -38.25 -15.49
CA GLY B 338 -29.38 -37.13 -16.34
C GLY B 338 -29.92 -37.26 -17.76
N LYS B 339 -30.39 -36.14 -18.30
CA LYS B 339 -30.99 -36.07 -19.62
C LYS B 339 -29.97 -35.48 -20.60
N LEU B 340 -29.53 -36.30 -21.55
CA LEU B 340 -28.51 -35.90 -22.51
C LEU B 340 -29.15 -34.98 -23.54
N LEU B 341 -28.58 -33.78 -23.69
CA LEU B 341 -29.13 -32.78 -24.60
C LEU B 341 -28.29 -32.62 -25.89
N LEU B 342 -27.02 -33.00 -25.83
CA LEU B 342 -26.08 -32.85 -26.94
C LEU B 342 -24.81 -33.63 -26.65
N GLY B 343 -24.26 -34.27 -27.68
CA GLY B 343 -22.91 -34.83 -27.63
C GLY B 343 -22.91 -36.17 -26.96
N GLY B 344 -22.09 -36.33 -25.93
CA GLY B 344 -21.99 -37.60 -25.21
C GLY B 344 -21.37 -38.68 -26.06
N LYS B 345 -20.39 -38.27 -26.88
CA LYS B 345 -19.77 -39.10 -27.91
C LYS B 345 -18.31 -38.68 -28.09
N ARG B 346 -17.50 -39.56 -28.66
CA ARG B 346 -16.09 -39.27 -28.90
C ARG B 346 -15.53 -40.06 -30.08
N ASP B 347 -14.43 -39.53 -30.63
CA ASP B 347 -13.66 -40.21 -31.67
C ASP B 347 -12.23 -40.29 -31.17
N LYS B 348 -11.86 -41.43 -30.61
CA LYS B 348 -10.62 -41.55 -29.85
C LYS B 348 -10.60 -40.45 -28.75
N ALA B 349 -9.58 -39.57 -28.76
CA ALA B 349 -9.47 -38.52 -27.75
C ALA B 349 -10.32 -37.30 -28.05
N LEU B 350 -10.87 -37.19 -29.26
CA LEU B 350 -11.71 -36.04 -29.62
C LEU B 350 -13.10 -36.17 -28.98
N PHE B 351 -13.40 -35.32 -28.02
CA PHE B 351 -14.66 -35.42 -27.27
C PHE B 351 -15.56 -34.28 -27.66
N TYR B 352 -16.79 -34.59 -28.01
CA TYR B 352 -17.69 -33.56 -28.54
C TYR B 352 -18.38 -32.78 -27.45
N PRO B 353 -18.69 -31.51 -27.73
CA PRO B 353 -19.45 -30.73 -26.77
C PRO B 353 -20.68 -31.52 -26.26
N THR B 354 -20.72 -31.68 -24.94
CA THR B 354 -21.68 -32.54 -24.27
C THR B 354 -22.39 -31.78 -23.19
N ILE B 355 -23.72 -31.82 -23.25
CA ILE B 355 -24.57 -31.05 -22.36
C ILE B 355 -25.67 -31.95 -21.83
N LEU B 356 -25.89 -31.89 -20.52
CA LEU B 356 -26.89 -32.69 -19.87
C LEU B 356 -27.65 -31.83 -18.87
N GLU B 357 -28.94 -32.13 -18.71
CA GLU B 357 -29.72 -31.57 -17.61
C GLU B 357 -29.73 -32.58 -16.49
N VAL B 358 -29.33 -32.14 -15.30
CA VAL B 358 -29.21 -33.03 -14.14
C VAL B 358 -29.82 -32.39 -12.88
N ASP B 359 -29.95 -33.19 -11.82
CA ASP B 359 -30.28 -32.64 -10.51
C ASP B 359 -29.01 -32.51 -9.65
N ARG B 360 -29.16 -31.89 -8.48
CA ARG B 360 -27.99 -31.53 -7.67
CA ARG B 360 -28.01 -31.53 -7.65
C ARG B 360 -27.20 -32.72 -7.10
N ASP B 361 -27.79 -33.92 -7.13
CA ASP B 361 -27.09 -35.13 -6.64
C ASP B 361 -26.27 -35.86 -7.71
N ASN B 362 -26.34 -35.38 -8.96
CA ASN B 362 -25.66 -36.02 -10.07
C ASN B 362 -24.13 -35.99 -9.91
N ILE B 363 -23.49 -37.10 -10.30
CA ILE B 363 -22.03 -37.26 -10.24
C ILE B 363 -21.27 -36.10 -10.88
N LEU B 364 -21.86 -35.45 -11.89
CA LEU B 364 -21.19 -34.32 -12.57
C LEU B 364 -21.04 -33.09 -11.69
N CYS B 365 -21.96 -32.91 -10.73
CA CYS B 365 -21.88 -31.80 -9.76
C CYS B 365 -20.69 -31.91 -8.78
N LYS B 366 -20.10 -33.10 -8.68
CA LYS B 366 -19.04 -33.36 -7.72
C LYS B 366 -17.72 -33.76 -8.38
N THR B 367 -17.70 -33.81 -9.71
CA THR B 367 -16.54 -34.30 -10.44
C THR B 367 -16.02 -33.27 -11.44
N GLU B 368 -14.74 -32.93 -11.33
CA GLU B 368 -14.08 -32.09 -12.33
C GLU B 368 -13.62 -33.02 -13.45
N THR B 369 -14.23 -32.87 -14.63
CA THR B 369 -14.07 -33.82 -15.71
C THR B 369 -12.95 -33.41 -16.65
N PHE B 370 -12.59 -32.14 -16.66
CA PHE B 370 -11.56 -31.64 -17.60
C PHE B 370 -11.92 -32.10 -19.00
N ALA B 371 -13.10 -31.67 -19.43
CA ALA B 371 -13.72 -32.17 -20.63
C ALA B 371 -14.87 -31.23 -21.04
N PRO B 372 -15.24 -31.22 -22.35
CA PRO B 372 -16.30 -30.29 -22.75
C PRO B 372 -17.68 -30.83 -22.35
N VAL B 373 -17.89 -31.04 -21.04
CA VAL B 373 -19.09 -31.75 -20.55
C VAL B 373 -19.79 -30.87 -19.54
N ILE B 374 -21.02 -30.45 -19.85
CA ILE B 374 -21.69 -29.43 -19.05
C ILE B 374 -23.04 -29.88 -18.48
N PRO B 375 -23.10 -30.05 -17.15
CA PRO B 375 -24.38 -30.28 -16.50
C PRO B 375 -25.10 -28.96 -16.19
N ILE B 376 -26.41 -28.96 -16.41
CA ILE B 376 -27.26 -27.80 -16.15
C ILE B 376 -28.30 -28.25 -15.13
N ILE B 377 -28.46 -27.46 -14.07
CA ILE B 377 -29.47 -27.71 -13.06
C ILE B 377 -30.44 -26.56 -13.00
N ARG B 378 -31.71 -26.83 -13.29
CA ARG B 378 -32.73 -25.81 -13.10
C ARG B 378 -33.15 -25.85 -11.64
N THR B 379 -33.18 -24.68 -11.02
CA THR B 379 -33.53 -24.60 -9.61
C THR B 379 -34.16 -23.24 -9.29
N ASN B 380 -34.50 -23.03 -8.03
CA ASN B 380 -34.92 -21.73 -7.55
C ASN B 380 -33.71 -20.98 -7.03
N GLU B 381 -33.78 -19.67 -7.11
CA GLU B 381 -32.70 -18.80 -6.66
C GLU B 381 -32.16 -19.16 -5.26
N GLU B 382 -33.07 -19.40 -4.32
CA GLU B 382 -32.65 -19.54 -2.92
C GLU B 382 -31.92 -20.84 -2.59
N GLU B 383 -31.80 -21.76 -3.56
CA GLU B 383 -31.03 -23.00 -3.38
C GLU B 383 -29.67 -22.94 -4.07
N MET B 384 -29.45 -21.89 -4.86
CA MET B 384 -28.30 -21.78 -5.73
C MET B 384 -26.97 -21.66 -4.99
N ILE B 385 -26.94 -20.79 -3.96
CA ILE B 385 -25.74 -20.62 -3.13
C ILE B 385 -25.37 -21.94 -2.44
N ASP B 386 -26.35 -22.64 -1.86
CA ASP B 386 -26.12 -23.96 -1.26
C ASP B 386 -25.54 -24.96 -2.25
N ILE B 387 -26.12 -25.05 -3.45
CA ILE B 387 -25.63 -25.98 -4.47
C ILE B 387 -24.21 -25.58 -4.92
N ALA B 388 -23.99 -24.29 -5.14
CA ALA B 388 -22.67 -23.83 -5.57
C ALA B 388 -21.60 -24.18 -4.53
N ASN B 389 -21.94 -24.02 -3.26
CA ASN B 389 -21.00 -24.21 -2.16
C ASN B 389 -20.87 -25.67 -1.70
N SER B 390 -21.66 -26.58 -2.28
CA SER B 390 -21.77 -27.96 -1.76
C SER B 390 -20.65 -28.92 -2.18
N THR B 391 -19.64 -28.44 -2.89
CA THR B 391 -18.52 -29.29 -3.25
C THR B 391 -17.37 -29.07 -2.28
N GLU B 392 -16.32 -29.87 -2.42
CA GLU B 392 -15.15 -29.75 -1.57
C GLU B 392 -14.17 -28.68 -2.07
N TYR B 393 -14.44 -28.18 -3.28
CA TYR B 393 -13.58 -27.20 -3.96
C TYR B 393 -14.09 -25.77 -3.81
N GLY B 394 -13.32 -24.80 -4.31
CA GLY B 394 -13.60 -23.41 -4.06
C GLY B 394 -12.69 -22.54 -4.89
N LEU B 395 -12.62 -22.85 -6.19
CA LEU B 395 -11.79 -22.03 -7.07
C LEU B 395 -12.52 -20.79 -7.60
N HIS B 396 -13.26 -20.92 -8.70
CA HIS B 396 -14.02 -19.81 -9.29
C HIS B 396 -15.51 -20.10 -9.36
N SER B 397 -16.29 -19.04 -9.21
CA SER B 397 -17.73 -19.10 -9.35
C SER B 397 -18.18 -17.89 -10.17
N ALA B 398 -19.39 -17.95 -10.71
CA ALA B 398 -19.88 -16.85 -11.52
C ALA B 398 -21.36 -16.68 -11.37
N ILE B 399 -21.81 -15.44 -11.48
CA ILE B 399 -23.24 -15.15 -11.43
C ILE B 399 -23.62 -14.15 -12.51
N PHE B 400 -24.77 -14.40 -13.14
CA PHE B 400 -25.30 -13.52 -14.17
C PHE B 400 -26.60 -12.94 -13.67
N THR B 401 -26.60 -11.63 -13.52
CA THR B 401 -27.74 -10.88 -13.03
C THR B 401 -27.46 -9.39 -13.36
N ASN B 402 -28.52 -8.57 -13.35
CA ASN B 402 -28.39 -7.10 -13.44
C ASN B 402 -28.89 -6.45 -12.12
N ASP B 403 -29.01 -7.25 -11.06
CA ASP B 403 -29.61 -6.84 -9.78
C ASP B 403 -28.50 -6.58 -8.76
N ILE B 404 -28.36 -5.31 -8.34
CA ILE B 404 -27.26 -4.89 -7.50
C ILE B 404 -27.20 -5.73 -6.21
N ASN B 405 -28.29 -5.75 -5.47
CA ASN B 405 -28.29 -6.45 -4.18
C ASN B 405 -27.98 -7.94 -4.25
N LYS B 406 -28.56 -8.62 -5.24
CA LYS B 406 -28.35 -10.06 -5.41
C LYS B 406 -26.89 -10.31 -5.76
N SER B 407 -26.32 -9.46 -6.62
CA SER B 407 -24.94 -9.69 -7.05
C SER B 407 -24.03 -9.60 -5.85
N LEU B 408 -24.34 -8.69 -4.93
CA LEU B 408 -23.57 -8.51 -3.73
C LEU B 408 -23.73 -9.65 -2.74
N LYS B 409 -24.97 -10.10 -2.55
CA LYS B 409 -25.25 -11.22 -1.68
C LYS B 409 -24.51 -12.48 -2.14
N PHE B 410 -24.62 -12.79 -3.43
CA PHE B 410 -23.91 -13.93 -4.02
C PHE B 410 -22.41 -13.75 -3.94
N ALA B 411 -21.90 -12.56 -4.31
CA ALA B 411 -20.46 -12.29 -4.28
C ALA B 411 -19.88 -12.59 -2.90
N GLU B 412 -20.61 -12.22 -1.87
CA GLU B 412 -20.14 -12.38 -0.50
C GLU B 412 -20.25 -13.81 0.04
N ASN B 413 -21.28 -14.53 -0.40
CA ASN B 413 -21.64 -15.82 0.20
C ASN B 413 -21.14 -17.04 -0.57
N LEU B 414 -20.69 -16.81 -1.81
CA LEU B 414 -20.08 -17.86 -2.61
C LEU B 414 -18.67 -18.15 -2.07
N GLU B 415 -18.44 -19.36 -1.57
CA GLU B 415 -17.17 -19.70 -0.91
C GLU B 415 -16.08 -20.09 -1.93
N PHE B 416 -15.43 -19.08 -2.52
CA PHE B 416 -14.56 -19.25 -3.68
C PHE B 416 -13.45 -18.22 -3.70
N GLY B 417 -12.30 -18.59 -4.29
CA GLY B 417 -11.18 -17.65 -4.45
C GLY B 417 -11.49 -16.55 -5.44
N GLY B 418 -12.41 -16.83 -6.38
CA GLY B 418 -12.85 -15.84 -7.37
C GLY B 418 -14.35 -15.91 -7.67
N VAL B 419 -14.98 -14.73 -7.78
CA VAL B 419 -16.39 -14.59 -8.17
C VAL B 419 -16.48 -13.65 -9.37
N VAL B 420 -17.07 -14.15 -10.47
CA VAL B 420 -17.20 -13.36 -11.67
C VAL B 420 -18.65 -12.99 -11.84
N ILE B 421 -18.91 -11.71 -12.02
CA ILE B 421 -20.27 -11.22 -12.26
C ILE B 421 -20.43 -10.81 -13.74
N ASN B 422 -21.33 -11.52 -14.42
CA ASN B 422 -21.71 -11.28 -15.80
C ASN B 422 -20.67 -11.71 -16.82
N ASP B 423 -19.80 -12.63 -16.38
CA ASP B 423 -18.94 -13.39 -17.27
C ASP B 423 -18.77 -14.72 -16.57
N SER B 424 -18.29 -15.73 -17.28
CA SER B 424 -18.18 -17.08 -16.72
C SER B 424 -16.98 -17.20 -15.78
N SER B 425 -16.87 -18.35 -15.11
CA SER B 425 -15.80 -18.65 -14.20
C SER B 425 -14.42 -18.67 -14.87
N LEU B 426 -14.40 -18.90 -16.18
CA LEU B 426 -13.15 -19.00 -16.91
C LEU B 426 -12.30 -17.72 -16.79
N PHE B 427 -12.92 -16.56 -16.66
CA PHE B 427 -12.17 -15.31 -16.58
C PHE B 427 -10.97 -15.27 -15.62
N ARG B 428 -9.79 -14.98 -16.17
CA ARG B 428 -8.62 -14.62 -15.38
C ARG B 428 -7.79 -13.50 -16.02
N GLN B 429 -7.76 -12.34 -15.39
CA GLN B 429 -6.83 -11.27 -15.81
C GLN B 429 -5.51 -11.59 -15.14
N ASP B 430 -4.44 -11.67 -15.91
CA ASP B 430 -3.15 -12.17 -15.39
C ASP B 430 -2.58 -11.33 -14.25
N ASN B 431 -2.92 -10.06 -14.18
CA ASN B 431 -2.36 -9.22 -13.11
C ASN B 431 -3.20 -9.20 -11.81
N MET B 432 -4.26 -10.01 -11.78
CA MET B 432 -5.11 -10.10 -10.59
C MET B 432 -4.64 -11.24 -9.69
N PRO B 433 -4.85 -11.12 -8.37
CA PRO B 433 -4.55 -12.29 -7.51
C PRO B 433 -5.46 -13.45 -7.86
N PHE B 434 -4.89 -14.62 -8.00
CA PHE B 434 -5.64 -15.75 -8.52
C PHE B 434 -5.36 -16.98 -7.68
N GLY B 435 -6.41 -17.73 -7.36
CA GLY B 435 -6.26 -18.97 -6.60
C GLY B 435 -7.51 -19.38 -5.84
N GLY B 436 -7.45 -20.51 -5.15
CA GLY B 436 -8.66 -21.10 -4.60
C GLY B 436 -8.65 -21.22 -3.09
N VAL B 437 -9.82 -21.58 -2.54
CA VAL B 437 -9.96 -21.92 -1.14
C VAL B 437 -10.47 -23.37 -1.07
N LYS B 438 -10.79 -23.84 0.13
CA LYS B 438 -11.12 -25.26 0.36
C LYS B 438 -10.06 -26.12 -0.33
N LYS B 439 -10.44 -27.21 -0.98
CA LYS B 439 -9.43 -28.10 -1.58
C LYS B 439 -8.91 -27.59 -2.94
N SER B 440 -9.24 -26.35 -3.31
CA SER B 440 -8.80 -25.81 -4.58
C SER B 440 -7.42 -25.18 -4.48
N GLY B 441 -6.88 -25.09 -3.27
CA GLY B 441 -5.47 -24.75 -3.14
C GLY B 441 -5.05 -23.83 -2.01
N LEU B 442 -3.81 -23.34 -2.14
CA LEU B 442 -3.19 -22.48 -1.14
C LEU B 442 -2.38 -21.43 -1.85
N GLY B 443 -2.50 -20.19 -1.39
CA GLY B 443 -1.65 -19.15 -1.90
C GLY B 443 -2.19 -18.57 -3.17
N ARG B 444 -1.65 -17.43 -3.56
CA ARG B 444 -2.14 -16.78 -4.77
C ARG B 444 -1.05 -16.59 -5.80
N GLU B 445 -1.44 -16.67 -7.07
CA GLU B 445 -0.55 -16.31 -8.18
C GLU B 445 -1.04 -15.02 -8.86
N GLY B 446 -0.44 -14.69 -9.99
CA GLY B 446 -0.35 -13.30 -10.44
C GLY B 446 1.02 -12.85 -9.96
N VAL B 447 1.83 -12.35 -10.90
CA VAL B 447 3.26 -12.10 -10.68
C VAL B 447 3.58 -11.45 -9.33
N LYS B 448 2.87 -10.36 -9.02
CA LYS B 448 3.14 -9.60 -7.80
C LYS B 448 2.89 -10.44 -6.53
N TYR B 449 1.82 -11.24 -6.57
CA TYR B 449 1.45 -12.09 -5.44
C TYR B 449 2.39 -13.28 -5.30
N ALA B 450 2.73 -13.91 -6.43
CA ALA B 450 3.69 -14.98 -6.45
C ALA B 450 5.04 -14.49 -5.90
N MET B 451 5.42 -13.26 -6.23
CA MET B 451 6.64 -12.70 -5.69
C MET B 451 6.62 -12.69 -4.18
N GLU B 452 5.49 -12.32 -3.59
CA GLU B 452 5.42 -12.29 -2.13
C GLU B 452 5.51 -13.69 -1.51
N GLU B 453 5.03 -14.71 -2.22
CA GLU B 453 5.12 -16.08 -1.70
C GLU B 453 6.56 -16.61 -1.89
N MET B 454 7.23 -16.14 -2.93
CA MET B 454 8.54 -16.70 -3.30
C MET B 454 9.70 -15.89 -2.65
N SER B 455 9.33 -14.98 -1.75
CA SER B 455 10.31 -14.29 -0.92
C SER B 455 9.93 -14.32 0.55
N ASN B 456 10.92 -14.15 1.44
CA ASN B 456 10.73 -14.06 2.87
C ASN B 456 10.95 -12.59 3.27
N ILE B 457 10.20 -12.09 4.26
CA ILE B 457 10.44 -10.75 4.77
C ILE B 457 11.63 -10.79 5.77
N LYS B 458 12.42 -9.72 5.78
CA LYS B 458 13.45 -9.52 6.80
C LYS B 458 13.13 -8.19 7.42
N THR B 459 13.08 -8.13 8.74
CA THR B 459 12.82 -6.88 9.46
C THR B 459 14.15 -6.33 10.00
N ILE B 460 14.45 -5.08 9.67
CA ILE B 460 15.74 -4.46 10.04
C ILE B 460 15.45 -3.28 10.93
N ILE B 461 15.99 -3.34 12.14
CA ILE B 461 15.75 -2.32 13.15
C ILE B 461 17.06 -1.58 13.45
N ILE B 462 17.11 -0.28 13.15
CA ILE B 462 18.27 0.53 13.52
C ILE B 462 17.95 1.36 14.74
N SER B 463 18.67 1.16 15.83
CA SER B 463 18.47 1.96 17.03
C SER B 463 19.13 3.33 16.86
N LYS B 464 18.41 4.39 17.22
CA LYS B 464 18.86 5.78 17.07
C LYS B 464 19.42 6.29 18.39
N ILE C 9 -5.19 36.66 26.23
CA ILE C 9 -6.10 37.79 26.58
C ILE C 9 -7.57 37.40 26.58
N ASN C 10 -8.17 37.42 27.77
CA ASN C 10 -9.61 37.22 27.93
C ASN C 10 -10.32 38.56 28.14
N ARG C 11 -10.62 39.23 27.02
CA ARG C 11 -11.56 40.33 26.99
C ARG C 11 -12.93 39.77 26.67
N GLU C 12 -13.90 40.66 26.48
CA GLU C 12 -15.24 40.26 26.04
C GLU C 12 -15.73 41.17 24.92
N ASP C 13 -15.39 40.81 23.68
CA ASP C 13 -15.60 41.67 22.51
C ASP C 13 -16.80 41.35 21.63
N MET C 14 -17.16 40.08 21.51
CA MET C 14 -18.08 39.65 20.46
C MET C 14 -19.24 38.82 21.02
N ASP C 15 -20.45 39.09 20.51
CA ASP C 15 -21.67 38.41 20.93
C ASP C 15 -21.75 36.99 20.38
N VAL C 16 -22.06 36.02 21.25
CA VAL C 16 -22.37 34.66 20.80
C VAL C 16 -23.86 34.43 20.95
N ILE C 17 -24.52 34.05 19.86
CA ILE C 17 -25.99 33.94 19.79
C ILE C 17 -26.52 32.51 19.88
N ASN C 18 -27.59 32.33 20.65
CA ASN C 18 -28.39 31.13 20.57
C ASN C 18 -29.33 31.29 19.38
N PRO C 19 -29.14 30.48 18.33
CA PRO C 19 -29.92 30.74 17.11
C PRO C 19 -31.42 30.48 17.25
N TYR C 20 -31.81 29.80 18.33
CA TYR C 20 -33.23 29.51 18.56
C TYR C 20 -33.94 30.63 19.34
N SER C 21 -33.37 31.02 20.48
CA SER C 21 -33.95 32.08 21.32
C SER C 21 -33.48 33.47 20.94
N LEU C 22 -32.55 33.55 19.98
CA LEU C 22 -31.87 34.80 19.57
C LEU C 22 -31.19 35.61 20.70
N GLU C 23 -31.21 35.04 21.90
CA GLU C 23 -30.53 35.59 23.06
C GLU C 23 -29.01 35.51 22.94
N VAL C 24 -28.33 36.45 23.61
CA VAL C 24 -26.87 36.42 23.72
C VAL C 24 -26.47 35.36 24.75
N ILE C 25 -25.61 34.42 24.34
CA ILE C 25 -25.18 33.33 25.23
C ILE C 25 -24.08 33.80 26.17
N LYS C 26 -23.00 34.31 25.59
CA LYS C 26 -21.97 35.05 26.33
C LYS C 26 -21.21 35.96 25.35
N LYS C 27 -20.21 36.68 25.88
CA LYS C 27 -19.31 37.44 25.02
C LYS C 27 -17.95 36.75 25.02
N ILE C 28 -17.27 36.80 23.88
CA ILE C 28 -15.93 36.20 23.71
C ILE C 28 -14.97 37.22 23.06
N PRO C 29 -13.65 36.97 23.14
CA PRO C 29 -12.69 37.90 22.56
C PRO C 29 -12.71 37.89 21.03
N ALA C 30 -12.56 39.07 20.44
CA ALA C 30 -12.38 39.18 19.00
C ALA C 30 -10.98 39.76 18.74
N LEU C 31 -10.08 38.94 18.22
CA LEU C 31 -8.70 39.38 17.99
C LEU C 31 -8.60 40.37 16.83
N SER C 32 -7.65 41.30 16.93
CA SER C 32 -7.33 42.23 15.85
C SER C 32 -6.32 41.57 14.94
N ARG C 33 -6.15 42.09 13.72
CA ARG C 33 -5.16 41.55 12.80
C ARG C 33 -3.77 41.49 13.46
N GLU C 34 -3.44 42.54 14.21
CA GLU C 34 -2.14 42.65 14.88
C GLU C 34 -1.94 41.58 15.96
N GLU C 35 -3.01 41.26 16.68
CA GLU C 35 -2.97 40.18 17.67
C GLU C 35 -2.88 38.80 17.00
N ALA C 36 -3.51 38.67 15.84
CA ALA C 36 -3.44 37.44 15.06
C ALA C 36 -2.01 37.22 14.57
N LYS C 37 -1.35 38.29 14.13
CA LYS C 37 0.07 38.27 13.72
C LYS C 37 0.97 37.82 14.85
N GLU C 38 0.81 38.46 16.01
CA GLU C 38 1.56 38.12 17.22
C GLU C 38 1.38 36.63 17.54
N ALA C 39 0.13 36.16 17.52
CA ALA C 39 -0.18 34.75 17.78
C ALA C 39 0.55 33.80 16.84
N ILE C 40 0.66 34.19 15.58
CA ILE C 40 1.36 33.41 14.57
C ILE C 40 2.89 33.40 14.82
N ASP C 41 3.45 34.56 15.15
CA ASP C 41 4.89 34.67 15.44
C ASP C 41 5.26 33.77 16.60
N THR C 42 4.38 33.74 17.60
CA THR C 42 4.55 32.91 18.79
C THR C 42 4.47 31.43 18.43
N ALA C 43 3.49 31.10 17.61
CA ALA C 43 3.31 29.75 17.11
C ALA C 43 4.54 29.26 16.33
N GLU C 44 5.16 30.13 15.54
CA GLU C 44 6.37 29.79 14.78
C GLU C 44 7.53 29.36 15.68
N LYS C 45 7.63 29.98 16.85
CA LYS C 45 8.71 29.69 17.79
C LYS C 45 8.63 28.25 18.33
N TYR C 46 7.46 27.63 18.21
CA TYR C 46 7.26 26.26 18.71
C TYR C 46 7.34 25.16 17.65
N LYS C 47 7.62 25.55 16.40
CA LYS C 47 7.73 24.60 15.28
C LYS C 47 8.69 23.44 15.59
N GLU C 48 9.92 23.78 15.98
CA GLU C 48 10.94 22.76 16.31
C GLU C 48 10.49 21.73 17.35
N VAL C 49 9.77 22.18 18.37
CA VAL C 49 9.25 21.28 19.43
C VAL C 49 8.19 20.29 18.92
N MET C 50 7.20 20.78 18.16
CA MET C 50 6.17 19.91 17.56
C MET C 50 6.81 18.92 16.60
N LYS C 51 7.80 19.38 15.83
CA LYS C 51 8.46 18.55 14.82
C LYS C 51 9.17 17.37 15.47
N ASN C 52 9.70 17.58 16.67
CA ASN C 52 10.54 16.57 17.33
C ASN C 52 9.80 15.79 18.40
N LEU C 53 8.51 16.07 18.56
CA LEU C 53 7.71 15.43 19.59
C LEU C 53 7.60 13.95 19.27
N PRO C 54 8.00 13.07 20.22
CA PRO C 54 8.01 11.63 19.91
C PRO C 54 6.62 11.10 19.54
N ILE C 55 6.61 10.02 18.77
CA ILE C 55 5.39 9.35 18.36
C ILE C 55 4.48 9.05 19.55
N THR C 56 5.04 8.44 20.59
CA THR C 56 4.33 8.08 21.83
C THR C 56 3.60 9.28 22.47
N LYS C 57 4.26 10.43 22.47
CA LYS C 57 3.66 11.64 23.02
C LYS C 57 2.51 12.14 22.16
N ARG C 58 2.67 12.10 20.84
CA ARG C 58 1.58 12.46 19.93
C ARG C 58 0.40 11.53 20.15
N TYR C 59 0.67 10.24 20.27
CA TYR C 59 -0.37 9.24 20.52
C TYR C 59 -1.10 9.52 21.85
N ASN C 60 -0.33 9.80 22.90
CA ASN C 60 -0.89 10.07 24.23
C ASN C 60 -1.79 11.29 24.27
N ILE C 61 -1.32 12.42 23.74
CA ILE C 61 -2.10 13.66 23.62
C ILE C 61 -3.43 13.43 22.90
N LEU C 62 -3.38 12.78 21.73
CA LEU C 62 -4.58 12.54 20.95
C LEU C 62 -5.57 11.63 21.68
N MET C 63 -5.06 10.59 22.33
CA MET C 63 -5.89 9.68 23.11
C MET C 63 -6.57 10.42 24.26
N ASN C 64 -5.81 11.32 24.91
CA ASN C 64 -6.33 12.09 26.05
C ASN C 64 -7.41 13.07 25.67
N ILE C 65 -7.28 13.66 24.48
CA ILE C 65 -8.31 14.56 23.96
C ILE C 65 -9.60 13.77 23.75
N ALA C 66 -9.49 12.63 23.07
CA ALA C 66 -10.63 11.75 22.87
C ALA C 66 -11.26 11.36 24.22
N LYS C 67 -10.42 11.08 25.20
CA LYS C 67 -10.92 10.73 26.53
C LYS C 67 -11.71 11.87 27.17
N GLN C 68 -11.18 13.09 27.08
CA GLN C 68 -11.87 14.25 27.64
C GLN C 68 -13.19 14.52 26.90
N ILE C 69 -13.16 14.47 25.57
CA ILE C 69 -14.38 14.69 24.80
C ILE C 69 -15.45 13.67 25.25
N LYS C 70 -15.05 12.41 25.41
CA LYS C 70 -15.98 11.38 25.87
C LYS C 70 -16.58 11.71 27.26
N GLU C 71 -15.72 12.09 28.20
CA GLU C 71 -16.19 12.37 29.56
C GLU C 71 -17.11 13.58 29.64
N LYS C 72 -17.01 14.47 28.67
CA LYS C 72 -17.80 15.70 28.64
C LYS C 72 -18.82 15.67 27.50
N LYS C 73 -19.23 14.47 27.08
CA LYS C 73 -20.00 14.30 25.85
C LYS C 73 -21.30 15.09 25.90
N GLU C 74 -22.06 14.87 26.97
CA GLU C 74 -23.36 15.49 27.12
C GLU C 74 -23.25 17.02 27.18
N GLU C 75 -22.29 17.54 27.95
CA GLU C 75 -22.05 18.98 28.02
C GLU C 75 -21.80 19.54 26.62
N LEU C 76 -20.92 18.88 25.87
CA LEU C 76 -20.57 19.31 24.53
C LEU C 76 -21.74 19.30 23.55
N ALA C 77 -22.59 18.28 23.66
CA ALA C 77 -23.77 18.17 22.82
C ALA C 77 -24.78 19.30 23.14
N LYS C 78 -25.06 19.52 24.43
CA LYS C 78 -25.87 20.68 24.87
C LYS C 78 -25.32 21.95 24.24
N ILE C 79 -24.00 22.13 24.28
CA ILE C 79 -23.37 23.33 23.71
C ILE C 79 -23.68 23.43 22.23
N LEU C 80 -23.57 22.31 21.51
CA LEU C 80 -23.94 22.28 20.09
C LEU C 80 -25.42 22.61 19.90
N ALA C 81 -26.27 22.14 20.80
CA ALA C 81 -27.70 22.47 20.70
C ALA C 81 -27.92 23.97 20.84
N ILE C 82 -27.35 24.57 21.87
CA ILE C 82 -27.64 25.96 22.23
C ILE C 82 -26.98 26.91 21.22
N ASP C 83 -25.70 26.70 20.96
CA ASP C 83 -24.91 27.62 20.16
C ASP C 83 -25.12 27.47 18.65
N ALA C 84 -25.26 26.23 18.19
CA ALA C 84 -25.34 25.97 16.76
C ALA C 84 -26.75 25.59 16.30
N GLY C 85 -27.65 25.43 17.26
CA GLY C 85 -29.04 25.08 16.95
C GLY C 85 -29.20 23.63 16.51
N LYS C 86 -28.23 22.80 16.88
CA LYS C 86 -28.20 21.42 16.43
C LYS C 86 -29.06 20.54 17.34
N PRO C 87 -30.09 19.89 16.76
CA PRO C 87 -30.93 19.01 17.57
C PRO C 87 -30.08 18.05 18.37
N ILE C 88 -30.38 17.96 19.66
CA ILE C 88 -29.52 17.25 20.63
C ILE C 88 -29.15 15.82 20.22
N LYS C 89 -30.07 15.14 19.54
CA LYS C 89 -29.82 13.78 19.03
C LYS C 89 -28.70 13.78 18.01
N GLN C 90 -28.74 14.74 17.08
CA GLN C 90 -27.71 14.90 16.07
C GLN C 90 -26.43 15.41 16.71
N ALA C 91 -26.55 16.15 17.81
CA ALA C 91 -25.39 16.74 18.47
C ALA C 91 -24.57 15.66 19.15
N ARG C 92 -25.23 14.70 19.78
CA ARG C 92 -24.53 13.59 20.42
C ARG C 92 -23.77 12.79 19.36
N VAL C 93 -24.35 12.69 18.16
CA VAL C 93 -23.71 11.97 17.06
C VAL C 93 -22.46 12.70 16.60
N GLU C 94 -22.51 14.04 16.49
CA GLU C 94 -21.30 14.78 16.11
C GLU C 94 -20.16 14.58 17.11
N VAL C 95 -20.52 14.56 18.40
CA VAL C 95 -19.52 14.40 19.46
C VAL C 95 -18.85 13.02 19.42
N GLU C 96 -19.66 11.98 19.29
CA GLU C 96 -19.15 10.62 19.20
C GLU C 96 -18.21 10.50 18.01
N ARG C 97 -18.54 11.16 16.90
CA ARG C 97 -17.64 11.20 15.75
C ARG C 97 -16.32 11.93 16.00
N SER C 98 -16.35 13.00 16.80
CA SER C 98 -15.09 13.69 17.13
C SER C 98 -14.17 12.79 17.98
N ILE C 99 -14.78 12.00 18.87
CA ILE C 99 -14.06 11.02 19.68
C ILE C 99 -13.27 10.08 18.78
N GLY C 100 -13.97 9.47 17.82
CA GLY C 100 -13.38 8.52 16.87
C GLY C 100 -12.31 9.15 16.01
N THR C 101 -12.51 10.42 15.68
CA THR C 101 -11.57 11.14 14.82
C THR C 101 -10.22 11.37 15.51
N PHE C 102 -10.23 11.82 16.75
CA PHE C 102 -8.99 11.90 17.53
C PHE C 102 -8.36 10.54 17.76
N LYS C 103 -9.19 9.56 18.11
CA LYS C 103 -8.72 8.18 18.32
C LYS C 103 -8.01 7.63 17.09
N LEU C 104 -8.56 7.90 15.92
CA LEU C 104 -8.00 7.37 14.68
C LEU C 104 -6.68 8.04 14.34
N ALA C 105 -6.56 9.32 14.69
CA ALA C 105 -5.27 10.01 14.52
C ALA C 105 -4.18 9.37 15.38
N ALA C 106 -4.52 9.02 16.61
CA ALA C 106 -3.58 8.40 17.53
C ALA C 106 -2.99 7.13 16.94
N PHE C 107 -3.86 6.31 16.35
CA PHE C 107 -3.39 5.07 15.78
CA PHE C 107 -3.52 5.05 15.70
C PHE C 107 -2.60 5.26 14.49
N TYR C 108 -2.96 6.25 13.68
CA TYR C 108 -2.17 6.55 12.49
C TYR C 108 -0.76 7.11 12.76
N VAL C 109 -0.58 7.77 13.90
CA VAL C 109 0.76 8.17 14.37
C VAL C 109 1.62 6.92 14.57
N LYS C 110 1.01 5.88 15.14
CA LYS C 110 1.73 4.62 15.36
C LYS C 110 1.88 3.77 14.09
N GLU C 111 0.91 3.87 13.16
CA GLU C 111 0.82 2.90 12.06
C GLU C 111 1.17 3.42 10.67
N HIS C 112 1.18 4.75 10.49
CA HIS C 112 1.50 5.38 9.20
CA HIS C 112 1.46 5.34 9.18
C HIS C 112 2.71 4.72 8.57
N ARG C 113 2.59 4.30 7.32
CA ARG C 113 3.70 3.63 6.63
C ARG C 113 4.44 4.52 5.65
N ASP C 114 5.76 4.40 5.64
CA ASP C 114 6.59 4.97 4.60
CA ASP C 114 6.55 4.97 4.57
C ASP C 114 7.04 3.83 3.67
N GLU C 115 7.72 4.17 2.59
CA GLU C 115 8.12 3.15 1.61
C GLU C 115 9.62 3.08 1.37
N VAL C 116 10.06 1.91 0.94
CA VAL C 116 11.41 1.66 0.43
C VAL C 116 11.32 1.35 -1.05
N ILE C 117 12.16 2.01 -1.85
CA ILE C 117 12.15 1.81 -3.32
C ILE C 117 13.42 1.07 -3.74
N PRO C 118 13.29 0.03 -4.62
CA PRO C 118 14.44 -0.80 -4.96
C PRO C 118 15.49 -0.07 -5.78
N SER C 119 16.75 -0.36 -5.50
CA SER C 119 17.85 0.22 -6.24
C SER C 119 19.05 -0.70 -6.20
N ASP C 120 19.77 -0.80 -7.31
CA ASP C 120 20.98 -1.63 -7.40
C ASP C 120 22.06 -1.32 -6.39
N ASP C 121 22.27 -0.04 -6.10
CA ASP C 121 23.39 0.36 -5.27
C ASP C 121 22.98 1.38 -4.22
N ARG C 122 21.68 1.46 -3.95
CA ARG C 122 21.15 2.45 -3.02
C ARG C 122 20.02 1.89 -2.18
N LEU C 123 19.94 2.40 -0.96
CA LEU C 123 18.75 2.23 -0.15
C LEU C 123 18.03 3.57 -0.20
N ILE C 124 16.86 3.55 -0.83
CA ILE C 124 16.02 4.73 -0.98
C ILE C 124 14.75 4.52 -0.15
N PHE C 125 14.53 5.41 0.82
CA PHE C 125 13.33 5.30 1.61
C PHE C 125 12.73 6.68 1.86
N THR C 126 11.45 6.71 2.20
CA THR C 126 10.78 7.98 2.42
C THR C 126 10.55 8.24 3.91
N ARG C 127 10.38 9.52 4.22
CA ARG C 127 10.11 9.99 5.57
C ARG C 127 9.09 11.11 5.45
N ARG C 128 8.09 11.10 6.31
CA ARG C 128 7.19 12.24 6.33
C ARG C 128 7.51 13.20 7.47
N GLU C 129 7.49 14.49 7.15
CA GLU C 129 7.80 15.55 8.10
C GLU C 129 6.73 16.65 8.02
N PRO C 130 6.46 17.34 9.14
CA PRO C 130 5.42 18.36 9.17
C PRO C 130 5.64 19.46 8.13
N VAL C 131 4.56 20.01 7.58
CA VAL C 131 4.67 21.20 6.73
C VAL C 131 5.02 22.43 7.55
N GLY C 132 4.71 22.40 8.85
CA GLY C 132 5.17 23.43 9.79
C GLY C 132 4.04 24.02 10.60
N ILE C 133 3.56 25.17 10.18
CA ILE C 133 2.35 25.72 10.80
C ILE C 133 1.14 25.43 9.95
N VAL C 134 0.17 24.78 10.56
CA VAL C 134 -1.10 24.50 9.91
C VAL C 134 -2.13 25.53 10.36
N GLY C 135 -2.63 26.28 9.37
CA GLY C 135 -3.69 27.26 9.58
C GLY C 135 -5.03 26.65 9.26
N ALA C 136 -5.83 26.42 10.30
CA ALA C 136 -7.09 25.71 10.18
C ALA C 136 -8.25 26.67 10.38
N ILE C 137 -9.21 26.60 9.46
CA ILE C 137 -10.33 27.49 9.48
C ILE C 137 -11.58 26.64 9.31
N THR C 138 -12.43 26.65 10.35
CA THR C 138 -13.55 25.73 10.41
C THR C 138 -14.92 26.42 10.38
N PRO C 139 -15.97 25.68 9.96
CA PRO C 139 -17.26 26.33 9.80
C PRO C 139 -18.18 26.11 11.01
N PHE C 140 -19.38 26.68 10.95
CA PHE C 140 -20.33 26.62 12.06
C PHE C 140 -21.09 25.28 12.19
N ASN C 141 -21.17 24.52 11.10
CA ASN C 141 -22.15 23.43 11.02
C ASN C 141 -21.84 22.11 11.75
N PHE C 142 -20.58 21.68 11.66
CA PHE C 142 -20.09 20.57 12.45
C PHE C 142 -18.79 21.07 13.05
N PRO C 143 -18.89 22.06 13.95
CA PRO C 143 -17.65 22.72 14.33
C PRO C 143 -16.74 21.87 15.19
N LEU C 144 -17.28 20.85 15.86
CA LEU C 144 -16.45 19.97 16.68
C LEU C 144 -15.75 18.93 15.79
N ASN C 145 -16.53 18.21 14.99
CA ASN C 145 -15.97 17.10 14.20
C ASN C 145 -15.09 17.62 13.09
N LEU C 146 -15.50 18.72 12.47
CA LEU C 146 -14.68 19.35 11.44
C LEU C 146 -13.39 19.92 11.99
N SER C 147 -13.42 20.40 13.23
CA SER C 147 -12.19 20.82 13.87
C SER C 147 -11.31 19.60 14.18
N ALA C 148 -11.93 18.52 14.68
CA ALA C 148 -11.20 17.28 14.91
C ALA C 148 -10.50 16.82 13.63
N HIS C 149 -11.21 16.90 12.50
CA HIS C 149 -10.66 16.48 11.20
C HIS C 149 -9.48 17.32 10.71
N LYS C 150 -9.24 18.47 11.33
CA LYS C 150 -8.04 19.26 11.02
C LYS C 150 -6.98 19.15 12.15
N ILE C 151 -7.43 19.21 13.39
CA ILE C 151 -6.53 19.27 14.54
C ILE C 151 -5.83 17.91 14.75
N ALA C 152 -6.61 16.84 14.75
CA ALA C 152 -6.06 15.54 15.04
C ALA C 152 -4.93 15.16 14.07
N PRO C 153 -5.16 15.30 12.74
CA PRO C 153 -4.08 14.95 11.79
C PRO C 153 -2.90 15.93 11.79
N ALA C 154 -3.16 17.22 12.05
CA ALA C 154 -2.08 18.21 12.26
C ALA C 154 -1.15 17.80 13.40
N ILE C 155 -1.73 17.45 14.55
CA ILE C 155 -0.96 16.97 15.71
C ILE C 155 -0.26 15.66 15.41
N ALA C 156 -0.95 14.76 14.72
CA ALA C 156 -0.36 13.47 14.37
C ALA C 156 0.89 13.63 13.50
N THR C 157 0.92 14.66 12.65
CA THR C 157 2.08 14.86 11.79
C THR C 157 3.12 15.90 12.26
N GLY C 158 3.07 16.29 13.54
CA GLY C 158 4.08 17.19 14.13
C GLY C 158 3.94 18.67 13.78
N ASN C 159 2.72 19.10 13.47
CA ASN C 159 2.48 20.46 13.04
C ASN C 159 2.07 21.36 14.20
N VAL C 160 2.53 22.61 14.15
CA VAL C 160 2.00 23.71 14.97
C VAL C 160 0.65 24.16 14.35
N ILE C 161 -0.30 24.59 15.19
CA ILE C 161 -1.65 24.93 14.70
C ILE C 161 -2.14 26.32 15.11
N VAL C 162 -2.53 27.14 14.12
CA VAL C 162 -3.37 28.31 14.39
C VAL C 162 -4.73 28.06 13.75
N HIS C 163 -5.78 28.19 14.57
CA HIS C 163 -7.12 27.71 14.24
C HIS C 163 -8.14 28.83 14.47
N HIS C 164 -8.87 29.17 13.41
CA HIS C 164 -9.99 30.09 13.56
C HIS C 164 -11.32 29.36 13.39
N PRO C 165 -12.06 29.23 14.48
CA PRO C 165 -13.36 28.58 14.41
C PRO C 165 -14.43 29.60 14.00
N SER C 166 -15.53 29.13 13.42
CA SER C 166 -16.62 30.02 13.02
C SER C 166 -17.18 30.81 14.18
N SER C 167 -17.34 32.12 13.97
CA SER C 167 -17.99 33.01 14.95
C SER C 167 -19.47 32.67 15.16
N LYS C 168 -20.03 31.89 14.25
CA LYS C 168 -21.46 31.56 14.32
C LYS C 168 -21.76 30.52 15.41
N ALA C 169 -20.75 29.73 15.80
CA ALA C 169 -20.86 28.73 16.88
C ALA C 169 -19.48 28.35 17.43
N PRO C 170 -18.81 29.30 18.07
CA PRO C 170 -17.42 29.11 18.50
C PRO C 170 -17.26 28.41 19.86
N LEU C 171 -18.34 28.24 20.62
CA LEU C 171 -18.23 27.79 22.01
C LEU C 171 -17.72 26.37 22.20
N VAL C 172 -18.06 25.47 21.27
CA VAL C 172 -17.59 24.11 21.41
C VAL C 172 -16.10 24.01 21.09
N CYS C 173 -15.63 24.85 20.16
CA CYS C 173 -14.22 24.89 19.81
C CYS C 173 -13.43 25.45 20.97
N ILE C 174 -14.03 26.40 21.67
CA ILE C 174 -13.44 26.96 22.89
C ILE C 174 -13.28 25.88 23.93
N GLU C 175 -14.30 25.04 24.12
CA GLU C 175 -14.19 23.90 25.04
C GLU C 175 -13.18 22.85 24.57
N LEU C 176 -13.07 22.66 23.25
CA LEU C 176 -12.10 21.71 22.72
C LEU C 176 -10.69 22.25 22.89
N ALA C 177 -10.51 23.57 22.74
CA ALA C 177 -9.19 24.24 22.89
C ALA C 177 -8.65 24.08 24.30
N LYS C 178 -9.54 24.20 25.27
CA LYS C 178 -9.22 23.98 26.66
C LYS C 178 -8.90 22.51 26.91
N ILE C 179 -9.67 21.61 26.28
CA ILE C 179 -9.37 20.17 26.33
C ILE C 179 -7.97 19.90 25.76
N ILE C 180 -7.63 20.59 24.68
CA ILE C 180 -6.31 20.44 24.07
C ILE C 180 -5.22 20.99 24.98
N GLU C 181 -5.42 22.22 25.48
CA GLU C 181 -4.56 22.81 26.50
C GLU C 181 -4.29 21.81 27.64
N ASN C 182 -5.35 21.17 28.12
CA ASN C 182 -5.26 20.19 29.21
C ASN C 182 -4.36 18.98 28.90
N ALA C 183 -4.52 18.43 27.71
CA ALA C 183 -3.72 17.28 27.27
C ALA C 183 -2.25 17.66 27.10
N LEU C 184 -2.01 18.88 26.62
CA LEU C 184 -0.65 19.40 26.44
C LEU C 184 0.08 19.59 27.77
N LYS C 185 -0.62 20.15 28.76
CA LYS C 185 -0.09 20.26 30.11
C LYS C 185 0.29 18.88 30.64
N LYS C 186 -0.65 17.94 30.53
CA LYS C 186 -0.49 16.58 31.07
C LYS C 186 0.79 15.91 30.58
N TYR C 187 1.12 16.15 29.32
CA TYR C 187 2.29 15.53 28.71
C TYR C 187 3.43 16.50 28.46
N ASN C 188 3.38 17.63 29.16
CA ASN C 188 4.50 18.59 29.27
C ASN C 188 4.91 19.23 27.95
N VAL C 189 3.91 19.63 27.18
CA VAL C 189 4.14 20.31 25.92
C VAL C 189 3.70 21.75 26.09
N PRO C 190 4.54 22.72 25.65
CA PRO C 190 4.12 24.11 25.75
C PRO C 190 2.80 24.30 25.04
N LEU C 191 1.95 25.15 25.60
CA LEU C 191 0.58 25.35 25.10
C LEU C 191 0.55 26.10 23.78
N GLY C 192 1.68 26.65 23.38
CA GLY C 192 1.79 27.41 22.14
C GLY C 192 1.77 26.62 20.85
N VAL C 193 1.77 25.30 20.94
CA VAL C 193 1.71 24.44 19.76
C VAL C 193 0.33 24.42 19.08
N TYR C 194 -0.71 24.75 19.85
CA TYR C 194 -2.06 24.94 19.33
C TYR C 194 -2.60 26.29 19.77
N ASN C 195 -3.24 26.98 18.84
CA ASN C 195 -3.69 28.36 19.10
C ASN C 195 -5.07 28.62 18.50
N LEU C 196 -6.07 28.76 19.36
CA LEU C 196 -7.42 29.14 18.93
C LEU C 196 -7.58 30.67 18.85
N LEU C 197 -7.73 31.19 17.64
CA LEU C 197 -7.85 32.62 17.40
C LEU C 197 -9.27 32.97 16.94
N THR C 198 -10.07 33.46 17.88
CA THR C 198 -11.45 33.82 17.62
C THR C 198 -11.54 35.28 17.23
N GLY C 199 -12.59 35.64 16.48
CA GLY C 199 -12.78 37.01 15.99
C GLY C 199 -13.48 37.06 14.64
N ALA C 200 -13.33 38.18 13.94
CA ALA C 200 -13.93 38.34 12.61
C ALA C 200 -13.13 37.58 11.56
N GLY C 201 -13.82 36.71 10.82
CA GLY C 201 -13.20 35.87 9.80
C GLY C 201 -12.40 36.64 8.76
N GLU C 202 -12.91 37.78 8.33
CA GLU C 202 -12.25 38.57 7.28
C GLU C 202 -11.04 39.30 7.83
N VAL C 203 -10.80 39.12 9.12
CA VAL C 203 -9.67 39.70 9.81
C VAL C 203 -8.73 38.60 10.31
N VAL C 204 -9.19 37.83 11.30
CA VAL C 204 -8.37 36.81 11.92
C VAL C 204 -8.17 35.61 10.99
N GLY C 205 -9.24 35.15 10.35
CA GLY C 205 -9.15 34.09 9.35
C GLY C 205 -8.32 34.54 8.16
N ASP C 206 -8.44 35.81 7.80
CA ASP C 206 -7.73 36.34 6.63
C ASP C 206 -6.24 36.44 6.91
N GLU C 207 -5.88 36.87 8.11
CA GLU C 207 -4.48 36.95 8.50
C GLU C 207 -3.79 35.60 8.43
N ILE C 208 -4.50 34.56 8.88
CA ILE C 208 -4.01 33.19 8.73
C ILE C 208 -3.74 32.85 7.26
N VAL C 209 -4.67 33.21 6.38
CA VAL C 209 -4.51 32.94 4.94
C VAL C 209 -3.29 33.65 4.34
N VAL C 210 -3.10 34.91 4.72
CA VAL C 210 -2.13 35.78 4.05
C VAL C 210 -0.71 35.64 4.62
N ASN C 211 -0.63 35.39 5.93
CA ASN C 211 0.61 35.44 6.69
C ASN C 211 1.67 34.48 6.17
N GLU C 212 2.82 35.05 5.81
CA GLU C 212 3.83 34.23 5.15
C GLU C 212 4.42 33.13 6.04
N LYS C 213 4.04 33.12 7.31
CA LYS C 213 4.58 32.16 8.26
C LYS C 213 3.73 30.89 8.44
N VAL C 214 2.46 30.97 8.06
CA VAL C 214 1.60 29.80 7.94
C VAL C 214 2.01 29.03 6.67
N ASN C 215 2.26 27.72 6.84
CA ASN C 215 2.75 26.87 5.74
C ASN C 215 1.65 26.14 4.94
N MET C 216 0.46 26.04 5.52
CA MET C 216 -0.64 25.30 4.91
CA MET C 216 -0.66 25.33 4.89
C MET C 216 -2.00 25.81 5.41
N ILE C 217 -2.94 26.02 4.48
CA ILE C 217 -4.32 26.40 4.84
C ILE C 217 -5.24 25.20 4.66
N SER C 218 -5.96 24.86 5.72
CA SER C 218 -6.96 23.83 5.63
C SER C 218 -8.28 24.50 5.98
N PHE C 219 -9.09 24.70 4.94
CA PHE C 219 -10.29 25.51 5.06
C PHE C 219 -11.51 24.68 4.70
N THR C 220 -12.54 24.77 5.55
CA THR C 220 -13.86 24.25 5.25
C THR C 220 -14.86 25.39 5.49
N GLY C 221 -15.67 25.69 4.47
CA GLY C 221 -16.62 26.81 4.54
C GLY C 221 -17.21 27.15 3.18
N SER C 222 -17.63 28.40 3.01
CA SER C 222 -18.34 28.81 1.80
C SER C 222 -17.46 28.84 0.55
N SER C 223 -18.11 28.58 -0.60
CA SER C 223 -17.47 28.63 -1.91
C SER C 223 -16.77 29.98 -2.19
N LYS C 224 -17.46 31.06 -1.85
CA LYS C 224 -16.97 32.40 -2.10
C LYS C 224 -15.68 32.70 -1.33
N VAL C 225 -15.64 32.35 -0.04
CA VAL C 225 -14.44 32.51 0.76
C VAL C 225 -13.34 31.56 0.28
N GLY C 226 -13.73 30.36 -0.10
CA GLY C 226 -12.80 29.38 -0.64
C GLY C 226 -12.08 29.91 -1.87
N GLU C 227 -12.87 30.39 -2.84
CA GLU C 227 -12.32 30.88 -4.11
C GLU C 227 -11.38 32.08 -3.92
N LEU C 228 -11.75 32.98 -3.01
CA LEU C 228 -10.86 34.07 -2.59
C LEU C 228 -9.53 33.53 -2.08
N ILE C 229 -9.59 32.52 -1.21
CA ILE C 229 -8.37 31.96 -0.60
C ILE C 229 -7.34 31.51 -1.64
N THR C 230 -7.78 30.91 -2.74
CA THR C 230 -6.85 30.52 -3.81
C THR C 230 -6.05 31.72 -4.36
N LYS C 231 -6.67 32.89 -4.32
CA LYS C 231 -6.05 34.12 -4.84
C LYS C 231 -5.17 34.85 -3.83
N LYS C 232 -5.41 34.59 -2.54
CA LYS C 232 -4.70 35.31 -1.47
C LYS C 232 -3.65 34.46 -0.74
N ALA C 233 -3.85 33.14 -0.76
CA ALA C 233 -3.00 32.21 0.01
C ALA C 233 -1.49 32.34 -0.28
N GLY C 234 -1.13 32.47 -1.56
CA GLY C 234 0.27 32.58 -1.97
C GLY C 234 0.96 31.22 -1.96
N PHE C 235 2.19 31.20 -1.47
CA PHE C 235 3.02 30.01 -1.50
C PHE C 235 2.79 29.13 -0.28
N LYS C 236 1.64 28.48 -0.24
CA LYS C 236 1.27 27.57 0.86
C LYS C 236 0.60 26.35 0.25
N LYS C 237 0.68 25.21 0.92
CA LYS C 237 -0.20 24.10 0.57
C LYS C 237 -1.64 24.52 0.91
N ILE C 238 -2.57 24.16 0.03
CA ILE C 238 -3.96 24.57 0.19
C ILE C 238 -4.90 23.36 0.15
N ALA C 239 -5.71 23.22 1.19
CA ALA C 239 -6.80 22.25 1.19
C ALA C 239 -8.14 22.96 1.41
N LEU C 240 -9.11 22.67 0.55
CA LEU C 240 -10.42 23.33 0.56
C LEU C 240 -11.54 22.32 0.49
N GLU C 241 -12.52 22.49 1.37
CA GLU C 241 -13.71 21.68 1.37
C GLU C 241 -14.84 22.70 1.34
N LEU C 242 -15.46 22.86 0.18
CA LEU C 242 -16.49 23.87 0.05
C LEU C 242 -17.81 23.16 -0.20
N GLY C 243 -18.85 23.88 -0.60
CA GLY C 243 -20.14 23.21 -0.66
C GLY C 243 -20.43 22.62 -2.01
N GLY C 244 -21.72 22.41 -2.26
CA GLY C 244 -22.22 22.06 -3.57
C GLY C 244 -23.74 22.02 -3.55
N VAL C 245 -24.35 21.99 -4.73
CA VAL C 245 -25.75 21.67 -4.81
C VAL C 245 -25.80 20.19 -5.15
N ASN C 246 -26.00 19.35 -4.14
CA ASN C 246 -25.72 17.92 -4.28
C ASN C 246 -26.87 17.15 -4.87
N PRO C 247 -26.71 16.67 -6.13
CA PRO C 247 -27.83 16.06 -6.81
C PRO C 247 -28.01 14.60 -6.41
N ASN C 248 -29.25 14.22 -6.10
CA ASN C 248 -29.59 12.86 -5.70
C ASN C 248 -30.60 12.35 -6.70
N ILE C 249 -30.29 11.23 -7.33
CA ILE C 249 -31.04 10.78 -8.50
C ILE C 249 -31.82 9.50 -8.15
N VAL C 250 -33.09 9.48 -8.52
CA VAL C 250 -33.97 8.36 -8.21
C VAL C 250 -34.43 7.78 -9.54
N LEU C 251 -33.93 6.60 -9.90
CA LEU C 251 -34.34 5.97 -11.17
C LEU C 251 -35.64 5.22 -10.99
N LYS C 252 -36.29 4.85 -12.09
CA LYS C 252 -37.62 4.22 -12.03
C LYS C 252 -37.67 2.92 -11.24
N ASP C 253 -36.54 2.21 -11.15
CA ASP C 253 -36.50 0.91 -10.46
C ASP C 253 -36.06 1.00 -9.00
N ALA C 254 -35.88 2.21 -8.48
CA ALA C 254 -35.52 2.40 -7.07
C ALA C 254 -36.54 1.79 -6.10
N ASP C 255 -36.08 1.35 -4.94
CA ASP C 255 -36.95 1.03 -3.81
C ASP C 255 -37.43 2.37 -3.26
N LEU C 256 -38.65 2.76 -3.63
CA LEU C 256 -39.21 4.09 -3.30
C LEU C 256 -39.28 4.37 -1.80
N ASN C 257 -39.78 3.40 -1.05
CA ASN C 257 -39.85 3.47 0.41
C ASN C 257 -38.50 3.83 1.03
N LYS C 258 -37.46 3.06 0.69
CA LYS C 258 -36.12 3.33 1.19
C LYS C 258 -35.53 4.61 0.59
N ALA C 259 -35.91 4.93 -0.64
CA ALA C 259 -35.37 6.15 -1.26
C ALA C 259 -35.93 7.38 -0.53
N VAL C 260 -37.21 7.34 -0.19
CA VAL C 260 -37.84 8.43 0.55
C VAL C 260 -37.19 8.61 1.93
N ASN C 261 -37.02 7.51 2.66
CA ASN C 261 -36.47 7.58 4.02
C ASN C 261 -35.06 8.14 4.02
N ALA C 262 -34.24 7.64 3.12
CA ALA C 262 -32.86 8.10 2.95
C ALA C 262 -32.79 9.61 2.59
N LEU C 263 -33.72 10.04 1.74
CA LEU C 263 -33.76 11.43 1.23
C LEU C 263 -34.37 12.43 2.21
N ILE C 264 -35.24 11.94 3.10
CA ILE C 264 -35.72 12.78 4.23
C ILE C 264 -34.53 13.15 5.14
N LYS C 265 -33.73 12.15 5.52
CA LYS C 265 -32.49 12.38 6.28
C LYS C 265 -31.53 13.29 5.56
N GLY C 266 -31.17 12.94 4.32
CA GLY C 266 -30.23 13.75 3.53
C GLY C 266 -30.68 15.17 3.24
N SER C 267 -32.00 15.37 3.26
CA SER C 267 -32.61 16.68 3.03
C SER C 267 -32.62 17.59 4.27
N PHE C 268 -32.94 17.00 5.42
CA PHE C 268 -33.34 17.80 6.56
C PHE C 268 -32.51 17.65 7.84
N ILE C 269 -31.54 16.74 7.83
CA ILE C 269 -30.55 16.67 8.91
C ILE C 269 -29.94 18.06 9.04
N TYR C 270 -29.81 18.52 10.29
CA TYR C 270 -29.30 19.86 10.62
C TYR C 270 -29.93 20.98 9.76
N ALA C 271 -31.23 20.85 9.51
CA ALA C 271 -32.00 21.80 8.72
C ALA C 271 -31.35 22.07 7.36
N GLY C 272 -30.72 21.04 6.80
CA GLY C 272 -30.08 21.15 5.50
C GLY C 272 -28.85 22.04 5.48
N GLN C 273 -28.24 22.28 6.65
CA GLN C 273 -27.03 23.11 6.72
C GLN C 273 -25.75 22.27 6.68
N VAL C 274 -25.64 21.40 5.68
CA VAL C 274 -24.50 20.51 5.57
C VAL C 274 -23.96 20.57 4.14
N CYS C 275 -22.65 20.62 4.01
CA CYS C 275 -22.01 20.73 2.69
CA CYS C 275 -21.96 20.71 2.70
C CYS C 275 -22.44 19.61 1.76
N ILE C 276 -22.75 18.44 2.32
CA ILE C 276 -23.23 17.29 1.55
C ILE C 276 -24.73 17.02 1.62
N SER C 277 -25.51 18.01 2.10
CA SER C 277 -26.98 17.95 2.08
C SER C 277 -27.53 17.75 0.66
N VAL C 278 -28.69 17.09 0.58
CA VAL C 278 -29.46 17.02 -0.65
C VAL C 278 -29.72 18.45 -1.17
N GLY C 279 -29.26 18.72 -2.39
CA GLY C 279 -29.39 20.05 -3.00
C GLY C 279 -30.47 20.11 -4.07
N MET C 280 -30.63 19.01 -4.81
CA MET C 280 -31.74 18.82 -5.73
C MET C 280 -32.06 17.33 -5.80
N ILE C 281 -33.31 16.98 -6.08
CA ILE C 281 -33.68 15.60 -6.30
C ILE C 281 -34.18 15.43 -7.73
N LEU C 282 -33.51 14.59 -8.50
CA LEU C 282 -33.94 14.30 -9.88
C LEU C 282 -34.63 12.96 -9.88
N VAL C 283 -35.89 12.94 -10.28
CA VAL C 283 -36.73 11.74 -10.20
C VAL C 283 -37.32 11.39 -11.57
N ASP C 284 -37.25 10.12 -11.94
CA ASP C 284 -37.81 9.66 -13.19
C ASP C 284 -39.29 10.04 -13.27
N GLU C 285 -39.67 10.57 -14.44
CA GLU C 285 -41.04 11.01 -14.71
C GLU C 285 -42.10 9.97 -14.37
N SER C 286 -41.79 8.70 -14.63
CA SER C 286 -42.77 7.61 -14.48
C SER C 286 -43.11 7.27 -13.04
N ILE C 287 -42.27 7.65 -12.09
CA ILE C 287 -42.54 7.42 -10.66
C ILE C 287 -42.59 8.73 -9.87
N ALA C 288 -42.46 9.83 -10.59
CA ALA C 288 -42.33 11.16 -9.99
C ALA C 288 -43.49 11.50 -9.06
N ASP C 289 -44.72 11.20 -9.45
CA ASP C 289 -45.92 11.54 -8.65
C ASP C 289 -45.97 10.79 -7.33
N LYS C 290 -45.73 9.48 -7.41
CA LYS C 290 -45.72 8.63 -6.21
C LYS C 290 -44.57 9.01 -5.26
N PHE C 291 -43.38 9.27 -5.81
CA PHE C 291 -42.26 9.74 -4.99
C PHE C 291 -42.57 11.07 -4.28
N ILE C 292 -42.98 12.08 -5.05
CA ILE C 292 -43.23 13.42 -4.50
C ILE C 292 -44.22 13.36 -3.33
N GLU C 293 -45.35 12.68 -3.53
CA GLU C 293 -46.36 12.51 -2.50
C GLU C 293 -45.86 11.87 -1.18
N MET C 294 -45.15 10.75 -1.30
CA MET C 294 -44.57 10.02 -0.15
C MET C 294 -43.54 10.89 0.59
N PHE C 295 -42.70 11.56 -0.19
CA PHE C 295 -41.66 12.43 0.32
C PHE C 295 -42.27 13.59 1.09
N VAL C 296 -43.18 14.32 0.44
CA VAL C 296 -43.90 15.43 1.07
C VAL C 296 -44.58 14.97 2.37
N ASN C 297 -45.23 13.80 2.34
CA ASN C 297 -45.96 13.33 3.52
C ASN C 297 -45.08 12.93 4.71
N LYS C 298 -43.90 12.39 4.43
CA LYS C 298 -42.92 12.06 5.48
C LYS C 298 -42.29 13.34 6.04
N ALA C 299 -42.15 14.36 5.19
CA ALA C 299 -41.61 15.65 5.65
C ALA C 299 -42.63 16.47 6.45
N LYS C 300 -43.92 16.25 6.21
CA LYS C 300 -45.02 16.88 6.96
C LYS C 300 -44.93 16.64 8.47
N VAL C 301 -44.56 15.43 8.87
CA VAL C 301 -44.59 14.99 10.27
C VAL C 301 -43.33 15.26 11.07
N LEU C 302 -42.37 15.97 10.48
CA LEU C 302 -41.16 16.32 11.20
C LEU C 302 -41.45 17.39 12.26
N ASN C 303 -40.98 17.16 13.48
CA ASN C 303 -41.14 18.10 14.58
C ASN C 303 -40.07 19.19 14.51
N VAL C 304 -40.54 20.43 14.40
CA VAL C 304 -39.71 21.58 14.08
C VAL C 304 -39.73 22.56 15.25
N GLY C 305 -38.60 22.69 15.93
CA GLY C 305 -38.55 23.60 17.07
C GLY C 305 -37.23 23.57 17.82
N ASN C 306 -37.36 23.59 19.15
CA ASN C 306 -36.24 23.71 20.08
C ASN C 306 -35.25 22.54 19.98
N PRO C 307 -33.99 22.84 19.62
CA PRO C 307 -32.97 21.80 19.46
C PRO C 307 -32.66 21.06 20.76
N LEU C 308 -32.99 21.68 21.90
CA LEU C 308 -32.81 21.05 23.21
C LEU C 308 -33.84 19.97 23.50
N ASP C 309 -34.96 20.01 22.79
CA ASP C 309 -36.03 19.03 22.95
C ASP C 309 -35.62 17.71 22.28
N GLU C 310 -35.74 16.60 23.02
CA GLU C 310 -35.34 15.28 22.51
C GLU C 310 -36.13 14.86 21.27
N LYS C 311 -37.39 15.28 21.19
CA LYS C 311 -38.29 14.88 20.09
C LYS C 311 -38.07 15.67 18.78
N THR C 312 -37.25 16.71 18.84
CA THR C 312 -37.06 17.62 17.71
C THR C 312 -36.25 17.02 16.56
N ASP C 313 -36.82 17.08 15.37
CA ASP C 313 -36.20 16.62 14.14
C ASP C 313 -35.38 17.72 13.45
N VAL C 314 -35.95 18.92 13.38
CA VAL C 314 -35.39 20.07 12.67
C VAL C 314 -35.39 21.33 13.57
N GLY C 315 -34.22 21.93 13.77
CA GLY C 315 -34.09 23.18 14.53
C GLY C 315 -33.92 24.38 13.61
N PRO C 316 -33.42 25.50 14.15
CA PRO C 316 -33.38 26.74 13.36
C PRO C 316 -32.18 26.81 12.42
N LEU C 317 -32.25 27.73 11.47
CA LEU C 317 -31.08 28.07 10.66
C LEU C 317 -30.13 28.88 11.52
N ILE C 318 -28.87 28.98 11.10
CA ILE C 318 -27.80 29.55 11.94
C ILE C 318 -28.02 31.02 12.36
N SER C 319 -28.80 31.77 11.57
CA SER C 319 -29.09 33.19 11.85
C SER C 319 -30.38 33.64 11.16
N VAL C 320 -31.00 34.70 11.69
CA VAL C 320 -32.14 35.37 11.02
C VAL C 320 -31.76 35.88 9.62
N GLU C 321 -30.54 36.39 9.49
CA GLU C 321 -30.10 37.04 8.25
C GLU C 321 -30.02 36.04 7.10
N HIS C 322 -29.55 34.82 7.39
CA HIS C 322 -29.56 33.73 6.41
C HIS C 322 -30.98 33.25 6.10
N ALA C 323 -31.79 33.08 7.15
CA ALA C 323 -33.20 32.69 7.01
C ALA C 323 -33.94 33.66 6.12
N GLU C 324 -33.64 34.95 6.28
CA GLU C 324 -34.21 36.02 5.46
C GLU C 324 -33.74 35.96 4.00
N TRP C 325 -32.48 35.60 3.82
CA TRP C 325 -31.93 35.42 2.48
C TRP C 325 -32.59 34.21 1.79
N VAL C 326 -32.80 33.14 2.55
CA VAL C 326 -33.38 31.88 2.02
C VAL C 326 -34.83 32.11 1.59
N GLU C 327 -35.53 32.94 2.35
CA GLU C 327 -36.90 33.31 2.07
C GLU C 327 -36.98 34.02 0.71
N LYS C 328 -36.03 34.91 0.46
CA LYS C 328 -35.93 35.59 -0.82
C LYS C 328 -35.69 34.60 -1.96
N VAL C 329 -34.69 33.74 -1.80
CA VAL C 329 -34.38 32.72 -2.81
C VAL C 329 -35.61 31.86 -3.16
N VAL C 330 -36.33 31.43 -2.11
CA VAL C 330 -37.58 30.68 -2.26
C VAL C 330 -38.65 31.49 -3.02
N GLU C 331 -38.71 32.79 -2.75
CA GLU C 331 -39.60 33.70 -3.48
C GLU C 331 -39.18 33.76 -4.96
N LYS C 332 -37.89 33.94 -5.23
CA LYS C 332 -37.37 33.96 -6.60
C LYS C 332 -37.66 32.65 -7.33
N ALA C 333 -37.61 31.54 -6.59
CA ALA C 333 -37.85 30.20 -7.14
C ALA C 333 -39.31 29.96 -7.58
N ILE C 334 -40.25 30.52 -6.82
CA ILE C 334 -41.68 30.41 -7.14
C ILE C 334 -41.98 31.29 -8.35
N ASP C 335 -41.37 32.48 -8.38
CA ASP C 335 -41.46 33.41 -9.51
C ASP C 335 -41.05 32.84 -10.86
N GLU C 336 -40.04 31.98 -10.86
CA GLU C 336 -39.55 31.36 -12.10
C GLU C 336 -40.44 30.19 -12.51
N GLY C 337 -41.48 29.92 -11.71
CA GLY C 337 -42.45 28.89 -12.03
C GLY C 337 -42.41 27.68 -11.13
N GLY C 338 -41.66 27.79 -10.04
CA GLY C 338 -41.59 26.75 -9.02
C GLY C 338 -42.93 26.53 -8.34
N LYS C 339 -43.28 25.26 -8.17
CA LYS C 339 -44.54 24.86 -7.53
C LYS C 339 -44.27 24.47 -6.08
N LEU C 340 -44.75 25.27 -5.13
CA LEU C 340 -44.54 25.00 -3.71
C LEU C 340 -45.40 23.83 -3.24
N LEU C 341 -44.79 22.88 -2.55
CA LEU C 341 -45.51 21.67 -2.13
C LEU C 341 -45.58 21.55 -0.61
N LEU C 342 -44.68 22.25 0.09
CA LEU C 342 -44.64 22.25 1.54
C LEU C 342 -43.86 23.45 2.04
N GLY C 343 -44.16 23.89 3.26
CA GLY C 343 -43.40 24.94 3.93
C GLY C 343 -43.35 26.27 3.20
N GLY C 344 -42.14 26.78 2.98
CA GLY C 344 -41.95 28.12 2.42
C GLY C 344 -42.33 29.15 3.48
N LYS C 345 -41.83 28.95 4.68
CA LYS C 345 -42.45 29.48 5.89
C LYS C 345 -41.40 29.52 7.00
N ARG C 346 -41.37 30.60 7.78
CA ARG C 346 -40.38 30.74 8.85
C ARG C 346 -40.86 31.58 10.02
N ASP C 347 -40.46 31.19 11.22
CA ASP C 347 -40.58 32.02 12.41
C ASP C 347 -39.18 32.39 12.85
N LYS C 348 -38.87 33.68 12.78
CA LYS C 348 -37.50 34.17 12.95
C LYS C 348 -36.55 33.31 12.10
N ALA C 349 -35.61 32.60 12.73
CA ALA C 349 -34.63 31.80 12.01
C ALA C 349 -35.08 30.33 11.86
N LEU C 350 -36.18 29.96 12.52
CA LEU C 350 -36.73 28.61 12.41
C LEU C 350 -37.41 28.46 11.06
N PHE C 351 -36.72 27.80 10.13
CA PHE C 351 -37.21 27.65 8.77
C PHE C 351 -37.82 26.25 8.56
N TYR C 352 -39.06 26.23 8.08
CA TYR C 352 -39.79 24.97 7.93
C TYR C 352 -39.42 24.19 6.68
N PRO C 353 -39.42 22.85 6.78
CA PRO C 353 -39.13 22.00 5.64
C PRO C 353 -39.95 22.44 4.44
N THR C 354 -39.25 22.77 3.35
CA THR C 354 -39.83 23.41 2.18
C THR C 354 -39.49 22.59 0.94
N ILE C 355 -40.50 22.23 0.15
CA ILE C 355 -40.30 21.39 -1.01
C ILE C 355 -40.97 22.00 -2.23
N LEU C 356 -40.23 22.11 -3.33
CA LEU C 356 -40.77 22.64 -4.57
C LEU C 356 -40.49 21.71 -5.74
N GLU C 357 -41.46 21.57 -6.64
CA GLU C 357 -41.15 21.04 -7.96
C GLU C 357 -40.77 22.17 -8.92
N VAL C 358 -39.61 22.03 -9.56
CA VAL C 358 -39.04 23.05 -10.44
C VAL C 358 -38.54 22.42 -11.74
N ASP C 359 -38.13 23.26 -12.69
CA ASP C 359 -37.42 22.76 -13.87
C ASP C 359 -35.90 22.97 -13.70
N ARG C 360 -35.12 22.49 -14.66
CA ARG C 360 -33.66 22.48 -14.52
C ARG C 360 -33.02 23.87 -14.55
N ASP C 361 -33.77 24.86 -15.04
CA ASP C 361 -33.27 26.23 -15.10
C ASP C 361 -33.59 27.05 -13.86
N ASN C 362 -34.08 26.39 -12.81
CA ASN C 362 -34.43 27.08 -11.58
C ASN C 362 -33.21 27.60 -10.82
N ILE C 363 -33.43 28.65 -10.03
CA ILE C 363 -32.39 29.22 -9.17
C ILE C 363 -31.90 28.20 -8.11
N LEU C 364 -32.80 27.35 -7.63
CA LEU C 364 -32.46 26.35 -6.62
C LEU C 364 -31.50 25.25 -7.13
N CYS C 365 -31.44 25.07 -8.44
CA CYS C 365 -30.52 24.12 -9.06
C CYS C 365 -29.10 24.66 -9.16
N LYS C 366 -28.93 25.96 -8.91
CA LYS C 366 -27.63 26.64 -8.99
C LYS C 366 -27.16 27.24 -7.65
N THR C 367 -28.01 27.14 -6.62
CA THR C 367 -27.78 27.82 -5.36
C THR C 367 -27.72 26.82 -4.22
N GLU C 368 -26.62 26.83 -3.47
CA GLU C 368 -26.56 26.08 -2.23
C GLU C 368 -27.24 26.94 -1.18
N THR C 369 -28.33 26.43 -0.62
CA THR C 369 -29.15 27.29 0.24
C THR C 369 -28.81 27.15 1.69
N PHE C 370 -28.15 26.05 2.06
CA PHE C 370 -27.83 25.78 3.46
C PHE C 370 -29.11 25.94 4.27
N ALA C 371 -30.14 25.22 3.84
CA ALA C 371 -31.51 25.40 4.32
C ALA C 371 -32.34 24.15 4.04
N PRO C 372 -33.41 23.93 4.85
CA PRO C 372 -34.25 22.78 4.55
C PRO C 372 -35.19 23.08 3.36
N VAL C 373 -34.60 23.34 2.19
CA VAL C 373 -35.34 23.72 0.98
C VAL C 373 -34.97 22.80 -0.18
N ILE C 374 -35.90 21.95 -0.58
CA ILE C 374 -35.62 20.87 -1.52
C ILE C 374 -36.39 20.99 -2.84
N PRO C 375 -35.69 21.24 -3.97
CA PRO C 375 -36.28 21.22 -5.31
C PRO C 375 -36.27 19.83 -5.96
N ILE C 376 -37.41 19.43 -6.50
CA ILE C 376 -37.55 18.14 -7.16
C ILE C 376 -37.80 18.37 -8.65
N ILE C 377 -36.94 17.79 -9.49
CA ILE C 377 -37.07 17.89 -10.94
C ILE C 377 -37.45 16.54 -11.52
N ARG C 378 -38.60 16.49 -12.17
CA ARG C 378 -39.04 15.28 -12.86
C ARG C 378 -38.39 15.27 -14.24
N THR C 379 -37.80 14.14 -14.59
CA THR C 379 -37.00 14.07 -15.80
C THR C 379 -36.93 12.66 -16.39
N ASN C 380 -36.47 12.59 -17.64
CA ASN C 380 -36.14 11.31 -18.23
C ASN C 380 -34.69 10.95 -17.88
N GLU C 381 -34.40 9.65 -17.85
CA GLU C 381 -33.09 9.11 -17.44
C GLU C 381 -31.91 9.69 -18.27
N GLU C 382 -32.18 10.01 -19.54
CA GLU C 382 -31.16 10.50 -20.47
C GLU C 382 -30.69 11.93 -20.20
N GLU C 383 -31.48 12.67 -19.44
CA GLU C 383 -31.16 14.04 -19.11
C GLU C 383 -30.48 14.12 -17.75
N MET C 384 -30.57 13.05 -16.97
CA MET C 384 -30.20 13.10 -15.54
C MET C 384 -28.75 13.46 -15.27
N ILE C 385 -27.84 12.88 -16.04
CA ILE C 385 -26.42 13.12 -15.83
C ILE C 385 -26.06 14.53 -16.26
N ASP C 386 -26.60 14.95 -17.40
CA ASP C 386 -26.45 16.30 -17.93
C ASP C 386 -26.82 17.32 -16.85
N ILE C 387 -28.02 17.20 -16.29
CA ILE C 387 -28.48 18.10 -15.23
C ILE C 387 -27.60 18.00 -13.98
N ALA C 388 -27.25 16.77 -13.58
CA ALA C 388 -26.41 16.53 -12.40
C ALA C 388 -25.05 17.23 -12.48
N ASN C 389 -24.45 17.20 -13.67
CA ASN C 389 -23.12 17.78 -13.90
C ASN C 389 -23.16 19.25 -14.31
N SER C 390 -24.35 19.84 -14.33
CA SER C 390 -24.54 21.19 -14.91
C SER C 390 -24.18 22.33 -13.96
N THR C 391 -23.71 22.02 -12.76
CA THR C 391 -23.30 23.07 -11.82
C THR C 391 -21.79 23.30 -11.89
N GLU C 392 -21.31 24.30 -11.17
CA GLU C 392 -19.89 24.57 -11.07
C GLU C 392 -19.25 23.75 -9.96
N TYR C 393 -20.08 23.06 -9.18
CA TYR C 393 -19.59 22.30 -8.05
C TYR C 393 -19.50 20.81 -8.38
N GLY C 394 -18.89 20.05 -7.46
CA GLY C 394 -18.74 18.62 -7.61
C GLY C 394 -18.38 17.94 -6.31
N LEU C 395 -19.16 18.20 -5.27
CA LEU C 395 -18.89 17.52 -4.00
C LEU C 395 -19.45 16.09 -3.95
N HIS C 396 -20.73 15.93 -3.62
CA HIS C 396 -21.37 14.60 -3.54
C HIS C 396 -22.61 14.47 -4.42
N SER C 397 -22.82 13.27 -4.94
CA SER C 397 -24.01 12.92 -5.70
C SER C 397 -24.48 11.57 -5.16
N ALA C 398 -25.74 11.22 -5.47
CA ALA C 398 -26.34 9.95 -5.06
C ALA C 398 -27.26 9.42 -6.14
N ILE C 399 -27.38 8.09 -6.18
CA ILE C 399 -28.30 7.45 -7.09
C ILE C 399 -29.00 6.26 -6.43
N PHE C 400 -30.30 6.16 -6.69
CA PHE C 400 -31.12 5.09 -6.18
C PHE C 400 -31.60 4.25 -7.34
N THR C 401 -31.07 3.04 -7.42
CA THR C 401 -31.42 2.08 -8.48
C THR C 401 -31.01 0.71 -7.97
N ASN C 402 -31.58 -0.35 -8.57
CA ASN C 402 -31.22 -1.74 -8.30
CA ASN C 402 -31.12 -1.72 -8.27
C ASN C 402 -30.48 -2.34 -9.52
N ASP C 403 -30.22 -1.50 -10.53
CA ASP C 403 -29.65 -1.91 -11.81
C ASP C 403 -28.13 -1.77 -11.80
N ILE C 404 -27.44 -2.89 -11.97
CA ILE C 404 -25.97 -2.87 -11.97
C ILE C 404 -25.37 -1.95 -13.04
N ASN C 405 -25.74 -2.17 -14.30
CA ASN C 405 -25.20 -1.42 -15.43
C ASN C 405 -25.42 0.09 -15.32
N LYS C 406 -26.60 0.48 -14.85
CA LYS C 406 -26.94 1.90 -14.71
C LYS C 406 -26.14 2.52 -13.58
N SER C 407 -26.10 1.82 -12.45
CA SER C 407 -25.34 2.33 -11.32
C SER C 407 -23.86 2.51 -11.67
N LEU C 408 -23.27 1.56 -12.40
CA LEU C 408 -21.87 1.68 -12.82
C LEU C 408 -21.62 2.88 -13.72
N LYS C 409 -22.53 3.07 -14.69
CA LYS C 409 -22.50 4.15 -15.65
C LYS C 409 -22.66 5.52 -14.98
N PHE C 410 -23.70 5.68 -14.15
CA PHE C 410 -23.86 6.91 -13.38
C PHE C 410 -22.68 7.17 -12.47
N ALA C 411 -22.22 6.14 -11.76
CA ALA C 411 -21.09 6.28 -10.85
C ALA C 411 -19.83 6.77 -11.56
N GLU C 412 -19.61 6.33 -12.80
CA GLU C 412 -18.42 6.76 -13.54
C GLU C 412 -18.58 8.16 -14.16
N ASN C 413 -19.81 8.48 -14.57
CA ASN C 413 -20.04 9.71 -15.30
C ASN C 413 -20.43 10.92 -14.45
N LEU C 414 -20.82 10.69 -13.19
CA LEU C 414 -21.11 11.80 -12.30
C LEU C 414 -19.81 12.45 -11.89
N GLU C 415 -19.70 13.76 -12.12
CA GLU C 415 -18.44 14.47 -11.88
C GLU C 415 -18.36 15.02 -10.46
N PHE C 416 -18.11 14.11 -9.51
CA PHE C 416 -18.19 14.44 -8.08
C PHE C 416 -17.09 13.74 -7.31
N GLY C 417 -16.75 14.29 -6.14
CA GLY C 417 -15.75 13.67 -5.25
C GLY C 417 -16.29 12.42 -4.58
N GLY C 418 -17.61 12.32 -4.50
CA GLY C 418 -18.25 11.17 -3.92
C GLY C 418 -19.53 10.84 -4.65
N VAL C 419 -19.74 9.55 -4.88
CA VAL C 419 -21.00 9.06 -5.44
C VAL C 419 -21.58 8.03 -4.48
N VAL C 420 -22.78 8.33 -3.97
CA VAL C 420 -23.46 7.44 -3.05
C VAL C 420 -24.55 6.65 -3.78
N ILE C 421 -24.53 5.34 -3.61
CA ILE C 421 -25.54 4.47 -4.20
C ILE C 421 -26.50 3.85 -3.18
N ASN C 422 -27.78 4.17 -3.37
CA ASN C 422 -28.87 3.71 -2.51
C ASN C 422 -28.85 4.29 -1.11
N ASP C 423 -28.21 5.45 -1.00
CA ASP C 423 -28.35 6.33 0.16
C ASP C 423 -28.13 7.75 -0.38
N SER C 424 -28.51 8.77 0.39
CA SER C 424 -28.42 10.16 -0.09
C SER C 424 -26.97 10.63 -0.10
N SER C 425 -26.75 11.78 -0.75
CA SER C 425 -25.44 12.41 -0.81
C SER C 425 -24.87 12.71 0.56
N LEU C 426 -25.73 12.78 1.57
CA LEU C 426 -25.30 13.15 2.91
C LEU C 426 -24.29 12.21 3.55
N PHE C 427 -24.25 10.96 3.12
CA PHE C 427 -23.32 10.00 3.71
C PHE C 427 -21.83 10.37 3.73
N ARG C 428 -21.23 10.21 4.91
CA ARG C 428 -19.79 10.25 5.06
C ARG C 428 -19.33 9.32 6.20
N GLN C 429 -18.62 8.27 5.85
CA GLN C 429 -17.94 7.46 6.86
C GLN C 429 -16.63 8.22 7.14
N ASP C 430 -16.31 8.45 8.40
CA ASP C 430 -15.23 9.38 8.73
C ASP C 430 -13.83 8.98 8.24
N ASN C 431 -13.60 7.68 8.13
CA ASN C 431 -12.30 7.15 7.75
C ASN C 431 -12.18 7.01 6.23
N MET C 432 -13.19 7.49 5.50
CA MET C 432 -13.14 7.48 4.05
C MET C 432 -12.51 8.79 3.53
N PRO C 433 -11.81 8.73 2.38
CA PRO C 433 -11.31 9.97 1.78
C PRO C 433 -12.53 10.76 1.30
N PHE C 434 -12.51 12.07 1.53
CA PHE C 434 -13.68 12.90 1.35
C PHE C 434 -13.28 14.28 0.86
N GLY C 435 -13.99 14.75 -0.16
CA GLY C 435 -13.79 16.11 -0.69
C GLY C 435 -14.37 16.22 -2.08
N GLY C 436 -14.17 17.36 -2.72
CA GLY C 436 -14.88 17.70 -3.97
C GLY C 436 -13.99 17.95 -5.16
N VAL C 437 -14.59 17.96 -6.34
CA VAL C 437 -13.90 18.35 -7.55
C VAL C 437 -14.55 19.65 -8.00
N LYS C 438 -14.03 20.20 -9.08
CA LYS C 438 -14.46 21.51 -9.58
C LYS C 438 -14.39 22.59 -8.47
N LYS C 439 -15.45 23.39 -8.30
CA LYS C 439 -15.45 24.48 -7.30
C LYS C 439 -15.73 23.99 -5.87
N SER C 440 -15.92 22.69 -5.70
CA SER C 440 -16.20 22.12 -4.38
C SER C 440 -14.96 21.88 -3.54
N GLY C 441 -13.77 21.99 -4.13
CA GLY C 441 -12.56 21.98 -3.31
C GLY C 441 -11.26 21.44 -3.85
N LEU C 442 -10.35 21.23 -2.92
CA LEU C 442 -8.98 20.83 -3.18
C LEU C 442 -8.56 19.91 -2.06
N GLY C 443 -8.08 18.72 -2.42
CA GLY C 443 -7.63 17.79 -1.40
C GLY C 443 -8.73 16.96 -0.74
N ARG C 444 -8.30 15.99 0.04
CA ARG C 444 -9.22 15.08 0.70
C ARG C 444 -9.02 15.13 2.19
N GLU C 445 -10.11 15.07 2.94
CA GLU C 445 -9.97 14.91 4.36
C GLU C 445 -10.34 13.47 4.74
N GLY C 446 -10.42 13.20 6.05
CA GLY C 446 -10.26 11.84 6.55
C GLY C 446 -8.83 11.78 7.06
N VAL C 447 -8.70 11.48 8.34
CA VAL C 447 -7.45 11.55 9.09
C VAL C 447 -6.21 11.11 8.30
N LYS C 448 -6.21 9.86 7.81
CA LYS C 448 -5.06 9.34 7.05
C LYS C 448 -4.74 10.22 5.87
N TYR C 449 -5.78 10.71 5.20
CA TYR C 449 -5.63 11.51 3.99
C TYR C 449 -5.17 12.94 4.34
N ALA C 450 -5.69 13.46 5.45
CA ALA C 450 -5.29 14.81 5.88
C ALA C 450 -3.83 14.78 6.36
N MET C 451 -3.42 13.68 7.01
CA MET C 451 -2.03 13.50 7.45
C MET C 451 -1.05 13.61 6.29
N GLU C 452 -1.44 13.06 5.13
CA GLU C 452 -0.60 13.10 3.94
C GLU C 452 -0.55 14.52 3.35
N GLU C 453 -1.61 15.29 3.58
CA GLU C 453 -1.71 16.65 3.15
C GLU C 453 -0.89 17.55 4.07
N MET C 454 -0.92 17.24 5.36
CA MET C 454 -0.29 18.09 6.38
C MET C 454 1.18 17.70 6.63
N SER C 455 1.74 16.92 5.71
CA SER C 455 3.15 16.57 5.77
C SER C 455 3.79 16.70 4.40
N ASN C 456 5.13 16.81 4.40
CA ASN C 456 5.94 16.69 3.20
C ASN C 456 6.77 15.40 3.21
N ILE C 457 6.97 14.82 2.04
CA ILE C 457 7.85 13.68 1.85
C ILE C 457 9.30 14.17 1.78
N LYS C 458 10.17 13.48 2.50
CA LYS C 458 11.60 13.60 2.36
C LYS C 458 12.09 12.26 1.83
N THR C 459 12.84 12.29 0.72
CA THR C 459 13.45 11.08 0.17
C THR C 459 14.89 10.98 0.63
N ILE C 460 15.24 9.84 1.23
CA ILE C 460 16.58 9.63 1.74
C ILE C 460 17.23 8.52 0.95
N ILE C 461 18.41 8.83 0.41
CA ILE C 461 19.12 7.95 -0.49
C ILE C 461 20.46 7.56 0.12
N ILE C 462 20.62 6.28 0.42
CA ILE C 462 21.87 5.82 1.00
C ILE C 462 22.64 5.02 -0.03
N SER C 463 23.78 5.54 -0.42
CA SER C 463 24.60 4.89 -1.42
C SER C 463 25.45 3.80 -0.79
N LYS C 464 25.38 2.62 -1.38
CA LYS C 464 26.06 1.44 -0.85
C LYS C 464 27.50 1.28 -1.35
N ILE D 9 0.90 25.20 -37.27
CA ILE D 9 1.26 26.52 -37.91
C ILE D 9 2.62 26.46 -38.61
N ASN D 10 2.68 27.05 -39.80
CA ASN D 10 3.87 27.07 -40.65
C ASN D 10 4.81 28.26 -40.36
N ARG D 11 4.40 29.12 -39.41
CA ARG D 11 5.12 30.36 -39.13
C ARG D 11 6.54 30.12 -38.62
N GLU D 12 7.45 31.00 -39.05
CA GLU D 12 8.83 30.97 -38.61
C GLU D 12 9.13 32.31 -37.92
N ASP D 13 8.85 32.35 -36.62
CA ASP D 13 8.79 33.58 -35.85
C ASP D 13 10.01 33.80 -34.98
N MET D 14 10.42 32.76 -34.26
CA MET D 14 11.36 32.92 -33.15
C MET D 14 12.63 32.12 -33.35
N ASP D 15 13.76 32.84 -33.40
CA ASP D 15 15.07 32.22 -33.44
C ASP D 15 15.26 31.15 -32.36
N VAL D 16 15.92 30.06 -32.74
CA VAL D 16 16.44 29.08 -31.80
C VAL D 16 17.97 29.06 -31.97
N ILE D 17 18.69 29.16 -30.86
CA ILE D 17 20.14 29.40 -30.88
C ILE D 17 20.94 28.18 -30.42
N ASN D 18 22.04 27.92 -31.14
CA ASN D 18 23.08 26.99 -30.71
C ASN D 18 23.96 27.73 -29.71
N PRO D 19 23.95 27.30 -28.43
CA PRO D 19 24.65 28.02 -27.36
C PRO D 19 26.18 27.97 -27.48
N TYR D 20 26.70 26.99 -28.22
CA TYR D 20 28.13 26.92 -28.47
C TYR D 20 28.55 27.91 -29.57
N SER D 21 27.98 27.76 -30.77
CA SER D 21 28.38 28.58 -31.92
C SER D 21 27.64 29.93 -31.99
N LEU D 22 26.57 30.04 -31.20
CA LEU D 22 25.71 31.23 -31.18
C LEU D 22 24.96 31.49 -32.51
N GLU D 23 24.94 30.49 -33.39
CA GLU D 23 24.21 30.56 -34.66
C GLU D 23 22.72 30.32 -34.46
N VAL D 24 21.91 30.85 -35.36
CA VAL D 24 20.50 30.48 -35.47
C VAL D 24 20.47 29.11 -36.15
N ILE D 25 19.77 28.15 -35.52
CA ILE D 25 19.57 26.82 -36.10
C ILE D 25 18.35 26.86 -37.01
N LYS D 26 17.26 27.40 -36.48
CA LYS D 26 16.07 27.75 -37.27
C LYS D 26 15.06 28.60 -36.46
N LYS D 27 13.95 28.93 -37.11
CA LYS D 27 12.91 29.75 -36.49
C LYS D 27 11.64 28.93 -36.33
N ILE D 28 11.10 28.94 -35.12
CA ILE D 28 9.91 28.16 -34.78
C ILE D 28 8.69 29.10 -34.62
N PRO D 29 7.47 28.51 -34.46
CA PRO D 29 6.31 29.39 -34.26
C PRO D 29 6.30 30.02 -32.86
N ALA D 30 5.96 31.30 -32.79
CA ALA D 30 5.75 31.97 -31.52
C ALA D 30 4.27 32.36 -31.46
N LEU D 31 3.52 31.70 -30.59
CA LEU D 31 2.08 31.95 -30.52
C LEU D 31 1.76 33.22 -29.69
N SER D 32 0.66 33.87 -30.04
CA SER D 32 0.20 35.01 -29.26
C SER D 32 -0.64 34.49 -28.10
N ARG D 33 -0.97 35.36 -27.15
CA ARG D 33 -1.83 35.00 -26.01
C ARG D 33 -3.17 34.50 -26.52
N GLU D 34 -3.74 35.21 -27.49
CA GLU D 34 -4.97 34.82 -28.16
C GLU D 34 -4.87 33.40 -28.72
N GLU D 35 -3.78 33.11 -29.42
CA GLU D 35 -3.53 31.76 -29.98
C GLU D 35 -3.41 30.68 -28.91
N ALA D 36 -2.87 31.04 -27.75
CA ALA D 36 -2.82 30.16 -26.60
C ALA D 36 -4.22 29.89 -26.03
N LYS D 37 -5.04 30.95 -25.86
CA LYS D 37 -6.44 30.81 -25.44
C LYS D 37 -7.23 29.86 -26.34
N GLU D 38 -7.07 30.06 -27.65
CA GLU D 38 -7.72 29.28 -28.68
C GLU D 38 -7.26 27.83 -28.70
N ALA D 39 -5.97 27.59 -28.41
CA ALA D 39 -5.45 26.23 -28.33
C ALA D 39 -6.00 25.50 -27.09
N ILE D 40 -6.16 26.25 -26.00
CA ILE D 40 -6.71 25.72 -24.75
C ILE D 40 -8.18 25.36 -24.94
N ASP D 41 -8.93 26.22 -25.66
CA ASP D 41 -10.33 25.91 -26.04
C ASP D 41 -10.44 24.60 -26.85
N THR D 42 -9.55 24.42 -27.83
CA THR D 42 -9.47 23.19 -28.63
C THR D 42 -9.25 21.93 -27.77
N ALA D 43 -8.23 22.00 -26.91
CA ALA D 43 -7.93 20.91 -25.98
C ALA D 43 -9.12 20.53 -25.09
N GLU D 44 -9.96 21.52 -24.77
CA GLU D 44 -11.12 21.28 -23.90
C GLU D 44 -12.13 20.35 -24.57
N LYS D 45 -12.20 20.43 -25.89
CA LYS D 45 -13.16 19.66 -26.67
C LYS D 45 -12.81 18.16 -26.72
N TYR D 46 -11.59 17.83 -26.31
CA TYR D 46 -11.15 16.44 -26.30
C TYR D 46 -11.07 15.81 -24.89
N LYS D 47 -11.52 16.55 -23.86
CA LYS D 47 -11.47 16.08 -22.48
C LYS D 47 -12.20 14.74 -22.26
N GLU D 48 -13.39 14.59 -22.83
CA GLU D 48 -14.16 13.36 -22.75
C GLU D 48 -13.50 12.16 -23.45
N VAL D 49 -12.82 12.41 -24.56
CA VAL D 49 -12.15 11.35 -25.31
C VAL D 49 -10.96 10.82 -24.51
N MET D 50 -10.13 11.72 -23.97
CA MET D 50 -9.01 11.31 -23.12
C MET D 50 -9.48 10.62 -21.86
N LYS D 51 -10.57 11.12 -21.29
CA LYS D 51 -11.13 10.61 -20.06
C LYS D 51 -11.65 9.19 -20.22
N ASN D 52 -12.13 8.85 -21.42
CA ASN D 52 -12.73 7.54 -21.66
C ASN D 52 -11.83 6.56 -22.40
N LEU D 53 -10.63 7.01 -22.73
CA LEU D 53 -9.65 6.17 -23.40
C LEU D 53 -9.35 4.95 -22.54
N PRO D 54 -9.51 3.74 -23.13
CA PRO D 54 -9.26 2.52 -22.36
C PRO D 54 -7.81 2.40 -21.93
N ILE D 55 -7.59 1.67 -20.84
CA ILE D 55 -6.27 1.38 -20.29
C ILE D 55 -5.28 0.85 -21.36
N THR D 56 -5.70 -0.19 -22.09
CA THR D 56 -4.92 -0.80 -23.16
C THR D 56 -4.45 0.26 -24.17
N LYS D 57 -5.31 1.22 -24.46
CA LYS D 57 -4.95 2.24 -25.43
C LYS D 57 -3.90 3.22 -24.90
N ARG D 58 -4.08 3.69 -23.65
CA ARG D 58 -3.07 4.58 -23.02
C ARG D 58 -1.73 3.87 -22.90
N TYR D 59 -1.80 2.57 -22.59
CA TYR D 59 -0.61 1.72 -22.50
C TYR D 59 0.10 1.69 -23.84
N ASN D 60 -0.66 1.43 -24.91
CA ASN D 60 -0.10 1.33 -26.25
C ASN D 60 0.53 2.64 -26.72
N ILE D 61 -0.19 3.75 -26.53
CA ILE D 61 0.34 5.08 -26.85
C ILE D 61 1.66 5.34 -26.13
N LEU D 62 1.67 5.12 -24.81
CA LEU D 62 2.86 5.32 -24.00
C LEU D 62 4.05 4.48 -24.43
N MET D 63 3.82 3.17 -24.66
CA MET D 63 4.87 2.25 -25.14
C MET D 63 5.40 2.62 -26.53
N ASN D 64 4.50 3.02 -27.43
CA ASN D 64 4.87 3.44 -28.77
C ASN D 64 5.71 4.72 -28.80
N ILE D 65 5.45 5.64 -27.86
CA ILE D 65 6.26 6.83 -27.69
C ILE D 65 7.67 6.41 -27.30
N ALA D 66 7.79 5.55 -26.28
CA ALA D 66 9.10 5.05 -25.84
C ALA D 66 9.85 4.41 -27.00
N LYS D 67 9.14 3.57 -27.76
CA LYS D 67 9.68 2.89 -28.94
C LYS D 67 10.24 3.88 -29.98
N GLN D 68 9.48 4.91 -30.32
CA GLN D 68 9.96 5.95 -31.26
C GLN D 68 11.17 6.74 -30.73
N ILE D 69 11.21 6.97 -29.41
CA ILE D 69 12.34 7.70 -28.83
C ILE D 69 13.60 6.86 -28.91
N LYS D 70 13.45 5.55 -28.69
CA LYS D 70 14.54 4.60 -28.79
C LYS D 70 15.10 4.55 -30.21
N GLU D 71 14.21 4.54 -31.20
CA GLU D 71 14.62 4.46 -32.60
C GLU D 71 15.38 5.69 -33.06
N LYS D 72 14.99 6.85 -32.54
CA LYS D 72 15.56 8.14 -32.90
C LYS D 72 16.59 8.57 -31.85
N LYS D 73 17.03 7.59 -31.05
CA LYS D 73 17.89 7.86 -29.90
C LYS D 73 19.04 8.84 -30.17
N GLU D 74 19.83 8.54 -31.19
CA GLU D 74 21.06 9.26 -31.45
C GLU D 74 20.81 10.66 -32.00
N GLU D 75 19.82 10.80 -32.89
CA GLU D 75 19.41 12.10 -33.40
C GLU D 75 19.00 13.02 -32.25
N LEU D 76 18.15 12.51 -31.36
CA LEU D 76 17.61 13.31 -30.26
C LEU D 76 18.71 13.79 -29.32
N ALA D 77 19.70 12.95 -29.09
CA ALA D 77 20.85 13.34 -28.31
C ALA D 77 21.59 14.47 -29.01
N LYS D 78 21.78 14.36 -30.33
CA LYS D 78 22.47 15.42 -31.08
C LYS D 78 21.74 16.75 -30.97
N ILE D 79 20.40 16.67 -30.97
CA ILE D 79 19.56 17.85 -30.83
C ILE D 79 19.76 18.50 -29.48
N LEU D 80 19.86 17.70 -28.43
CA LEU D 80 20.19 18.21 -27.11
C LEU D 80 21.53 18.93 -27.09
N ALA D 81 22.53 18.36 -27.77
CA ALA D 81 23.87 18.94 -27.85
C ALA D 81 23.86 20.29 -28.57
N ILE D 82 23.18 20.32 -29.72
CA ILE D 82 23.14 21.49 -30.56
C ILE D 82 22.28 22.60 -29.98
N ASP D 83 21.15 22.23 -29.41
CA ASP D 83 20.14 23.19 -29.00
C ASP D 83 20.31 23.60 -27.54
N ALA D 84 20.58 22.62 -26.67
CA ALA D 84 20.72 22.87 -25.24
C ALA D 84 22.19 22.98 -24.80
N GLY D 85 23.12 22.77 -25.74
CA GLY D 85 24.56 22.73 -25.42
C GLY D 85 24.99 21.60 -24.50
N LYS D 86 24.21 20.53 -24.47
CA LYS D 86 24.47 19.39 -23.59
C LYS D 86 25.51 18.47 -24.24
N PRO D 87 26.63 18.21 -23.54
CA PRO D 87 27.64 17.30 -24.11
C PRO D 87 26.98 15.97 -24.52
N ILE D 88 27.42 15.45 -25.66
CA ILE D 88 26.75 14.33 -26.32
C ILE D 88 26.57 13.08 -25.44
N LYS D 89 27.49 12.83 -24.53
CA LYS D 89 27.41 11.64 -23.67
C LYS D 89 26.29 11.83 -22.64
N GLN D 90 26.17 13.07 -22.16
CA GLN D 90 25.12 13.39 -21.19
C GLN D 90 23.74 13.44 -21.83
N ALA D 91 23.69 13.88 -23.09
CA ALA D 91 22.45 13.92 -23.86
C ALA D 91 21.90 12.50 -24.08
N ARG D 92 22.80 11.54 -24.31
CA ARG D 92 22.38 10.16 -24.54
C ARG D 92 21.73 9.57 -23.29
N VAL D 93 22.30 9.91 -22.14
CA VAL D 93 21.73 9.52 -20.86
C VAL D 93 20.31 10.13 -20.66
N GLU D 94 20.14 11.42 -20.98
CA GLU D 94 18.82 12.03 -20.84
C GLU D 94 17.78 11.32 -21.71
N VAL D 95 18.13 11.08 -22.98
CA VAL D 95 17.26 10.33 -23.89
C VAL D 95 16.86 8.99 -23.29
N GLU D 96 17.85 8.24 -22.78
CA GLU D 96 17.61 6.91 -22.21
C GLU D 96 16.60 6.94 -21.07
N ARG D 97 16.71 7.95 -20.18
CA ARG D 97 15.83 8.06 -19.01
C ARG D 97 14.40 8.39 -19.43
N SER D 98 14.24 9.16 -20.50
CA SER D 98 12.93 9.54 -21.00
C SER D 98 12.23 8.31 -21.57
N ILE D 99 13.01 7.42 -22.18
CA ILE D 99 12.49 6.11 -22.62
C ILE D 99 11.91 5.40 -21.39
N GLY D 100 12.72 5.29 -20.35
CA GLY D 100 12.32 4.64 -19.09
C GLY D 100 11.09 5.25 -18.48
N THR D 101 10.98 6.58 -18.55
CA THR D 101 9.83 7.29 -18.01
C THR D 101 8.51 6.99 -18.75
N PHE D 102 8.55 6.91 -20.08
CA PHE D 102 7.34 6.56 -20.81
C PHE D 102 6.93 5.10 -20.61
N LYS D 103 7.90 4.20 -20.53
CA LYS D 103 7.60 2.78 -20.31
C LYS D 103 7.02 2.58 -18.92
N LEU D 104 7.51 3.35 -17.96
CA LEU D 104 7.07 3.22 -16.59
C LEU D 104 5.63 3.72 -16.40
N ALA D 105 5.28 4.83 -17.05
CA ALA D 105 3.88 5.29 -17.04
C ALA D 105 2.95 4.23 -17.64
N ALA D 106 3.41 3.55 -18.69
CA ALA D 106 2.66 2.50 -19.35
C ALA D 106 2.35 1.37 -18.39
N PHE D 107 3.35 0.99 -17.60
CA PHE D 107 3.09 -0.05 -16.63
CA PHE D 107 3.24 0.01 -16.51
C PHE D 107 2.17 0.44 -15.51
N TYR D 108 2.28 1.70 -15.08
CA TYR D 108 1.38 2.17 -14.03
C TYR D 108 -0.08 2.34 -14.45
N VAL D 109 -0.33 2.63 -15.73
CA VAL D 109 -1.70 2.56 -16.27
C VAL D 109 -2.36 1.24 -15.90
N LYS D 110 -1.61 0.14 -16.01
CA LYS D 110 -2.16 -1.19 -15.79
C LYS D 110 -2.12 -1.67 -14.34
N GLU D 111 -1.29 -1.04 -13.52
CA GLU D 111 -0.97 -1.59 -12.21
C GLU D 111 -1.40 -0.74 -11.06
N HIS D 112 -1.62 0.55 -11.34
CA HIS D 112 -2.01 1.52 -10.32
C HIS D 112 -3.19 1.03 -9.45
N ARG D 113 -3.02 1.04 -8.13
CA ARG D 113 -4.02 0.43 -7.25
C ARG D 113 -4.95 1.46 -6.64
N ASP D 114 -6.24 1.13 -6.58
CA ASP D 114 -7.18 1.92 -5.82
C ASP D 114 -7.47 1.09 -4.57
N GLU D 115 -8.32 1.60 -3.67
CA GLU D 115 -8.51 0.97 -2.38
C GLU D 115 -9.97 0.71 -2.04
N VAL D 116 -10.16 -0.24 -1.12
CA VAL D 116 -11.45 -0.51 -0.55
C VAL D 116 -11.38 -0.23 0.96
N ILE D 117 -12.38 0.44 1.49
CA ILE D 117 -12.42 0.74 2.90
C ILE D 117 -13.50 -0.09 3.58
N PRO D 118 -13.15 -0.78 4.70
CA PRO D 118 -14.13 -1.64 5.36
C PRO D 118 -15.31 -0.84 5.81
N SER D 119 -16.46 -1.49 5.83
CA SER D 119 -17.69 -0.87 6.30
C SER D 119 -18.73 -1.96 6.56
N ASP D 120 -19.53 -1.78 7.62
CA ASP D 120 -20.76 -2.55 7.78
C ASP D 120 -21.82 -2.08 6.79
N ASP D 121 -22.35 -3.02 6.03
CA ASP D 121 -23.44 -2.73 5.09
C ASP D 121 -23.15 -1.61 4.07
N ARG D 122 -21.88 -1.30 3.86
CA ARG D 122 -21.48 -0.51 2.69
C ARG D 122 -20.23 -1.05 2.01
N LEU D 123 -20.24 -1.03 0.68
CA LEU D 123 -19.02 -1.26 -0.07
C LEU D 123 -18.47 0.10 -0.49
N ILE D 124 -17.33 0.46 0.09
CA ILE D 124 -16.69 1.74 -0.15
C ILE D 124 -15.37 1.51 -0.90
N PHE D 125 -15.27 2.08 -2.10
CA PHE D 125 -14.03 1.98 -2.85
C PHE D 125 -13.72 3.25 -3.60
N THR D 126 -12.44 3.41 -3.95
CA THR D 126 -11.99 4.63 -4.61
C THR D 126 -11.77 4.41 -6.11
N ARG D 127 -11.69 5.51 -6.84
CA ARG D 127 -11.44 5.52 -8.27
C ARG D 127 -10.72 6.85 -8.59
N ARG D 128 -9.61 6.76 -9.31
CA ARG D 128 -8.89 7.92 -9.77
C ARG D 128 -9.46 8.32 -11.13
N GLU D 129 -9.75 9.61 -11.29
CA GLU D 129 -10.19 10.17 -12.56
C GLU D 129 -9.32 11.38 -12.88
N PRO D 130 -9.09 11.68 -14.18
CA PRO D 130 -8.21 12.78 -14.51
C PRO D 130 -8.69 14.14 -13.97
N VAL D 131 -7.73 15.04 -13.73
CA VAL D 131 -8.06 16.42 -13.36
C VAL D 131 -8.72 17.18 -14.51
N GLY D 132 -8.37 16.80 -15.75
CA GLY D 132 -8.97 17.36 -16.96
C GLY D 132 -7.93 17.82 -17.98
N ILE D 133 -7.61 19.12 -17.95
CA ILE D 133 -6.52 19.63 -18.75
C ILE D 133 -5.33 19.84 -17.82
N VAL D 134 -4.18 19.27 -18.21
CA VAL D 134 -2.93 19.50 -17.50
C VAL D 134 -2.09 20.47 -18.33
N GLY D 135 -1.78 21.62 -17.72
CA GLY D 135 -0.89 22.57 -18.33
C GLY D 135 0.51 22.23 -17.84
N ALA D 136 1.37 21.82 -18.77
CA ALA D 136 2.73 21.44 -18.43
C ALA D 136 3.71 22.50 -18.96
N ILE D 137 4.61 22.96 -18.10
CA ILE D 137 5.61 23.98 -18.48
C ILE D 137 6.97 23.47 -18.03
N THR D 138 7.89 23.37 -18.99
CA THR D 138 9.15 22.67 -18.77
C THR D 138 10.36 23.56 -19.06
N PRO D 139 11.53 23.22 -18.45
CA PRO D 139 12.69 24.09 -18.57
C PRO D 139 13.62 23.64 -19.69
N PHE D 140 14.72 24.38 -19.83
CA PHE D 140 15.70 24.13 -20.90
C PHE D 140 16.69 23.02 -20.59
N ASN D 141 16.86 22.66 -19.32
CA ASN D 141 18.05 21.91 -18.97
C ASN D 141 17.96 20.41 -19.19
N PHE D 142 16.80 19.82 -18.88
CA PHE D 142 16.52 18.43 -19.23
C PHE D 142 15.18 18.38 -19.94
N PRO D 143 15.09 19.03 -21.11
CA PRO D 143 13.77 19.24 -21.71
C PRO D 143 13.06 17.97 -22.20
N LEU D 144 13.82 16.93 -22.52
CA LEU D 144 13.20 15.69 -22.95
C LEU D 144 12.66 14.94 -21.75
N ASN D 145 13.54 14.59 -20.81
CA ASN D 145 13.12 13.81 -19.65
C ASN D 145 12.17 14.56 -18.74
N LEU D 146 12.37 15.86 -18.57
CA LEU D 146 11.45 16.61 -17.75
C LEU D 146 10.08 16.74 -18.41
N SER D 147 10.03 16.81 -19.74
CA SER D 147 8.76 16.73 -20.46
C SER D 147 8.10 15.38 -20.23
N ALA D 148 8.89 14.32 -20.37
CA ALA D 148 8.42 12.96 -20.20
C ALA D 148 7.75 12.81 -18.84
N HIS D 149 8.34 13.45 -17.83
CA HIS D 149 7.87 13.33 -16.44
C HIS D 149 6.53 14.00 -16.16
N LYS D 150 6.07 14.81 -17.10
CA LYS D 150 4.77 15.46 -16.99
C LYS D 150 3.79 14.84 -17.98
N ILE D 151 4.24 14.71 -19.24
CA ILE D 151 3.42 14.16 -20.31
C ILE D 151 3.03 12.71 -20.04
N ALA D 152 4.01 11.87 -19.71
CA ALA D 152 3.75 10.44 -19.55
C ALA D 152 2.69 10.18 -18.47
N PRO D 153 2.85 10.76 -17.28
CA PRO D 153 1.81 10.59 -16.24
C PRO D 153 0.46 11.26 -16.57
N ALA D 154 0.48 12.35 -17.34
CA ALA D 154 -0.77 13.02 -17.72
C ALA D 154 -1.59 12.12 -18.65
N ILE D 155 -0.93 11.51 -19.62
CA ILE D 155 -1.58 10.55 -20.53
C ILE D 155 -2.11 9.32 -19.79
N ALA D 156 -1.30 8.78 -18.87
CA ALA D 156 -1.67 7.59 -18.06
C ALA D 156 -2.93 7.80 -17.23
N THR D 157 -3.19 9.05 -16.86
CA THR D 157 -4.34 9.37 -16.01
C THR D 157 -5.48 10.01 -16.81
N GLY D 158 -5.39 9.94 -18.14
CA GLY D 158 -6.50 10.33 -19.00
C GLY D 158 -6.69 11.83 -19.19
N ASN D 159 -5.64 12.61 -18.98
CA ASN D 159 -5.77 14.08 -19.11
C ASN D 159 -5.45 14.53 -20.51
N VAL D 160 -6.04 15.65 -20.89
CA VAL D 160 -5.61 16.41 -22.06
C VAL D 160 -4.46 17.32 -21.62
N ILE D 161 -3.57 17.62 -22.56
CA ILE D 161 -2.37 18.37 -22.24
C ILE D 161 -2.17 19.56 -23.16
N VAL D 162 -1.97 20.71 -22.52
CA VAL D 162 -1.32 21.85 -23.16
C VAL D 162 0.06 22.06 -22.52
N HIS D 163 1.08 22.13 -23.38
CA HIS D 163 2.48 22.08 -22.96
C HIS D 163 3.28 23.24 -23.56
N HIS D 164 3.98 23.99 -22.71
CA HIS D 164 4.95 24.99 -23.18
C HIS D 164 6.37 24.61 -22.77
N PRO D 165 7.27 24.47 -23.77
CA PRO D 165 8.66 24.16 -23.49
C PRO D 165 9.51 25.43 -23.45
N SER D 166 10.69 25.34 -22.85
CA SER D 166 11.62 26.46 -22.80
C SER D 166 12.10 26.85 -24.21
N SER D 167 12.00 28.14 -24.50
CA SER D 167 12.52 28.73 -25.76
C SER D 167 14.03 28.58 -25.93
N LYS D 168 14.73 28.39 -24.82
CA LYS D 168 16.18 28.23 -24.84
C LYS D 168 16.63 26.90 -25.44
N ALA D 169 15.78 25.87 -25.36
CA ALA D 169 16.09 24.56 -25.95
C ALA D 169 14.83 23.79 -26.40
N PRO D 170 14.04 24.38 -27.31
CA PRO D 170 12.74 23.78 -27.68
C PRO D 170 12.76 22.61 -28.65
N LEU D 171 13.84 22.42 -29.40
CA LEU D 171 13.78 21.55 -30.56
C LEU D 171 13.50 20.08 -30.23
N VAL D 172 14.03 19.59 -29.11
CA VAL D 172 13.79 18.20 -28.73
C VAL D 172 12.30 17.99 -28.42
N CYS D 173 11.68 19.01 -27.83
CA CYS D 173 10.27 18.96 -27.45
C CYS D 173 9.33 18.94 -28.65
N ILE D 174 9.74 19.61 -29.71
CA ILE D 174 9.04 19.60 -30.98
C ILE D 174 9.17 18.21 -31.62
N GLU D 175 10.33 17.59 -31.48
CA GLU D 175 10.49 16.20 -31.92
C GLU D 175 9.64 15.23 -31.09
N LEU D 176 9.56 15.48 -29.79
CA LEU D 176 8.69 14.68 -28.94
C LEU D 176 7.22 14.90 -29.30
N ALA D 177 6.82 16.16 -29.50
CA ALA D 177 5.46 16.45 -30.02
C ALA D 177 5.13 15.71 -31.33
N LYS D 178 6.11 15.57 -32.22
CA LYS D 178 5.92 14.77 -33.45
C LYS D 178 5.80 13.27 -33.16
N ILE D 179 6.55 12.79 -32.19
CA ILE D 179 6.48 11.38 -31.77
C ILE D 179 5.12 11.08 -31.16
N ILE D 180 4.66 11.97 -30.27
CA ILE D 180 3.37 11.84 -29.64
C ILE D 180 2.25 11.78 -30.69
N GLU D 181 2.35 12.66 -31.68
CA GLU D 181 1.40 12.79 -32.77
C GLU D 181 1.27 11.49 -33.55
N ASN D 182 2.41 10.89 -33.90
CA ASN D 182 2.45 9.57 -34.54
C ASN D 182 1.72 8.52 -33.71
N ALA D 183 1.98 8.52 -32.41
CA ALA D 183 1.42 7.54 -31.49
C ALA D 183 -0.09 7.65 -31.46
N LEU D 184 -0.56 8.88 -31.32
CA LEU D 184 -1.98 9.20 -31.32
C LEU D 184 -2.67 8.74 -32.60
N LYS D 185 -2.07 9.05 -33.74
CA LYS D 185 -2.65 8.64 -35.02
C LYS D 185 -2.69 7.11 -35.12
N LYS D 186 -1.57 6.47 -34.78
CA LYS D 186 -1.45 5.00 -34.84
C LYS D 186 -2.61 4.31 -34.13
N TYR D 187 -3.01 4.86 -32.98
CA TYR D 187 -4.06 4.26 -32.17
C TYR D 187 -5.37 5.06 -32.26
N ASN D 188 -5.53 5.79 -33.36
CA ASN D 188 -6.78 6.45 -33.70
C ASN D 188 -7.37 7.35 -32.60
N VAL D 189 -6.49 8.12 -31.95
CA VAL D 189 -6.88 9.09 -30.94
C VAL D 189 -6.65 10.50 -31.54
N PRO D 190 -7.67 11.40 -31.47
CA PRO D 190 -7.51 12.75 -32.05
C PRO D 190 -6.25 13.47 -31.54
N LEU D 191 -5.63 14.25 -32.40
CA LEU D 191 -4.33 14.87 -32.08
C LEU D 191 -4.44 16.00 -31.08
N GLY D 192 -5.65 16.51 -30.91
CA GLY D 192 -5.90 17.63 -30.01
C GLY D 192 -5.84 17.30 -28.53
N VAL D 193 -5.54 16.04 -28.19
CA VAL D 193 -5.38 15.69 -26.78
C VAL D 193 -4.01 16.10 -26.25
N TYR D 194 -3.09 16.37 -27.17
CA TYR D 194 -1.79 16.85 -26.80
C TYR D 194 -1.42 18.07 -27.64
N ASN D 195 -1.04 19.16 -26.96
CA ASN D 195 -0.76 20.43 -27.64
C ASN D 195 0.52 21.08 -27.14
N LEU D 196 1.45 21.32 -28.06
CA LEU D 196 2.70 21.99 -27.76
C LEU D 196 2.61 23.46 -28.18
N LEU D 197 2.80 24.35 -27.22
CA LEU D 197 2.63 25.78 -27.47
C LEU D 197 3.93 26.52 -27.28
N THR D 198 4.58 26.86 -28.39
CA THR D 198 5.85 27.55 -28.34
C THR D 198 5.66 29.06 -28.49
N GLY D 199 6.68 29.82 -28.12
CA GLY D 199 6.60 31.27 -28.07
C GLY D 199 7.12 31.75 -26.74
N ALA D 200 6.81 32.99 -26.39
CA ALA D 200 7.32 33.59 -25.15
C ALA D 200 6.63 33.01 -23.92
N GLY D 201 7.44 32.52 -22.97
CA GLY D 201 6.93 31.88 -21.77
C GLY D 201 6.00 32.73 -20.93
N GLU D 202 6.31 34.03 -20.85
CA GLU D 202 5.51 34.95 -20.04
C GLU D 202 4.20 35.36 -20.73
N VAL D 203 4.00 34.85 -21.95
CA VAL D 203 2.77 35.07 -22.68
C VAL D 203 2.03 33.73 -22.74
N VAL D 204 2.61 32.80 -23.50
CA VAL D 204 2.02 31.47 -23.75
C VAL D 204 1.91 30.65 -22.46
N GLY D 205 3.03 30.43 -21.78
CA GLY D 205 3.01 29.74 -20.49
C GLY D 205 2.09 30.43 -19.48
N ASP D 206 2.13 31.76 -19.46
CA ASP D 206 1.27 32.54 -18.57
C ASP D 206 -0.21 32.31 -18.82
N GLU D 207 -0.61 32.26 -20.09
CA GLU D 207 -1.97 31.90 -20.42
C GLU D 207 -2.34 30.52 -19.88
N ILE D 208 -1.45 29.55 -20.03
CA ILE D 208 -1.68 28.21 -19.50
C ILE D 208 -1.89 28.27 -17.97
N VAL D 209 -1.05 29.05 -17.30
CA VAL D 209 -1.15 29.28 -15.85
C VAL D 209 -2.49 29.91 -15.47
N VAL D 210 -2.93 30.83 -16.31
CA VAL D 210 -3.99 31.76 -15.99
C VAL D 210 -5.39 31.31 -16.46
N ASN D 211 -5.44 30.64 -17.61
CA ASN D 211 -6.71 30.18 -18.19
C ASN D 211 -7.52 29.34 -17.20
N GLU D 212 -8.80 29.65 -17.10
CA GLU D 212 -9.68 28.98 -16.14
C GLU D 212 -10.03 27.54 -16.58
N LYS D 213 -9.75 27.21 -17.84
CA LYS D 213 -10.02 25.88 -18.40
C LYS D 213 -8.96 24.83 -18.09
N VAL D 214 -7.75 25.30 -17.79
CA VAL D 214 -6.66 24.45 -17.35
C VAL D 214 -6.95 24.06 -15.91
N ASN D 215 -6.88 22.76 -15.60
CA ASN D 215 -7.28 22.26 -14.30
C ASN D 215 -6.12 22.08 -13.32
N MET D 216 -4.92 21.90 -13.88
CA MET D 216 -3.72 21.69 -13.08
CA MET D 216 -3.72 21.73 -13.07
C MET D 216 -2.50 22.26 -13.80
N ILE D 217 -1.60 22.87 -13.03
CA ILE D 217 -0.35 23.39 -13.52
C ILE D 217 0.77 22.57 -12.96
N SER D 218 1.58 22.03 -13.86
CA SER D 218 2.83 21.40 -13.50
C SER D 218 3.98 22.21 -14.10
N PHE D 219 4.73 22.89 -13.23
CA PHE D 219 5.81 23.78 -13.64
C PHE D 219 7.16 23.36 -13.08
N THR D 220 8.14 23.26 -13.97
CA THR D 220 9.53 23.12 -13.58
C THR D 220 10.34 24.24 -14.21
N GLY D 221 10.99 25.03 -13.36
CA GLY D 221 11.79 26.18 -13.81
C GLY D 221 12.25 27.05 -12.65
N SER D 222 12.42 28.34 -12.93
CA SER D 222 12.93 29.31 -11.96
C SER D 222 11.97 29.58 -10.80
N SER D 223 12.56 29.90 -9.65
CA SER D 223 11.83 30.25 -8.42
C SER D 223 11.07 31.55 -8.49
N LYS D 224 11.61 32.52 -9.25
CA LYS D 224 10.94 33.79 -9.45
C LYS D 224 9.57 33.57 -10.09
N VAL D 225 9.56 32.80 -11.18
CA VAL D 225 8.33 32.47 -11.92
C VAL D 225 7.42 31.52 -11.11
N GLY D 226 8.03 30.52 -10.47
CA GLY D 226 7.32 29.64 -9.54
C GLY D 226 6.45 30.40 -8.55
N GLU D 227 7.07 31.24 -7.72
CA GLU D 227 6.36 32.06 -6.74
C GLU D 227 5.24 32.90 -7.38
N LEU D 228 5.51 33.44 -8.57
CA LEU D 228 4.50 34.22 -9.31
C LEU D 228 3.31 33.36 -9.75
N ILE D 229 3.58 32.10 -10.09
CA ILE D 229 2.52 31.17 -10.46
C ILE D 229 1.55 30.89 -9.32
N THR D 230 2.06 30.77 -8.10
CA THR D 230 1.19 30.55 -6.91
C THR D 230 0.14 31.65 -6.70
N LYS D 231 0.44 32.85 -7.18
CA LYS D 231 -0.47 34.00 -7.06
C LYS D 231 -1.40 34.16 -8.26
N LYS D 232 -0.98 33.65 -9.42
CA LYS D 232 -1.74 33.81 -10.65
C LYS D 232 -2.61 32.60 -11.01
N ALA D 233 -2.20 31.41 -10.58
CA ALA D 233 -2.89 30.16 -10.93
C ALA D 233 -4.38 30.15 -10.57
N GLY D 234 -4.70 30.55 -9.34
CA GLY D 234 -6.09 30.54 -8.88
C GLY D 234 -6.57 29.14 -8.55
N PHE D 235 -7.79 28.82 -8.98
CA PHE D 235 -8.43 27.56 -8.60
C PHE D 235 -8.01 26.35 -9.44
N LYS D 236 -6.75 25.93 -9.30
CA LYS D 236 -6.19 24.77 -10.00
C LYS D 236 -5.30 24.06 -9.02
N LYS D 237 -5.08 22.75 -9.24
CA LYS D 237 -3.98 22.04 -8.58
C LYS D 237 -2.68 22.60 -9.10
N ILE D 238 -1.67 22.68 -8.25
CA ILE D 238 -0.37 23.29 -8.58
C ILE D 238 0.74 22.39 -8.13
N ALA D 239 1.62 22.05 -9.07
CA ALA D 239 2.85 21.34 -8.77
C ALA D 239 3.99 22.21 -9.28
N LEU D 240 4.97 22.42 -8.42
CA LEU D 240 6.13 23.24 -8.73
C LEU D 240 7.43 22.54 -8.42
N GLU D 241 8.35 22.58 -9.37
CA GLU D 241 9.71 22.15 -9.14
C GLU D 241 10.62 23.32 -9.48
N LEU D 242 11.09 23.94 -8.43
CA LEU D 242 11.87 25.16 -8.55
C LEU D 242 13.31 24.76 -8.25
N GLY D 243 14.22 25.71 -8.08
CA GLY D 243 15.62 25.31 -7.89
C GLY D 243 16.03 25.22 -6.44
N GLY D 244 17.30 25.49 -6.18
CA GLY D 244 17.85 25.50 -4.84
C GLY D 244 19.34 25.82 -4.88
N VAL D 245 19.90 26.16 -3.72
CA VAL D 245 21.35 26.21 -3.56
C VAL D 245 21.69 24.98 -2.72
N ASN D 246 21.89 23.88 -3.42
CA ASN D 246 21.97 22.57 -2.78
C ASN D 246 23.28 22.32 -2.00
N PRO D 247 23.15 22.19 -0.66
CA PRO D 247 24.33 22.06 0.20
C PRO D 247 24.84 20.63 0.23
N ASN D 248 26.12 20.47 -0.04
CA ASN D 248 26.79 19.18 0.00
C ASN D 248 27.82 19.17 1.12
N ILE D 249 27.66 18.25 2.05
CA ILE D 249 28.41 18.29 3.28
C ILE D 249 29.40 17.13 3.36
N VAL D 250 30.64 17.45 3.71
CA VAL D 250 31.71 16.47 3.83
C VAL D 250 32.25 16.50 5.26
N LEU D 251 31.90 15.46 6.02
CA LEU D 251 32.36 15.32 7.39
C LEU D 251 33.78 14.79 7.44
N LYS D 252 34.43 14.93 8.61
CA LYS D 252 35.84 14.56 8.76
C LYS D 252 36.15 13.07 8.54
N ASP D 253 35.16 12.20 8.75
CA ASP D 253 35.36 10.75 8.59
C ASP D 253 35.03 10.22 7.18
N ALA D 254 34.71 11.11 6.25
CA ALA D 254 34.30 10.74 4.90
C ALA D 254 35.42 10.04 4.14
N ASP D 255 35.03 9.22 3.17
CA ASP D 255 35.96 8.67 2.19
C ASP D 255 36.22 9.82 1.22
N LEU D 256 37.46 10.29 1.19
CA LEU D 256 37.78 11.50 0.44
C LEU D 256 37.76 11.36 -1.07
N ASN D 257 38.41 10.32 -1.59
CA ASN D 257 38.42 10.07 -3.03
C ASN D 257 37.02 9.94 -3.60
N LYS D 258 36.20 9.12 -2.92
CA LYS D 258 34.81 8.90 -3.32
C LYS D 258 33.96 10.16 -3.25
N ALA D 259 34.16 10.97 -2.22
CA ALA D 259 33.46 12.25 -2.07
C ALA D 259 33.84 13.23 -3.18
N VAL D 260 35.13 13.28 -3.51
CA VAL D 260 35.65 14.18 -4.55
C VAL D 260 35.07 13.83 -5.93
N ASN D 261 35.11 12.54 -6.26
CA ASN D 261 34.52 12.02 -7.51
C ASN D 261 33.02 12.32 -7.63
N ALA D 262 32.29 12.09 -6.54
CA ALA D 262 30.86 12.37 -6.47
C ALA D 262 30.55 13.87 -6.64
N LEU D 263 31.35 14.71 -6.00
CA LEU D 263 31.14 16.15 -6.02
C LEU D 263 31.63 16.83 -7.29
N ILE D 264 32.63 16.25 -7.95
CA ILE D 264 33.03 16.67 -9.28
C ILE D 264 31.83 16.59 -10.24
N LYS D 265 31.17 15.44 -10.24
CA LYS D 265 29.98 15.19 -11.06
C LYS D 265 28.83 16.11 -10.66
N GLY D 266 28.50 16.15 -9.38
CA GLY D 266 27.43 16.99 -8.86
C GLY D 266 27.60 18.46 -9.21
N SER D 267 28.85 18.92 -9.24
CA SER D 267 29.19 20.31 -9.56
C SER D 267 29.21 20.63 -11.06
N PHE D 268 29.67 19.68 -11.87
CA PHE D 268 30.03 20.04 -13.24
C PHE D 268 29.21 19.43 -14.37
N ILE D 269 28.50 18.34 -14.08
CA ILE D 269 27.53 17.76 -15.02
C ILE D 269 26.63 18.85 -15.58
N TYR D 270 26.51 18.88 -16.90
CA TYR D 270 25.78 19.92 -17.64
C TYR D 270 26.18 21.34 -17.21
N ALA D 271 27.45 21.52 -16.87
CA ALA D 271 28.00 22.84 -16.49
C ALA D 271 27.25 23.47 -15.32
N GLY D 272 26.78 22.63 -14.39
CA GLY D 272 26.07 23.10 -13.20
C GLY D 272 24.65 23.61 -13.44
N GLN D 273 24.13 23.40 -14.66
CA GLN D 273 22.83 23.96 -15.03
C GLN D 273 21.68 23.01 -14.68
N VAL D 274 21.75 22.43 -13.49
CA VAL D 274 20.73 21.50 -13.02
C VAL D 274 20.17 21.98 -11.67
N CYS D 275 18.85 21.87 -11.52
CA CYS D 275 18.19 22.33 -10.32
CA CYS D 275 18.14 22.29 -10.31
C CYS D 275 18.72 21.62 -9.06
N ILE D 276 19.29 20.42 -9.24
CA ILE D 276 19.91 19.67 -8.15
C ILE D 276 21.47 19.62 -8.17
N SER D 277 22.09 20.44 -9.02
CA SER D 277 23.55 20.69 -8.98
C SER D 277 24.01 21.11 -7.59
N VAL D 278 25.27 20.82 -7.28
CA VAL D 278 25.94 21.31 -6.08
C VAL D 278 25.95 22.82 -6.05
N GLY D 279 25.38 23.38 -4.99
CA GLY D 279 25.31 24.82 -4.77
C GLY D 279 26.37 25.33 -3.81
N MET D 280 26.65 24.54 -2.78
CA MET D 280 27.78 24.82 -1.89
C MET D 280 28.34 23.52 -1.34
N ILE D 281 29.65 23.50 -1.11
CA ILE D 281 30.28 22.39 -0.43
C ILE D 281 30.71 22.84 0.96
N LEU D 282 30.22 22.14 1.98
CA LEU D 282 30.63 22.43 3.35
C LEU D 282 31.56 21.31 3.80
N VAL D 283 32.80 21.65 4.15
CA VAL D 283 33.79 20.62 4.50
C VAL D 283 34.41 20.86 5.88
N ASP D 284 34.51 19.81 6.69
CA ASP D 284 35.08 19.92 8.03
C ASP D 284 36.47 20.55 8.03
N GLU D 285 36.78 21.32 9.07
CA GLU D 285 38.05 22.07 9.16
C GLU D 285 39.29 21.19 9.10
N SER D 286 39.24 20.03 9.76
CA SER D 286 40.40 19.12 9.86
C SER D 286 40.82 18.43 8.54
N ILE D 287 39.91 18.37 7.57
CA ILE D 287 40.19 17.73 6.28
C ILE D 287 40.06 18.67 5.07
N ALA D 288 39.80 19.95 5.37
CA ALA D 288 39.47 20.93 4.33
C ALA D 288 40.56 21.17 3.28
N ASP D 289 41.83 21.24 3.71
CA ASP D 289 42.93 21.47 2.78
C ASP D 289 43.17 20.29 1.86
N LYS D 290 43.17 19.08 2.43
CA LYS D 290 43.25 17.85 1.65
C LYS D 290 42.11 17.79 0.62
N PHE D 291 40.87 18.05 1.05
CA PHE D 291 39.72 18.00 0.13
C PHE D 291 39.84 18.99 -1.03
N ILE D 292 40.06 20.26 -0.69
CA ILE D 292 40.13 21.34 -1.68
C ILE D 292 41.26 21.12 -2.69
N GLU D 293 42.38 20.58 -2.23
CA GLU D 293 43.50 20.28 -3.13
C GLU D 293 43.05 19.25 -4.17
N MET D 294 42.63 18.07 -3.67
CA MET D 294 42.14 16.96 -4.49
C MET D 294 41.01 17.37 -5.44
N PHE D 295 40.06 18.14 -4.91
CA PHE D 295 38.87 18.60 -5.68
C PHE D 295 39.28 19.50 -6.84
N VAL D 296 40.02 20.57 -6.52
CA VAL D 296 40.56 21.50 -7.52
C VAL D 296 41.36 20.77 -8.62
N ASN D 297 42.21 19.84 -8.23
CA ASN D 297 43.05 19.08 -9.16
C ASN D 297 42.26 18.23 -10.15
N LYS D 298 41.18 17.61 -9.69
CA LYS D 298 40.30 16.82 -10.57
C LYS D 298 39.52 17.72 -11.54
N ALA D 299 39.10 18.88 -11.05
CA ALA D 299 38.38 19.86 -11.87
C ALA D 299 39.24 20.43 -13.01
N LYS D 300 40.51 20.73 -12.72
CA LYS D 300 41.50 21.23 -13.70
C LYS D 300 41.41 20.57 -15.08
N VAL D 301 41.49 19.24 -15.10
CA VAL D 301 41.70 18.45 -16.33
C VAL D 301 40.41 18.03 -17.05
N LEU D 302 39.29 18.69 -16.75
CA LEU D 302 38.04 18.45 -17.45
C LEU D 302 38.07 19.17 -18.79
N ASN D 303 37.64 18.48 -19.84
CA ASN D 303 37.62 19.06 -21.19
C ASN D 303 36.45 20.00 -21.42
N VAL D 304 36.77 21.27 -21.64
CA VAL D 304 35.78 22.30 -21.89
C VAL D 304 35.74 22.63 -23.39
N GLY D 305 34.55 22.59 -23.98
CA GLY D 305 34.41 22.85 -25.41
C GLY D 305 33.10 22.40 -26.03
N ASN D 306 33.20 21.88 -27.26
CA ASN D 306 32.03 21.54 -28.06
C ASN D 306 31.21 20.40 -27.49
N PRO D 307 29.93 20.65 -27.15
CA PRO D 307 29.05 19.60 -26.68
C PRO D 307 28.97 18.41 -27.65
N LEU D 308 29.16 18.68 -28.95
CA LEU D 308 29.16 17.63 -29.96
C LEU D 308 30.40 16.70 -29.95
N ASP D 309 31.42 17.07 -29.19
CA ASP D 309 32.65 16.27 -29.11
C ASP D 309 32.60 15.24 -27.99
N GLU D 310 32.77 13.97 -28.37
CA GLU D 310 32.80 12.83 -27.46
C GLU D 310 33.70 13.05 -26.25
N LYS D 311 34.68 13.94 -26.42
CA LYS D 311 35.70 14.18 -25.41
C LYS D 311 35.26 15.20 -24.35
N THR D 312 34.26 16.02 -24.69
CA THR D 312 33.86 17.18 -23.87
C THR D 312 33.19 16.78 -22.55
N ASP D 313 33.73 17.29 -21.44
CA ASP D 313 33.13 17.09 -20.11
C ASP D 313 32.20 18.27 -19.73
N VAL D 314 32.56 19.47 -20.17
CA VAL D 314 31.79 20.69 -19.87
C VAL D 314 31.57 21.53 -21.15
N GLY D 315 30.31 21.85 -21.42
CA GLY D 315 29.93 22.65 -22.58
C GLY D 315 29.48 24.04 -22.16
N PRO D 316 28.85 24.79 -23.08
CA PRO D 316 28.57 26.18 -22.73
C PRO D 316 27.37 26.29 -21.80
N LEU D 317 27.23 27.45 -21.18
CA LEU D 317 26.01 27.82 -20.49
C LEU D 317 24.97 28.15 -21.56
N ILE D 318 23.71 28.18 -21.15
CA ILE D 318 22.58 28.34 -22.08
C ILE D 318 22.53 29.66 -22.89
N SER D 319 23.12 30.73 -22.37
CA SER D 319 23.16 32.01 -23.08
C SER D 319 24.38 32.84 -22.67
N VAL D 320 24.81 33.73 -23.57
CA VAL D 320 25.84 34.72 -23.26
C VAL D 320 25.35 35.59 -22.08
N GLU D 321 24.12 36.09 -22.21
CA GLU D 321 23.49 36.95 -21.21
C GLU D 321 23.69 36.39 -19.80
N HIS D 322 23.33 35.12 -19.63
CA HIS D 322 23.44 34.45 -18.35
C HIS D 322 24.88 34.26 -17.88
N ALA D 323 25.77 33.89 -18.80
CA ALA D 323 27.19 33.76 -18.51
C ALA D 323 27.84 35.08 -18.04
N GLU D 324 27.54 36.19 -18.72
CA GLU D 324 28.04 37.52 -18.32
C GLU D 324 27.61 37.83 -16.89
N TRP D 325 26.33 37.56 -16.62
CA TRP D 325 25.73 37.70 -15.31
C TRP D 325 26.40 36.79 -14.27
N VAL D 326 26.78 35.59 -14.68
CA VAL D 326 27.53 34.69 -13.80
C VAL D 326 28.88 35.32 -13.44
N GLU D 327 29.61 35.77 -14.46
CA GLU D 327 30.88 36.46 -14.26
C GLU D 327 30.77 37.65 -13.28
N LYS D 328 29.62 38.31 -13.27
CA LYS D 328 29.37 39.39 -12.31
C LYS D 328 29.20 38.88 -10.88
N VAL D 329 28.53 37.73 -10.74
CA VAL D 329 28.37 37.13 -9.42
C VAL D 329 29.72 36.63 -8.86
N VAL D 330 30.62 36.20 -9.74
CA VAL D 330 31.92 35.76 -9.29
C VAL D 330 32.76 36.93 -8.76
N GLU D 331 32.85 38.01 -9.54
CA GLU D 331 33.61 39.21 -9.18
C GLU D 331 33.12 39.80 -7.85
N LYS D 332 31.79 39.81 -7.70
CA LYS D 332 31.16 40.28 -6.46
C LYS D 332 31.53 39.39 -5.29
N ALA D 333 31.63 38.08 -5.54
CA ALA D 333 31.98 37.11 -4.50
C ALA D 333 33.45 37.23 -4.10
N ILE D 334 34.30 37.51 -5.06
CA ILE D 334 35.72 37.81 -4.79
C ILE D 334 35.82 39.11 -4.00
N ASP D 335 35.02 40.10 -4.37
CA ASP D 335 35.03 41.39 -3.69
C ASP D 335 34.52 41.34 -2.25
N GLU D 336 33.85 40.26 -1.90
CA GLU D 336 33.40 40.04 -0.53
C GLU D 336 34.44 39.27 0.30
N GLY D 337 35.52 38.84 -0.36
CA GLY D 337 36.59 38.10 0.31
C GLY D 337 36.75 36.67 -0.16
N GLY D 338 35.97 36.28 -1.16
CA GLY D 338 36.08 34.95 -1.76
C GLY D 338 37.44 34.69 -2.36
N LYS D 339 38.05 33.58 -1.97
CA LYS D 339 39.35 33.15 -2.49
C LYS D 339 39.15 32.29 -3.75
N LEU D 340 39.62 32.79 -4.90
CA LEU D 340 39.52 32.06 -6.16
C LEU D 340 40.58 30.98 -6.24
N LEU D 341 40.16 29.75 -6.53
CA LEU D 341 41.09 28.63 -6.62
C LEU D 341 41.21 28.06 -8.03
N LEU D 342 40.18 28.22 -8.84
CA LEU D 342 40.23 27.77 -10.23
C LEU D 342 39.31 28.56 -11.16
N GLY D 343 39.70 28.62 -12.42
CA GLY D 343 38.88 29.16 -13.49
C GLY D 343 38.58 30.63 -13.33
N GLY D 344 37.31 30.97 -13.29
CA GLY D 344 36.85 32.35 -13.34
C GLY D 344 36.95 32.88 -14.77
N LYS D 345 37.43 32.01 -15.66
CA LYS D 345 37.61 32.32 -17.08
C LYS D 345 36.32 32.06 -17.86
N ARG D 346 36.14 32.81 -18.95
CA ARG D 346 34.96 32.72 -19.80
C ARG D 346 35.26 33.15 -21.24
N ASP D 347 34.97 32.27 -22.20
CA ASP D 347 34.88 32.67 -23.61
C ASP D 347 33.44 32.60 -24.06
N LYS D 348 32.89 33.74 -24.49
CA LYS D 348 31.47 33.89 -24.82
C LYS D 348 30.57 33.10 -23.86
N ALA D 349 29.71 32.22 -24.39
CA ALA D 349 28.79 31.47 -23.53
C ALA D 349 29.49 30.36 -22.76
N LEU D 350 30.71 30.02 -23.17
CA LEU D 350 31.44 28.90 -22.61
C LEU D 350 32.14 29.30 -21.30
N PHE D 351 31.62 28.78 -20.18
CA PHE D 351 32.12 29.16 -18.84
C PHE D 351 32.96 28.03 -18.22
N TYR D 352 34.21 28.34 -17.92
CA TYR D 352 35.15 27.38 -17.35
C TYR D 352 34.86 27.07 -15.88
N PRO D 353 35.05 25.79 -15.47
CA PRO D 353 34.95 25.37 -14.07
C PRO D 353 35.62 26.35 -13.11
N THR D 354 34.86 26.82 -12.14
CA THR D 354 35.31 27.88 -11.23
C THR D 354 35.05 27.49 -9.78
N ILE D 355 36.12 27.41 -8.99
CA ILE D 355 35.97 27.04 -7.60
C ILE D 355 36.48 28.17 -6.71
N LEU D 356 35.78 28.41 -5.59
CA LEU D 356 36.15 29.43 -4.62
C LEU D 356 35.98 28.94 -3.18
N GLU D 357 36.84 29.41 -2.28
CA GLU D 357 36.60 29.26 -0.85
C GLU D 357 36.00 30.54 -0.28
N VAL D 358 34.87 30.42 0.42
CA VAL D 358 34.15 31.57 0.95
C VAL D 358 33.70 31.33 2.41
N ASP D 359 33.17 32.37 3.04
CA ASP D 359 32.50 32.22 4.32
C ASP D 359 30.99 32.08 4.11
N ARG D 360 30.26 31.75 5.19
CA ARG D 360 28.82 31.52 5.13
C ARG D 360 27.97 32.71 4.63
N ASP D 361 28.58 33.89 4.59
CA ASP D 361 27.88 35.15 4.26
C ASP D 361 27.97 35.51 2.78
N ASN D 362 28.86 34.83 2.05
CA ASN D 362 29.11 35.14 0.64
C ASN D 362 27.85 35.05 -0.20
N ILE D 363 27.75 35.90 -1.22
CA ILE D 363 26.59 35.93 -2.11
C ILE D 363 26.28 34.54 -2.70
N LEU D 364 27.32 33.74 -2.91
CA LEU D 364 27.18 32.43 -3.57
C LEU D 364 26.40 31.43 -2.73
N CYS D 365 26.41 31.60 -1.40
CA CYS D 365 25.65 30.74 -0.50
C CYS D 365 24.14 30.96 -0.62
N LYS D 366 23.76 32.08 -1.22
CA LYS D 366 22.35 32.46 -1.34
C LYS D 366 21.87 32.61 -2.80
N THR D 367 22.74 32.27 -3.75
CA THR D 367 22.40 32.43 -5.16
C THR D 367 22.54 31.13 -5.94
N GLU D 368 21.48 30.74 -6.62
CA GLU D 368 21.50 29.60 -7.51
C GLU D 368 22.05 30.11 -8.83
N THR D 369 23.32 29.79 -9.09
CA THR D 369 23.99 30.38 -10.26
C THR D 369 23.64 29.71 -11.56
N PHE D 370 23.36 28.39 -11.52
CA PHE D 370 23.10 27.59 -12.73
C PHE D 370 24.31 27.75 -13.66
N ALA D 371 25.47 27.38 -13.14
CA ALA D 371 26.75 27.65 -13.77
C ALA D 371 27.76 26.78 -13.04
N PRO D 372 28.94 26.55 -13.64
CA PRO D 372 29.90 25.67 -12.97
C PRO D 372 30.74 26.43 -11.94
N VAL D 373 30.06 26.95 -10.93
CA VAL D 373 30.67 27.78 -9.90
C VAL D 373 30.43 27.19 -8.52
N ILE D 374 31.51 26.80 -7.86
CA ILE D 374 31.37 26.05 -6.61
C ILE D 374 32.04 26.78 -5.44
N PRO D 375 31.22 27.29 -4.51
CA PRO D 375 31.73 27.85 -3.26
C PRO D 375 31.97 26.74 -2.23
N ILE D 376 33.14 26.79 -1.59
CA ILE D 376 33.55 25.81 -0.58
C ILE D 376 33.76 26.50 0.74
N ILE D 377 33.14 25.96 1.78
CA ILE D 377 33.24 26.56 3.09
C ILE D 377 33.76 25.55 4.09
N ARG D 378 34.82 25.93 4.79
CA ARG D 378 35.32 25.12 5.90
C ARG D 378 34.62 25.54 7.17
N THR D 379 34.37 24.59 8.06
CA THR D 379 33.63 24.84 9.30
C THR D 379 33.65 23.63 10.25
N ASN D 380 33.17 23.84 11.49
CA ASN D 380 32.95 22.75 12.44
C ASN D 380 31.63 22.03 12.16
N GLU D 381 31.53 20.80 12.68
CA GLU D 381 30.36 19.96 12.52
C GLU D 381 29.08 20.65 13.01
N GLU D 382 29.15 21.26 14.20
CA GLU D 382 28.02 21.89 14.88
C GLU D 382 27.38 23.06 14.13
N GLU D 383 28.03 23.50 13.07
CA GLU D 383 27.62 24.67 12.30
C GLU D 383 27.11 24.29 10.89
N MET D 384 27.32 23.04 10.50
CA MET D 384 26.93 22.56 9.16
C MET D 384 25.43 22.56 8.87
N ILE D 385 24.65 22.08 9.83
CA ILE D 385 23.20 21.99 9.66
C ILE D 385 22.58 23.39 9.58
N ASP D 386 23.06 24.31 10.42
CA ASP D 386 22.58 25.69 10.42
C ASP D 386 22.82 26.37 9.08
N ILE D 387 24.02 26.19 8.53
CA ILE D 387 24.38 26.80 7.26
C ILE D 387 23.53 26.21 6.14
N ALA D 388 23.48 24.88 6.10
CA ALA D 388 22.70 24.17 5.09
C ALA D 388 21.24 24.61 5.09
N ASN D 389 20.67 24.76 6.29
CA ASN D 389 19.26 25.14 6.46
C ASN D 389 18.99 26.65 6.37
N SER D 390 20.05 27.45 6.29
CA SER D 390 19.94 28.89 6.41
C SER D 390 19.30 29.58 5.20
N THR D 391 19.03 28.83 4.13
CA THR D 391 18.50 29.44 2.90
C THR D 391 16.97 29.42 2.82
N GLU D 392 16.43 29.99 1.75
CA GLU D 392 14.99 29.98 1.51
C GLU D 392 14.52 28.69 0.85
N TYR D 393 15.48 27.89 0.36
CA TYR D 393 15.21 26.75 -0.48
C TYR D 393 15.32 25.44 0.29
N GLY D 394 14.90 24.34 -0.34
CA GLY D 394 14.88 23.05 0.31
C GLY D 394 14.71 21.91 -0.66
N LEU D 395 15.43 21.96 -1.78
CA LEU D 395 15.37 20.92 -2.80
C LEU D 395 16.17 19.69 -2.36
N HIS D 396 17.47 19.65 -2.69
CA HIS D 396 18.34 18.51 -2.34
C HIS D 396 19.53 18.91 -1.49
N SER D 397 19.96 17.99 -0.64
CA SER D 397 21.18 18.13 0.13
C SER D 397 21.91 16.80 0.13
N ALA D 398 23.17 16.80 0.55
CA ALA D 398 23.94 15.58 0.58
C ALA D 398 24.95 15.60 1.71
N ILE D 399 25.18 14.44 2.29
CA ILE D 399 26.12 14.30 3.40
C ILE D 399 27.06 13.12 3.12
N PHE D 400 28.36 13.35 3.34
CA PHE D 400 29.37 12.31 3.16
C PHE D 400 29.96 11.94 4.51
N THR D 401 29.67 10.71 4.94
CA THR D 401 30.18 10.18 6.20
C THR D 401 30.02 8.65 6.25
N ASN D 402 30.76 8.00 7.15
CA ASN D 402 30.65 6.57 7.45
CA ASN D 402 30.57 6.58 7.42
C ASN D 402 29.97 6.37 8.82
N ASP D 403 29.69 7.49 9.50
CA ASP D 403 29.12 7.48 10.86
C ASP D 403 27.60 7.29 10.80
N ILE D 404 27.10 6.19 11.37
CA ILE D 404 25.66 5.92 11.37
C ILE D 404 24.90 7.04 12.12
N ASN D 405 25.31 7.29 13.36
CA ASN D 405 24.61 8.24 14.22
C ASN D 405 24.56 9.66 13.68
N LYS D 406 25.65 10.08 13.04
CA LYS D 406 25.71 11.40 12.41
C LYS D 406 24.85 11.48 11.13
N SER D 407 24.87 10.41 10.33
CA SER D 407 24.10 10.40 9.09
C SER D 407 22.61 10.52 9.39
N LEU D 408 22.17 9.84 10.46
CA LEU D 408 20.77 9.84 10.85
C LEU D 408 20.32 11.20 11.33
N LYS D 409 21.14 11.84 12.16
CA LYS D 409 20.88 13.18 12.68
C LYS D 409 20.78 14.22 11.54
N PHE D 410 21.74 14.18 10.62
CA PHE D 410 21.73 15.08 9.46
C PHE D 410 20.51 14.83 8.57
N ALA D 411 20.25 13.55 8.26
CA ALA D 411 19.11 13.18 7.41
C ALA D 411 17.80 13.66 8.00
N GLU D 412 17.67 13.60 9.32
CA GLU D 412 16.45 14.06 9.97
C GLU D 412 16.34 15.57 10.05
N ASN D 413 17.48 16.26 10.15
CA ASN D 413 17.47 17.69 10.42
C ASN D 413 17.73 18.61 9.23
N LEU D 414 18.23 18.04 8.13
CA LEU D 414 18.36 18.80 6.90
C LEU D 414 16.99 19.06 6.32
N GLU D 415 16.65 20.33 6.13
CA GLU D 415 15.30 20.75 5.71
C GLU D 415 15.13 20.72 4.18
N PHE D 416 15.03 19.50 3.63
CA PHE D 416 15.08 19.27 2.18
C PHE D 416 14.17 18.17 1.71
N GLY D 417 13.75 18.26 0.45
CA GLY D 417 12.91 17.21 -0.16
C GLY D 417 13.71 15.93 -0.33
N GLY D 418 15.03 16.06 -0.41
CA GLY D 418 15.92 14.94 -0.64
C GLY D 418 17.22 15.10 0.13
N VAL D 419 17.63 14.02 0.78
CA VAL D 419 18.93 13.95 1.44
C VAL D 419 19.70 12.77 0.88
N VAL D 420 20.87 13.06 0.30
CA VAL D 420 21.71 12.02 -0.29
C VAL D 420 22.93 11.72 0.59
N ILE D 421 23.16 10.43 0.86
CA ILE D 421 24.25 10.03 1.71
C ILE D 421 25.34 9.30 0.88
N ASN D 422 26.54 9.90 0.89
CA ASN D 422 27.69 9.39 0.18
C ASN D 422 27.59 9.42 -1.35
N ASP D 423 26.77 10.35 -1.83
CA ASP D 423 26.77 10.79 -3.20
C ASP D 423 26.29 12.26 -3.15
N SER D 424 26.50 13.01 -4.22
CA SER D 424 26.19 14.43 -4.22
C SER D 424 24.70 14.68 -4.36
N SER D 425 24.30 15.95 -4.22
CA SER D 425 22.92 16.38 -4.36
C SER D 425 22.30 16.03 -5.72
N LEU D 426 23.14 15.92 -6.74
CA LEU D 426 22.64 15.75 -8.09
C LEU D 426 22.09 14.35 -8.42
N PHE D 427 21.88 13.52 -7.40
CA PHE D 427 21.32 12.20 -7.67
C PHE D 427 19.79 12.22 -7.79
N ARG D 428 19.29 11.58 -8.83
CA ARG D 428 17.86 11.30 -8.95
C ARG D 428 17.63 10.00 -9.69
N GLN D 429 17.10 9.01 -8.98
CA GLN D 429 16.58 7.82 -9.62
C GLN D 429 15.17 8.14 -10.09
N ASP D 430 14.90 7.93 -11.36
CA ASP D 430 13.64 8.38 -11.95
C ASP D 430 12.37 7.88 -11.25
N ASN D 431 12.40 6.67 -10.71
CA ASN D 431 11.22 6.08 -10.04
C ASN D 431 11.07 6.48 -8.56
N MET D 432 11.94 7.36 -8.08
CA MET D 432 11.82 7.83 -6.70
C MET D 432 10.90 9.07 -6.63
N PRO D 433 10.21 9.27 -5.49
CA PRO D 433 9.47 10.54 -5.42
C PRO D 433 10.44 11.71 -5.32
N PHE D 434 10.12 12.81 -5.97
CA PHE D 434 11.13 13.83 -6.17
C PHE D 434 10.56 15.22 -6.11
N GLY D 435 11.17 16.09 -5.30
CA GLY D 435 10.71 17.48 -5.19
C GLY D 435 11.27 18.20 -3.98
N GLY D 436 10.89 19.46 -3.82
CA GLY D 436 11.46 20.30 -2.79
C GLY D 436 10.49 20.73 -1.70
N VAL D 437 11.02 21.37 -0.66
CA VAL D 437 10.23 22.02 0.38
C VAL D 437 10.65 23.49 0.41
N LYS D 438 10.06 24.25 1.32
CA LYS D 438 10.26 25.69 1.37
C LYS D 438 9.99 26.26 -0.04
N LYS D 439 10.82 27.18 -0.49
CA LYS D 439 10.58 27.84 -1.78
C LYS D 439 10.91 26.96 -3.00
N SER D 440 11.36 25.73 -2.76
CA SER D 440 11.81 24.84 -3.84
C SER D 440 10.71 24.07 -4.55
N GLY D 441 9.49 24.11 -4.01
CA GLY D 441 8.35 23.61 -4.76
C GLY D 441 7.19 23.01 -4.01
N LEU D 442 6.28 22.42 -4.77
CA LEU D 442 5.10 21.81 -4.22
C LEU D 442 4.84 20.53 -4.97
N GLY D 443 4.50 19.48 -4.23
CA GLY D 443 4.24 18.19 -4.82
C GLY D 443 5.46 17.43 -5.31
N ARG D 444 5.25 16.19 -5.70
CA ARG D 444 6.34 15.32 -6.07
C ARG D 444 6.19 14.80 -7.49
N GLU D 445 7.32 14.65 -8.19
CA GLU D 445 7.28 14.00 -9.49
C GLU D 445 7.92 12.62 -9.40
N GLY D 446 8.13 11.98 -10.54
CA GLY D 446 8.30 10.53 -10.60
C GLY D 446 6.91 10.03 -10.97
N VAL D 447 6.85 9.18 -11.98
CA VAL D 447 5.59 8.89 -12.68
C VAL D 447 4.41 8.56 -11.75
N LYS D 448 4.68 7.68 -10.78
CA LYS D 448 3.65 7.18 -9.89
C LYS D 448 3.12 8.31 -9.05
N TYR D 449 4.02 9.16 -8.58
CA TYR D 449 3.66 10.28 -7.69
C TYR D 449 2.97 11.40 -8.46
N ALA D 450 3.41 11.64 -9.69
CA ALA D 450 2.78 12.67 -10.53
C ALA D 450 1.35 12.24 -10.92
N MET D 451 1.17 10.94 -11.17
CA MET D 451 -0.15 10.40 -11.55
C MET D 451 -1.18 10.73 -10.49
N GLU D 452 -0.77 10.63 -9.22
CA GLU D 452 -1.68 10.93 -8.11
CA GLU D 452 -1.63 10.93 -8.07
C GLU D 452 -1.99 12.41 -7.99
N GLU D 453 -1.05 13.28 -8.36
CA GLU D 453 -1.31 14.72 -8.46
C GLU D 453 -2.22 15.02 -9.65
N MET D 454 -2.08 14.26 -10.75
CA MET D 454 -2.77 14.60 -12.01
C MET D 454 -4.11 13.88 -12.12
N SER D 455 -4.52 13.26 -11.02
CA SER D 455 -5.84 12.67 -10.94
C SER D 455 -6.56 13.16 -9.69
N ASN D 456 -7.89 13.15 -9.70
CA ASN D 456 -8.70 13.37 -8.50
C ASN D 456 -9.32 12.06 -8.04
N ILE D 457 -9.39 11.85 -6.72
CA ILE D 457 -10.11 10.71 -6.13
C ILE D 457 -11.62 10.85 -6.20
N LYS D 458 -12.30 9.76 -6.57
CA LYS D 458 -13.72 9.62 -6.41
C LYS D 458 -13.97 8.51 -5.40
N THR D 459 -14.78 8.81 -4.39
CA THR D 459 -15.16 7.81 -3.42
C THR D 459 -16.53 7.31 -3.78
N ILE D 460 -16.62 6.00 -4.02
CA ILE D 460 -17.89 5.37 -4.36
C ILE D 460 -18.37 4.54 -3.18
N ILE D 461 -19.63 4.75 -2.78
CA ILE D 461 -20.21 4.06 -1.64
C ILE D 461 -21.49 3.31 -2.05
N ILE D 462 -21.47 1.97 -1.97
CA ILE D 462 -22.68 1.18 -2.27
C ILE D 462 -23.33 0.74 -0.98
N SER D 463 -24.57 1.12 -0.76
CA SER D 463 -25.26 0.70 0.46
C SER D 463 -25.78 -0.70 0.22
N LYS D 464 -25.43 -1.63 1.12
CA LYS D 464 -25.80 -3.04 0.97
C LYS D 464 -27.21 -3.30 1.50
PA NAP E . 6.71 -27.15 23.13
O1A NAP E . 6.74 -28.45 23.83
O2A NAP E . 6.93 -27.27 21.68
O5B NAP E . 5.34 -26.39 23.50
C5B NAP E . 4.68 -25.46 22.63
C4B NAP E . 3.18 -25.75 22.63
O4B NAP E . 2.97 -26.91 21.83
C3B NAP E . 2.60 -26.09 24.02
O3B NAP E . 1.31 -25.56 24.18
C2B NAP E . 2.51 -27.59 23.98
O2B NAP E . 1.51 -28.08 24.83
C1B NAP E . 2.21 -27.86 22.52
N9A NAP E . 2.62 -29.20 22.08
C8A NAP E . 3.56 -30.02 22.63
N7A NAP E . 3.61 -31.15 21.87
C5A NAP E . 2.71 -31.03 20.85
C6A NAP E . 2.34 -31.89 19.82
N6A NAP E . 2.91 -33.08 19.65
N1A NAP E . 1.37 -31.46 18.93
C2A NAP E . 0.75 -30.22 19.05
N3A NAP E . 1.12 -29.41 20.10
C4A NAP E . 2.07 -29.81 20.98
O3 NAP E . 7.85 -26.22 23.72
PN NAP E . 8.28 -26.00 25.25
O1N NAP E . 9.89 -25.94 25.09
O2N NAP E . 7.73 -24.66 25.57
O5D NAP E . 7.99 -27.20 26.07
P2B NAP E . 1.96 -28.73 26.21
O1X NAP E . 0.71 -29.14 26.97
O2X NAP E . 2.75 -27.73 27.01
O3X NAP E . 2.81 -29.96 25.97
PA NAP F . -1.43 -33.74 -12.50
O1A NAP F . -1.51 -35.22 -12.67
O2A NAP F . -1.65 -33.35 -11.08
O5B NAP F . -0.04 -33.17 -13.01
C5B NAP F . 0.40 -31.84 -12.79
C4B NAP F . 1.92 -31.86 -12.68
O4B NAP F . 2.29 -32.60 -11.53
C3B NAP F . 2.58 -32.57 -13.87
O3B NAP F . 3.78 -31.92 -14.19
C2B NAP F . 2.88 -33.97 -13.34
O2B NAP F . 3.99 -34.56 -13.94
C1B NAP F . 3.17 -33.66 -11.88
N9A NAP F . 2.98 -34.82 -10.99
C8A NAP F . 2.22 -35.94 -11.20
N7A NAP F . 2.35 -36.73 -10.11
C5A NAP F . 3.18 -36.15 -9.22
C6A NAP F . 3.64 -36.52 -7.96
N6A NAP F . 3.28 -37.68 -7.41
N1A NAP F . 4.51 -35.70 -7.26
C2A NAP F . 4.91 -34.50 -7.82
N3A NAP F . 4.44 -34.14 -9.08
C4A NAP F . 3.59 -34.94 -9.76
O3 NAP F . -2.55 -33.06 -13.41
PN NAP F . -2.91 -33.24 -14.98
O1N NAP F . -4.53 -33.29 -15.01
O2N NAP F . -2.36 -31.96 -15.56
O5D NAP F . -2.56 -34.61 -15.41
P2B NAP F . 3.80 -35.68 -15.09
O1X NAP F . 5.16 -35.99 -15.66
O2X NAP F . 2.94 -35.13 -16.19
O3X NAP F . 3.20 -36.89 -14.44
PA NAP G . -17.90 31.09 5.67
O1A NAP G . -18.45 32.46 5.75
O2A NAP G . -17.07 30.85 4.47
O5B NAP G . -17.07 30.76 7.00
C5B NAP G . -16.26 29.61 7.15
C4B NAP G . -15.08 29.97 8.04
O4B NAP G . -14.22 30.86 7.36
C3B NAP G . -15.48 30.67 9.34
O3B NAP G . -14.57 30.29 10.34
C2B NAP G . -15.27 32.13 8.98
O2B NAP G . -15.06 32.92 10.12
C1B NAP G . -14.05 32.06 8.08
N9A NAP G . -13.93 33.20 7.15
C8A NAP G . -14.94 34.01 6.68
N7A NAP G . -14.41 34.93 5.85
C5A NAP G . -13.08 34.71 5.76
C6A NAP G . -12.07 35.35 5.06
N6A NAP G . -12.36 36.38 4.27
N1A NAP G . -10.78 34.90 5.16
C2A NAP G . -10.49 33.81 5.97
N3A NAP G . -11.48 33.19 6.68
C4A NAP G . -12.77 33.62 6.58
O3 NAP G . -19.11 30.06 5.67
PN NAP G . -20.29 29.91 6.74
O1N NAP G . -21.64 29.85 5.85
O2N NAP G . -19.99 28.59 7.36
O5D NAP G . -20.40 31.18 7.53
P2B NAP G . -16.27 33.78 10.78
O1X NAP G . -15.73 34.32 12.07
O2X NAP G . -17.47 32.92 11.01
O3X NAP G . -16.60 34.88 9.83
PA NAP H . 12.18 30.10 -16.39
O1A NAP H . 12.25 31.45 -16.99
O2A NAP H . 11.30 30.08 -15.20
O5B NAP H . 11.68 29.03 -17.49
C5B NAP H . 10.97 27.86 -17.16
C4B NAP H . 9.74 27.70 -18.05
O4B NAP H . 8.74 28.65 -17.70
C3B NAP H . 10.01 27.93 -19.53
O3B NAP H . 9.19 27.04 -20.28
C2B NAP H . 9.58 29.37 -19.73
O2B NAP H . 9.24 29.62 -21.06
C1B NAP H . 8.39 29.48 -18.79
N9A NAP H . 8.03 30.83 -18.29
C8A NAP H . 8.82 31.94 -18.17
N7A NAP H . 8.09 32.94 -17.62
C5A NAP H . 6.83 32.49 -17.38
C6A NAP H . 5.69 33.09 -16.83
N6A NAP H . 5.68 34.36 -16.43
N1A NAP H . 4.53 32.34 -16.71
C2A NAP H . 4.51 31.02 -17.11
N3A NAP H . 5.65 30.44 -17.64
C4A NAP H . 6.79 31.16 -17.78
O3 NAP H . 13.67 29.65 -15.95
PN NAP H . 14.93 29.03 -16.76
O1N NAP H . 16.20 29.57 -15.91
O2N NAP H . 14.78 27.54 -16.67
O5D NAP H . 15.02 29.72 -18.08
P2B NAP H . 10.24 30.45 -22.01
O1X NAP H . 9.67 30.37 -23.39
O2X NAP H . 11.64 29.91 -21.98
O3X NAP H . 10.24 31.89 -21.55
#